data_1QRA
# 
_entry.id   1QRA 
# 
_audit_conform.dict_name       mmcif_pdbx.dic 
_audit_conform.dict_version    5.376 
_audit_conform.dict_location   http://mmcif.pdb.org/dictionaries/ascii/mmcif_pdbx.dic 
# 
loop_
_database_2.database_id 
_database_2.database_code 
_database_2.pdbx_database_accession 
_database_2.pdbx_DOI 
PDB   1QRA         pdb_00001qra 10.2210/pdb1qra/pdb 
RCSB  RCSB009173   ?            ?                   
WWPDB D_1000009173 ?            ?                   
# 
_pdbx_database_status.status_code                     REL 
_pdbx_database_status.entry_id                        1QRA 
_pdbx_database_status.recvd_initial_deposition_date   1999-06-12 
_pdbx_database_status.deposit_site                    RCSB 
_pdbx_database_status.process_site                    RCSB 
_pdbx_database_status.status_code_sf                  REL 
_pdbx_database_status.SG_entry                        . 
_pdbx_database_status.pdb_format_compatible           Y 
_pdbx_database_status.status_code_mr                  ? 
_pdbx_database_status.status_code_cs                  ? 
_pdbx_database_status.methods_development_category    ? 
_pdbx_database_status.status_code_nmr_data            ? 
# 
loop_
_audit_author.name 
_audit_author.pdbx_ordinal 
'Scheidig, A.'  1 
'Burmester, C.' 2 
'Goody, R.S.'   3 
# 
_citation.id                        primary 
_citation.title                     
;The pre-hydrolysis state of p21(ras) in complex with GTP: new insights into the role of water molecules in the GTP hydrolysis reaction of ras-like proteins.
;
_citation.journal_abbrev            'Structure Fold.Des.' 
_citation.journal_volume            7 
_citation.page_first                1311 
_citation.page_last                 1324 
_citation.year                      1999 
_citation.journal_id_ASTM           FODEFH 
_citation.country                   UK 
_citation.journal_id_ISSN           0969-2126 
_citation.journal_id_CSD            1263 
_citation.book_publisher            ? 
_citation.pdbx_database_id_PubMed   10574788 
_citation.pdbx_database_id_DOI      '10.1016/S0969-2126(00)80021-0' 
# 
loop_
_citation_author.citation_id 
_citation_author.name 
_citation_author.ordinal 
_citation_author.identifier_ORCID 
primary 'Scheidig, A.J.' 1 ? 
primary 'Burmester, C.'  2 ? 
primary 'Goody, R.S.'    3 ? 
# 
_cell.entry_id           1QRA 
_cell.length_a           39.567 
_cell.length_b           39.567 
_cell.length_c           159.255 
_cell.angle_alpha        90.00 
_cell.angle_beta         90.00 
_cell.angle_gamma        120.00 
_cell.Z_PDB              6 
_cell.pdbx_unique_axis   ? 
# 
_symmetry.entry_id                         1QRA 
_symmetry.space_group_name_H-M             'P 32 2 1' 
_symmetry.pdbx_full_space_group_name_H-M   ? 
_symmetry.cell_setting                     ? 
_symmetry.Int_Tables_number                154 
# 
loop_
_entity.id 
_entity.type 
_entity.src_method 
_entity.pdbx_description 
_entity.formula_weight 
_entity.pdbx_number_of_molecules 
_entity.pdbx_ec 
_entity.pdbx_mutation 
_entity.pdbx_fragment 
_entity.details 
1 polymer     man 'TRANSFORMING PROTEIN P21/H-RAS-1' 18875.191 1   ? ? 'RESIDUES 1 - 166' ? 
2 non-polymer syn 'MAGNESIUM ION'                    24.305    1   ? ? ?                  ? 
3 non-polymer syn "GUANOSINE-5'-TRIPHOSPHATE"        523.180   1   ? ? ?                  ? 
4 water       nat water                              18.015    223 ? ? ?                  ? 
# 
_entity_poly.entity_id                      1 
_entity_poly.type                           'polypeptide(L)' 
_entity_poly.nstd_linkage                   no 
_entity_poly.nstd_monomer                   no 
_entity_poly.pdbx_seq_one_letter_code       
;MTEYKLVVVGAGGVGKSALTIQLIQNHFVDEYDPTIEDSYRKQVVIDGETCLLDILDTAGQEEYSAMRDQYMRTGEGFLC
VFAINNTKSFEDIHQYREQIKRVKDSDDVPMVLVGNKCDLAARTVESRQAQDLARSYGIPYIETSAKTRQGVEDAFYTLV
REIRQH
;
_entity_poly.pdbx_seq_one_letter_code_can   
;MTEYKLVVVGAGGVGKSALTIQLIQNHFVDEYDPTIEDSYRKQVVIDGETCLLDILDTAGQEEYSAMRDQYMRTGEGFLC
VFAINNTKSFEDIHQYREQIKRVKDSDDVPMVLVGNKCDLAARTVESRQAQDLARSYGIPYIETSAKTRQGVEDAFYTLV
REIRQH
;
_entity_poly.pdbx_strand_id                 A 
_entity_poly.pdbx_target_identifier         ? 
# 
loop_
_entity_poly_seq.entity_id 
_entity_poly_seq.num 
_entity_poly_seq.mon_id 
_entity_poly_seq.hetero 
1 1   MET n 
1 2   THR n 
1 3   GLU n 
1 4   TYR n 
1 5   LYS n 
1 6   LEU n 
1 7   VAL n 
1 8   VAL n 
1 9   VAL n 
1 10  GLY n 
1 11  ALA n 
1 12  GLY n 
1 13  GLY n 
1 14  VAL n 
1 15  GLY n 
1 16  LYS n 
1 17  SER n 
1 18  ALA n 
1 19  LEU n 
1 20  THR n 
1 21  ILE n 
1 22  GLN n 
1 23  LEU n 
1 24  ILE n 
1 25  GLN n 
1 26  ASN n 
1 27  HIS n 
1 28  PHE n 
1 29  VAL n 
1 30  ASP n 
1 31  GLU n 
1 32  TYR n 
1 33  ASP n 
1 34  PRO n 
1 35  THR n 
1 36  ILE n 
1 37  GLU n 
1 38  ASP n 
1 39  SER n 
1 40  TYR n 
1 41  ARG n 
1 42  LYS n 
1 43  GLN n 
1 44  VAL n 
1 45  VAL n 
1 46  ILE n 
1 47  ASP n 
1 48  GLY n 
1 49  GLU n 
1 50  THR n 
1 51  CYS n 
1 52  LEU n 
1 53  LEU n 
1 54  ASP n 
1 55  ILE n 
1 56  LEU n 
1 57  ASP n 
1 58  THR n 
1 59  ALA n 
1 60  GLY n 
1 61  GLN n 
1 62  GLU n 
1 63  GLU n 
1 64  TYR n 
1 65  SER n 
1 66  ALA n 
1 67  MET n 
1 68  ARG n 
1 69  ASP n 
1 70  GLN n 
1 71  TYR n 
1 72  MET n 
1 73  ARG n 
1 74  THR n 
1 75  GLY n 
1 76  GLU n 
1 77  GLY n 
1 78  PHE n 
1 79  LEU n 
1 80  CYS n 
1 81  VAL n 
1 82  PHE n 
1 83  ALA n 
1 84  ILE n 
1 85  ASN n 
1 86  ASN n 
1 87  THR n 
1 88  LYS n 
1 89  SER n 
1 90  PHE n 
1 91  GLU n 
1 92  ASP n 
1 93  ILE n 
1 94  HIS n 
1 95  GLN n 
1 96  TYR n 
1 97  ARG n 
1 98  GLU n 
1 99  GLN n 
1 100 ILE n 
1 101 LYS n 
1 102 ARG n 
1 103 VAL n 
1 104 LYS n 
1 105 ASP n 
1 106 SER n 
1 107 ASP n 
1 108 ASP n 
1 109 VAL n 
1 110 PRO n 
1 111 MET n 
1 112 VAL n 
1 113 LEU n 
1 114 VAL n 
1 115 GLY n 
1 116 ASN n 
1 117 LYS n 
1 118 CYS n 
1 119 ASP n 
1 120 LEU n 
1 121 ALA n 
1 122 ALA n 
1 123 ARG n 
1 124 THR n 
1 125 VAL n 
1 126 GLU n 
1 127 SER n 
1 128 ARG n 
1 129 GLN n 
1 130 ALA n 
1 131 GLN n 
1 132 ASP n 
1 133 LEU n 
1 134 ALA n 
1 135 ARG n 
1 136 SER n 
1 137 TYR n 
1 138 GLY n 
1 139 ILE n 
1 140 PRO n 
1 141 TYR n 
1 142 ILE n 
1 143 GLU n 
1 144 THR n 
1 145 SER n 
1 146 ALA n 
1 147 LYS n 
1 148 THR n 
1 149 ARG n 
1 150 GLN n 
1 151 GLY n 
1 152 VAL n 
1 153 GLU n 
1 154 ASP n 
1 155 ALA n 
1 156 PHE n 
1 157 TYR n 
1 158 THR n 
1 159 LEU n 
1 160 VAL n 
1 161 ARG n 
1 162 GLU n 
1 163 ILE n 
1 164 ARG n 
1 165 GLN n 
1 166 HIS n 
# 
_entity_src_gen.entity_id                          1 
_entity_src_gen.pdbx_src_id                        1 
_entity_src_gen.pdbx_alt_source_flag               sample 
_entity_src_gen.pdbx_seq_type                      ? 
_entity_src_gen.pdbx_beg_seq_num                   ? 
_entity_src_gen.pdbx_end_seq_num                   ? 
_entity_src_gen.gene_src_common_name               human 
_entity_src_gen.gene_src_genus                     Homo 
_entity_src_gen.pdbx_gene_src_gene                 ? 
_entity_src_gen.gene_src_species                   ? 
_entity_src_gen.gene_src_strain                    ? 
_entity_src_gen.gene_src_tissue                    ? 
_entity_src_gen.gene_src_tissue_fraction           ? 
_entity_src_gen.gene_src_details                   ? 
_entity_src_gen.pdbx_gene_src_fragment             ? 
_entity_src_gen.pdbx_gene_src_scientific_name      'Homo sapiens' 
_entity_src_gen.pdbx_gene_src_ncbi_taxonomy_id     9606 
_entity_src_gen.pdbx_gene_src_variant              ? 
_entity_src_gen.pdbx_gene_src_cell_line            ? 
_entity_src_gen.pdbx_gene_src_atcc                 ? 
_entity_src_gen.pdbx_gene_src_organ                ? 
_entity_src_gen.pdbx_gene_src_organelle            ? 
_entity_src_gen.pdbx_gene_src_cell                 ? 
_entity_src_gen.pdbx_gene_src_cellular_location    ? 
_entity_src_gen.host_org_common_name               ? 
_entity_src_gen.pdbx_host_org_scientific_name      'Escherichia coli' 
_entity_src_gen.pdbx_host_org_ncbi_taxonomy_id     562 
_entity_src_gen.host_org_genus                     Escherichia 
_entity_src_gen.pdbx_host_org_gene                 ? 
_entity_src_gen.pdbx_host_org_organ                ? 
_entity_src_gen.host_org_species                   ? 
_entity_src_gen.pdbx_host_org_tissue               ? 
_entity_src_gen.pdbx_host_org_tissue_fraction      ? 
_entity_src_gen.pdbx_host_org_strain               ? 
_entity_src_gen.pdbx_host_org_variant              ? 
_entity_src_gen.pdbx_host_org_cell_line            ? 
_entity_src_gen.pdbx_host_org_atcc                 ? 
_entity_src_gen.pdbx_host_org_culture_collection   ? 
_entity_src_gen.pdbx_host_org_cell                 ? 
_entity_src_gen.pdbx_host_org_organelle            ? 
_entity_src_gen.pdbx_host_org_cellular_location    ? 
_entity_src_gen.pdbx_host_org_vector_type          ? 
_entity_src_gen.pdbx_host_org_vector               PTACRAS 
_entity_src_gen.host_org_details                   ? 
_entity_src_gen.expression_system_id               ? 
_entity_src_gen.plasmid_name                       ? 
_entity_src_gen.plasmid_details                    ? 
_entity_src_gen.pdbx_description                   ? 
# 
_struct_ref.id                         1 
_struct_ref.db_name                    UNP 
_struct_ref.db_code                    RASH_HUMAN 
_struct_ref.entity_id                  1 
_struct_ref.pdbx_db_accession          P01112 
_struct_ref.pdbx_db_isoform            ? 
_struct_ref.pdbx_seq_one_letter_code   ? 
_struct_ref.pdbx_align_begin           ? 
# 
_struct_ref_seq.align_id                      1 
_struct_ref_seq.ref_id                        1 
_struct_ref_seq.pdbx_PDB_id_code              1QRA 
_struct_ref_seq.pdbx_strand_id                A 
_struct_ref_seq.seq_align_beg                 1 
_struct_ref_seq.pdbx_seq_align_beg_ins_code   ? 
_struct_ref_seq.seq_align_end                 166 
_struct_ref_seq.pdbx_seq_align_end_ins_code   ? 
_struct_ref_seq.pdbx_db_accession             P01112 
_struct_ref_seq.db_align_beg                  1 
_struct_ref_seq.pdbx_db_align_beg_ins_code    ? 
_struct_ref_seq.db_align_end                  166 
_struct_ref_seq.pdbx_db_align_end_ins_code    ? 
_struct_ref_seq.pdbx_auth_seq_align_beg       1 
_struct_ref_seq.pdbx_auth_seq_align_end       166 
# 
loop_
_chem_comp.id 
_chem_comp.type 
_chem_comp.mon_nstd_flag 
_chem_comp.name 
_chem_comp.pdbx_synonyms 
_chem_comp.formula 
_chem_comp.formula_weight 
ALA 'L-peptide linking' y ALANINE                     ? 'C3 H7 N O2'        89.093  
ARG 'L-peptide linking' y ARGININE                    ? 'C6 H15 N4 O2 1'    175.209 
ASN 'L-peptide linking' y ASPARAGINE                  ? 'C4 H8 N2 O3'       132.118 
ASP 'L-peptide linking' y 'ASPARTIC ACID'             ? 'C4 H7 N O4'        133.103 
CYS 'L-peptide linking' y CYSTEINE                    ? 'C3 H7 N O2 S'      121.158 
GLN 'L-peptide linking' y GLUTAMINE                   ? 'C5 H10 N2 O3'      146.144 
GLU 'L-peptide linking' y 'GLUTAMIC ACID'             ? 'C5 H9 N O4'        147.129 
GLY 'peptide linking'   y GLYCINE                     ? 'C2 H5 N O2'        75.067  
GTP non-polymer         n "GUANOSINE-5'-TRIPHOSPHATE" ? 'C10 H16 N5 O14 P3' 523.180 
HIS 'L-peptide linking' y HISTIDINE                   ? 'C6 H10 N3 O2 1'    156.162 
HOH non-polymer         . WATER                       ? 'H2 O'              18.015  
ILE 'L-peptide linking' y ISOLEUCINE                  ? 'C6 H13 N O2'       131.173 
LEU 'L-peptide linking' y LEUCINE                     ? 'C6 H13 N O2'       131.173 
LYS 'L-peptide linking' y LYSINE                      ? 'C6 H15 N2 O2 1'    147.195 
MET 'L-peptide linking' y METHIONINE                  ? 'C5 H11 N O2 S'     149.211 
MG  non-polymer         . 'MAGNESIUM ION'             ? 'Mg 2'              24.305  
PHE 'L-peptide linking' y PHENYLALANINE               ? 'C9 H11 N O2'       165.189 
PRO 'L-peptide linking' y PROLINE                     ? 'C5 H9 N O2'        115.130 
SER 'L-peptide linking' y SERINE                      ? 'C3 H7 N O3'        105.093 
THR 'L-peptide linking' y THREONINE                   ? 'C4 H9 N O3'        119.119 
TYR 'L-peptide linking' y TYROSINE                    ? 'C9 H11 N O3'       181.189 
VAL 'L-peptide linking' y VALINE                      ? 'C5 H11 N O2'       117.146 
# 
_exptl.entry_id          1QRA 
_exptl.method            'X-RAY DIFFRACTION' 
_exptl.crystals_number   3 
# 
_exptl_crystal.id                    1 
_exptl_crystal.density_meas          ? 
_exptl_crystal.density_Matthews      1.91 
_exptl_crystal.density_percent_sol   35.47 
_exptl_crystal.description           ? 
# 
_exptl_crystal_grow.crystal_id      1 
_exptl_crystal_grow.method          MICRODIALYSIS 
_exptl_crystal_grow.temp            293 
_exptl_crystal_grow.temp_details    ? 
_exptl_crystal_grow.pH              7.6 
_exptl_crystal_grow.pdbx_details    
'PROTEIN WAS CRYSTALLIZED FROM 26 % PEG 400, 10MM MGCL 264MM TRIS/HCL, PH 7.6, MICRODIALYSIS, temperature 293K' 
_exptl_crystal_grow.pdbx_pH_range   . 
# 
_diffrn.id                     1 
_diffrn.ambient_temp           100 
_diffrn.ambient_temp_details   ? 
_diffrn.crystal_id             1 
# 
_diffrn_detector.diffrn_id              1 
_diffrn_detector.detector               'AREA DETECTOR' 
_diffrn_detector.type                   'SIEMENS HI-STAR' 
_diffrn_detector.pdbx_collection_date   1997-03-01 
_diffrn_detector.details                ? 
# 
_diffrn_radiation.diffrn_id                        1 
_diffrn_radiation.wavelength_id                    1 
_diffrn_radiation.pdbx_monochromatic_or_laue_m_l   M 
_diffrn_radiation.monochromator                    GRAPHITE 
_diffrn_radiation.pdbx_diffrn_protocol             'SINGLE WAVELENGTH' 
_diffrn_radiation.pdbx_scattering_type             x-ray 
# 
_diffrn_radiation_wavelength.id           1 
_diffrn_radiation_wavelength.wavelength   1.54 
_diffrn_radiation_wavelength.wt           1.0 
# 
_diffrn_source.diffrn_id                   1 
_diffrn_source.source                      'ROTATING ANODE' 
_diffrn_source.type                        SIEMENS 
_diffrn_source.pdbx_synchrotron_site       ? 
_diffrn_source.pdbx_synchrotron_beamline   ? 
_diffrn_source.pdbx_wavelength             1.54 
_diffrn_source.pdbx_wavelength_list        ? 
# 
_reflns.entry_id                     1QRA 
_reflns.observed_criterion_sigma_I   0 
_reflns.observed_criterion_sigma_F   0 
_reflns.d_resolution_low             50.0 
_reflns.d_resolution_high            1.6 
_reflns.number_obs                   196885 
_reflns.number_all                   196885 
_reflns.percent_possible_obs         99.8 
_reflns.pdbx_Rmerge_I_obs            0.0690000 
_reflns.pdbx_Rsym_value              ? 
_reflns.pdbx_netI_over_sigmaI        30.7 
_reflns.B_iso_Wilson_estimate        16.0 
_reflns.pdbx_redundancy              9.1 
_reflns.R_free_details               ? 
_reflns.pdbx_diffrn_id               1 
_reflns.pdbx_ordinal                 1 
# 
_reflns_shell.d_res_high             1.6 
_reflns_shell.d_res_low              1.7 
_reflns_shell.percent_possible_all   58.8 
_reflns_shell.Rmerge_I_obs           0.2170000 
_reflns_shell.pdbx_Rsym_value        ? 
_reflns_shell.meanI_over_sigI_obs    5.0 
_reflns_shell.pdbx_redundancy        1.9 
_reflns_shell.percent_possible_obs   ? 
_reflns_shell.number_unique_all      4400 
_reflns_shell.pdbx_diffrn_id         ? 
_reflns_shell.pdbx_ordinal           1 
# 
_refine.entry_id                                 1QRA 
_refine.ls_number_reflns_obs                     21533 
_refine.ls_number_reflns_all                     21533 
_refine.pdbx_ls_sigma_I                          0.0 
_refine.pdbx_ls_sigma_F                          0.0 
_refine.pdbx_data_cutoff_high_absF               ? 
_refine.pdbx_data_cutoff_low_absF                ? 
_refine.ls_d_res_low                             10.00 
_refine.ls_d_res_high                            1.6 
_refine.ls_percent_reflns_obs                    99.8 
_refine.ls_R_factor_obs                          0.1680000 
_refine.ls_R_factor_all                          0.1670000 
_refine.ls_R_factor_R_work                       0.1680000 
_refine.ls_R_factor_R_free                       0.2280000 
_refine.ls_R_factor_R_free_error                 ? 
_refine.ls_R_factor_R_free_error_details         ? 
_refine.ls_percent_reflns_R_free                 5. 
_refine.ls_number_reflns_R_free                  1077 
_refine.ls_number_parameters                     653 
_refine.ls_number_restraints                     562 
_refine.occupancy_min                            ? 
_refine.occupancy_max                            ? 
_refine.B_iso_mean                               ? 
_refine.aniso_B[1][1]                            ? 
_refine.aniso_B[2][2]                            ? 
_refine.aniso_B[3][3]                            ? 
_refine.aniso_B[1][2]                            ? 
_refine.aniso_B[1][3]                            ? 
_refine.aniso_B[2][3]                            ? 
_refine.solvent_model_details                    ? 
_refine.solvent_model_param_ksol                 ? 
_refine.solvent_model_param_bsol                 ? 
_refine.pdbx_ls_cross_valid_method               'FREE R' 
_refine.details                                  
;NO GEOMETRIC RESTRAINTS APPLIED            
TO PHOSPHATE GROUPS OF THE GTP
;
_refine.pdbx_starting_model                      5P21 
_refine.pdbx_method_to_determine_struct          'MOLECULAR REPLACEMENT' 
_refine.pdbx_isotropic_thermal_model             ? 
_refine.pdbx_stereochemistry_target_values       'ENGH AND HUBER' 
_refine.pdbx_stereochem_target_val_spec_case     ? 
_refine.pdbx_overall_ESU_R                       ? 
_refine.overall_SU_ML                            ? 
_refine.ls_redundancy_reflns_obs                 ? 
_refine.pdbx_R_Free_selection_details            ? 
_refine.overall_SU_B                             ? 
_refine.pdbx_overall_ESU_R_Free                  ? 
_refine.pdbx_data_cutoff_high_rms_absF           ? 
_refine.pdbx_refine_id                           'X-RAY DIFFRACTION' 
_refine.pdbx_diffrn_id                           1 
_refine.pdbx_TLS_residual_ADP_flag               ? 
_refine.correlation_coeff_Fo_to_Fc               ? 
_refine.correlation_coeff_Fo_to_Fc_free          ? 
_refine.pdbx_solvent_vdw_probe_radii             ? 
_refine.pdbx_solvent_ion_probe_radii             ? 
_refine.pdbx_solvent_shrinkage_radii             ? 
_refine.pdbx_overall_phase_error                 ? 
_refine.overall_SU_R_Cruickshank_DPI             ? 
_refine.pdbx_overall_SU_R_free_Cruickshank_DPI   ? 
_refine.pdbx_overall_SU_R_Blow_DPI               ? 
_refine.pdbx_overall_SU_R_free_Blow_DPI          ? 
# 
_refine_analyze.entry_id                        1QRA 
_refine_analyze.Luzzati_coordinate_error_obs    ? 
_refine_analyze.Luzzati_sigma_a_obs             ? 
_refine_analyze.Luzzati_d_res_low_obs           ? 
_refine_analyze.Luzzati_coordinate_error_free   ? 
_refine_analyze.Luzzati_sigma_a_free            ? 
_refine_analyze.Luzzati_d_res_low_free          ? 
_refine_analyze.number_disordered_residues      ? 
_refine_analyze.occupancy_sum_hydrogen          0. 
_refine_analyze.occupancy_sum_non_hydrogen      1580. 
_refine_analyze.pdbx_refine_id                  'X-RAY DIFFRACTION' 
# 
_refine_hist.pdbx_refine_id                   'X-RAY DIFFRACTION' 
_refine_hist.cycle_id                         LAST 
_refine_hist.pdbx_number_atoms_protein        1346 
_refine_hist.pdbx_number_atoms_nucleic_acid   0 
_refine_hist.pdbx_number_atoms_ligand         33 
_refine_hist.number_atoms_solvent             223 
_refine_hist.number_atoms_total               1602 
_refine_hist.d_res_high                       1.6 
_refine_hist.d_res_low                        10.00 
# 
loop_
_refine_ls_restr.type 
_refine_ls_restr.dev_ideal 
_refine_ls_restr.dev_ideal_target 
_refine_ls_restr.weight 
_refine_ls_restr.number 
_refine_ls_restr.pdbx_refine_id 
_refine_ls_restr.pdbx_restraint_function 
s_bond_d               0.009 ? ? ? 'X-RAY DIFFRACTION' ? 
s_angle_d              0.027 ? ? ? 'X-RAY DIFFRACTION' ? 
s_similar_dist         0.00  ? ? ? 'X-RAY DIFFRACTION' ? 
s_from_restr_planes    0.026 ? ? ? 'X-RAY DIFFRACTION' ? 
s_zero_chiral_vol      0.04  ? ? ? 'X-RAY DIFFRACTION' ? 
s_non_zero_chiral_vol  0.06  ? ? ? 'X-RAY DIFFRACTION' ? 
s_anti_bump_dis_restr  0.00  ? ? ? 'X-RAY DIFFRACTION' ? 
s_rigid_bond_adp_cmpnt 0.00  ? ? ? 'X-RAY DIFFRACTION' ? 
s_similar_adp_cmpnt    0.05  ? ? ? 'X-RAY DIFFRACTION' ? 
s_approx_iso_adps      0.00  ? ? ? 'X-RAY DIFFRACTION' ? 
# 
_pdbx_refine.entry_id                                    1QRA 
_pdbx_refine.R_factor_all_no_cutoff                      0.1670000 
_pdbx_refine.R_factor_obs_no_cutoff                      0.1670000 
_pdbx_refine.free_R_factor_no_cutoff                     0.2280000 
_pdbx_refine.free_R_val_test_set_size_perc_no_cutoff     5. 
_pdbx_refine.free_R_val_test_set_ct_no_cutoff            107 
_pdbx_refine.R_factor_all_4sig_cutoff                    0.1600000 
_pdbx_refine.R_factor_obs_4sig_cutoff                    0.1600000 
_pdbx_refine.free_R_factor_4sig_cutoff                   0.2210000 
_pdbx_refine.free_R_val_test_set_size_perc_4sig_cutoff   5. 
_pdbx_refine.free_R_val_test_set_ct_4sig_cutoff          97 
_pdbx_refine.number_reflns_obs_4sig_cutoff               1829 
_pdbx_refine.number_reflns_obs_no_cutoff                 ? 
_pdbx_refine.pdbx_refine_id                              'X-RAY DIFFRACTION' 
_pdbx_refine.free_R_error_no_cutoff                      ? 
# 
_struct.entry_id                  1QRA 
_struct.title                     'STRUCTURE OF P21RAS IN COMPLEX WITH GTP AT 100 K' 
_struct.pdbx_model_details        ? 
_struct.pdbx_CASP_flag            ? 
_struct.pdbx_model_type_details   ? 
# 
_struct_keywords.entry_id        1QRA 
_struct_keywords.pdbx_keywords   'SIGNALING PROTEIN' 
_struct_keywords.text            'G PROTEIN, GTP HYDROLYSIS, KINETIC CRYSTALLOGRAPHY, SIGNALING PROTEIN' 
# 
loop_
_struct_asym.id 
_struct_asym.pdbx_blank_PDB_chainid_flag 
_struct_asym.pdbx_modified 
_struct_asym.entity_id 
_struct_asym.details 
A N N 1 ? 
B N N 2 ? 
C N N 3 ? 
D N N 4 ? 
# 
_struct_biol.id   1 
# 
loop_
_struct_conf.conf_type_id 
_struct_conf.id 
_struct_conf.pdbx_PDB_helix_id 
_struct_conf.beg_label_comp_id 
_struct_conf.beg_label_asym_id 
_struct_conf.beg_label_seq_id 
_struct_conf.pdbx_beg_PDB_ins_code 
_struct_conf.end_label_comp_id 
_struct_conf.end_label_asym_id 
_struct_conf.end_label_seq_id 
_struct_conf.pdbx_end_PDB_ins_code 
_struct_conf.beg_auth_comp_id 
_struct_conf.beg_auth_asym_id 
_struct_conf.beg_auth_seq_id 
_struct_conf.end_auth_comp_id 
_struct_conf.end_auth_asym_id 
_struct_conf.end_auth_seq_id 
_struct_conf.pdbx_PDB_helix_class 
_struct_conf.details 
_struct_conf.pdbx_PDB_helix_length 
HELX_P HELX_P1 A1  LYS A 16  ? GLN A 25  ? LYS A 16  GLN A 25  1 ? 10 
HELX_P HELX_P2 A2A GLU A 62  ? MET A 67  ? GLU A 62  MET A 67  5 ? 6  
HELX_P HELX_P3 A2B ARG A 68  ? THR A 74  ? ARG A 68  THR A 74  1 ? 7  
HELX_P HELX_P4 A3  THR A 87  ? VAL A 103 ? THR A 87  VAL A 103 1 ? 17 
HELX_P HELX_P5 A4  SER A 127 ? TYR A 137 ? SER A 127 TYR A 137 1 ? 11 
HELX_P HELX_P6 A5  VAL A 152 ? GLN A 165 ? VAL A 152 GLN A 165 1 ? 14 
# 
_struct_conf_type.id          HELX_P 
_struct_conf_type.criteria    ? 
_struct_conf_type.reference   ? 
# 
loop_
_struct_conn.id 
_struct_conn.conn_type_id 
_struct_conn.pdbx_leaving_atom_flag 
_struct_conn.pdbx_PDB_id 
_struct_conn.ptnr1_label_asym_id 
_struct_conn.ptnr1_label_comp_id 
_struct_conn.ptnr1_label_seq_id 
_struct_conn.ptnr1_label_atom_id 
_struct_conn.pdbx_ptnr1_label_alt_id 
_struct_conn.pdbx_ptnr1_PDB_ins_code 
_struct_conn.pdbx_ptnr1_standard_comp_id 
_struct_conn.ptnr1_symmetry 
_struct_conn.ptnr2_label_asym_id 
_struct_conn.ptnr2_label_comp_id 
_struct_conn.ptnr2_label_seq_id 
_struct_conn.ptnr2_label_atom_id 
_struct_conn.pdbx_ptnr2_label_alt_id 
_struct_conn.pdbx_ptnr2_PDB_ins_code 
_struct_conn.ptnr1_auth_asym_id 
_struct_conn.ptnr1_auth_comp_id 
_struct_conn.ptnr1_auth_seq_id 
_struct_conn.ptnr2_auth_asym_id 
_struct_conn.ptnr2_auth_comp_id 
_struct_conn.ptnr2_auth_seq_id 
_struct_conn.ptnr2_symmetry 
_struct_conn.pdbx_ptnr3_label_atom_id 
_struct_conn.pdbx_ptnr3_label_seq_id 
_struct_conn.pdbx_ptnr3_label_comp_id 
_struct_conn.pdbx_ptnr3_label_asym_id 
_struct_conn.pdbx_ptnr3_label_alt_id 
_struct_conn.pdbx_ptnr3_PDB_ins_code 
_struct_conn.details 
_struct_conn.pdbx_dist_value 
_struct_conn.pdbx_value_order 
_struct_conn.pdbx_role 
metalc1 metalc ? ? A SER 17 OG  ? ? ? 1_555 B MG  . MG ? ? A SER 17  A MG  168  1_555 ? ? ? ? ? ? ? 2.057 ? ? 
metalc2 metalc ? ? A THR 35 OG1 ? ? ? 1_555 B MG  . MG ? ? A THR 35  A MG  168  1_555 ? ? ? ? ? ? ? 2.112 ? ? 
metalc3 metalc ? ? C GTP .  O2G ? ? ? 1_555 B MG  . MG ? ? A GTP 167 A MG  168  1_555 ? ? ? ? ? ? ? 1.889 ? ? 
metalc4 metalc ? ? C GTP .  O2B ? ? ? 1_555 B MG  . MG ? ? A GTP 167 A MG  168  1_555 ? ? ? ? ? ? ? 2.112 ? ? 
metalc5 metalc ? ? B MG  .  MG  ? ? ? 1_555 D HOH . O  ? ? A MG  168 A HOH 1003 1_555 ? ? ? ? ? ? ? 2.114 ? ? 
metalc6 metalc ? ? B MG  .  MG  ? ? ? 1_555 D HOH . O  ? ? A MG  168 A HOH 1004 1_555 ? ? ? ? ? ? ? 2.005 ? ? 
# 
_struct_conn_type.id          metalc 
_struct_conn_type.criteria    ? 
_struct_conn_type.reference   ? 
# 
_struct_sheet.id               S 
_struct_sheet.type             ? 
_struct_sheet.number_strands   6 
_struct_sheet.details          ? 
# 
loop_
_struct_sheet_order.sheet_id 
_struct_sheet_order.range_id_1 
_struct_sheet_order.range_id_2 
_struct_sheet_order.offset 
_struct_sheet_order.sense 
S 1 2 ? anti-parallel 
S 2 3 ? parallel      
S 3 4 ? parallel      
S 4 5 ? parallel      
S 5 6 ? parallel      
# 
loop_
_struct_sheet_range.sheet_id 
_struct_sheet_range.id 
_struct_sheet_range.beg_label_comp_id 
_struct_sheet_range.beg_label_asym_id 
_struct_sheet_range.beg_label_seq_id 
_struct_sheet_range.pdbx_beg_PDB_ins_code 
_struct_sheet_range.end_label_comp_id 
_struct_sheet_range.end_label_asym_id 
_struct_sheet_range.end_label_seq_id 
_struct_sheet_range.pdbx_end_PDB_ins_code 
_struct_sheet_range.beg_auth_comp_id 
_struct_sheet_range.beg_auth_asym_id 
_struct_sheet_range.beg_auth_seq_id 
_struct_sheet_range.end_auth_comp_id 
_struct_sheet_range.end_auth_asym_id 
_struct_sheet_range.end_auth_seq_id 
S 1 GLU A 37  ? ILE A 46  ? GLU A 37  ILE A 46  
S 2 GLU A 49  ? THR A 58  ? GLU A 49  THR A 58  
S 3 THR A 2   ? GLY A 10  ? THR A 2   GLY A 10  
S 4 GLY A 77  ? ALA A 83  ? GLY A 77  ALA A 83  
S 5 MET A 111 ? ASN A 116 ? MET A 111 ASN A 116 
S 6 TYR A 141 ? GLU A 143 ? TYR A 141 GLU A 143 
# 
loop_
_pdbx_struct_sheet_hbond.sheet_id 
_pdbx_struct_sheet_hbond.range_id_1 
_pdbx_struct_sheet_hbond.range_id_2 
_pdbx_struct_sheet_hbond.range_1_label_atom_id 
_pdbx_struct_sheet_hbond.range_1_label_comp_id 
_pdbx_struct_sheet_hbond.range_1_label_asym_id 
_pdbx_struct_sheet_hbond.range_1_label_seq_id 
_pdbx_struct_sheet_hbond.range_1_PDB_ins_code 
_pdbx_struct_sheet_hbond.range_1_auth_atom_id 
_pdbx_struct_sheet_hbond.range_1_auth_comp_id 
_pdbx_struct_sheet_hbond.range_1_auth_asym_id 
_pdbx_struct_sheet_hbond.range_1_auth_seq_id 
_pdbx_struct_sheet_hbond.range_2_label_atom_id 
_pdbx_struct_sheet_hbond.range_2_label_comp_id 
_pdbx_struct_sheet_hbond.range_2_label_asym_id 
_pdbx_struct_sheet_hbond.range_2_label_seq_id 
_pdbx_struct_sheet_hbond.range_2_PDB_ins_code 
_pdbx_struct_sheet_hbond.range_2_auth_atom_id 
_pdbx_struct_sheet_hbond.range_2_auth_comp_id 
_pdbx_struct_sheet_hbond.range_2_auth_asym_id 
_pdbx_struct_sheet_hbond.range_2_auth_seq_id 
S 1 2 N LYS A 42  ? N LYS A 42  O LEU A 53  ? O LEU A 53  
S 2 3 O ASP A 54  ? O ASP A 54  N LEU A 6   ? N LEU A 6   
S 3 4 O VAL A 7   ? O VAL A 7   N LEU A 79  ? N LEU A 79  
S 4 5 O CYS A 80  ? O CYS A 80  N VAL A 114 ? N VAL A 114 
S 5 6 O LEU A 113 ? O LEU A 113 N ILE A 142 ? N ILE A 142 
# 
loop_
_struct_site.id 
_struct_site.pdbx_evidence_code 
_struct_site.pdbx_auth_asym_id 
_struct_site.pdbx_auth_comp_id 
_struct_site.pdbx_auth_seq_id 
_struct_site.pdbx_auth_ins_code 
_struct_site.pdbx_num_residues 
_struct_site.details 
AC1 Software A MG  168 ? 5  'BINDING SITE FOR RESIDUE MG A 168'  
AC2 Software A GTP 167 ? 30 'BINDING SITE FOR RESIDUE GTP A 167' 
# 
loop_
_struct_site_gen.id 
_struct_site_gen.site_id 
_struct_site_gen.pdbx_num_res 
_struct_site_gen.label_comp_id 
_struct_site_gen.label_asym_id 
_struct_site_gen.label_seq_id 
_struct_site_gen.pdbx_auth_ins_code 
_struct_site_gen.auth_comp_id 
_struct_site_gen.auth_asym_id 
_struct_site_gen.auth_seq_id 
_struct_site_gen.label_atom_id 
_struct_site_gen.label_alt_id 
_struct_site_gen.symmetry 
_struct_site_gen.details 
1  AC1 5  SER A 17  ? SER A 17   . ? 1_555 ? 
2  AC1 5  THR A 35  ? THR A 35   . ? 1_555 ? 
3  AC1 5  GTP C .   ? GTP A 167  . ? 1_555 ? 
4  AC1 5  HOH D .   ? HOH A 1003 . ? 1_555 ? 
5  AC1 5  HOH D .   ? HOH A 1004 . ? 1_555 ? 
6  AC2 30 GLY A 12  ? GLY A 12   . ? 1_555 ? 
7  AC2 30 GLY A 13  ? GLY A 13   . ? 1_555 ? 
8  AC2 30 VAL A 14  ? VAL A 14   . ? 1_555 ? 
9  AC2 30 GLY A 15  ? GLY A 15   . ? 1_555 ? 
10 AC2 30 LYS A 16  ? LYS A 16   . ? 1_555 ? 
11 AC2 30 SER A 17  ? SER A 17   . ? 1_555 ? 
12 AC2 30 ALA A 18  ? ALA A 18   . ? 1_555 ? 
13 AC2 30 PHE A 28  ? PHE A 28   . ? 1_555 ? 
14 AC2 30 VAL A 29  ? VAL A 29   . ? 1_555 ? 
15 AC2 30 ASP A 30  ? ASP A 30   . ? 1_555 ? 
16 AC2 30 TYR A 32  ? TYR A 32   . ? 5_675 ? 
17 AC2 30 PRO A 34  ? PRO A 34   . ? 1_555 ? 
18 AC2 30 THR A 35  ? THR A 35   . ? 1_555 ? 
19 AC2 30 GLY A 60  ? GLY A 60   . ? 1_555 ? 
20 AC2 30 ASN A 116 ? ASN A 116  . ? 1_555 ? 
21 AC2 30 LYS A 117 ? LYS A 117  . ? 1_555 ? 
22 AC2 30 ASP A 119 ? ASP A 119  . ? 1_555 ? 
23 AC2 30 LEU A 120 ? LEU A 120  . ? 1_555 ? 
24 AC2 30 SER A 145 ? SER A 145  . ? 1_555 ? 
25 AC2 30 ALA A 146 ? ALA A 146  . ? 1_555 ? 
26 AC2 30 LYS A 147 ? LYS A 147  . ? 1_555 ? 
27 AC2 30 MG  B .   ? MG  A 168  . ? 1_555 ? 
28 AC2 30 HOH D .   ? HOH A 1001 . ? 5_675 ? 
29 AC2 30 HOH D .   ? HOH A 1003 . ? 1_555 ? 
30 AC2 30 HOH D .   ? HOH A 1004 . ? 1_555 ? 
31 AC2 30 HOH D .   ? HOH A 1013 . ? 1_555 ? 
32 AC2 30 HOH D .   ? HOH A 1070 . ? 1_555 ? 
33 AC2 30 HOH D .   ? HOH A 1089 . ? 1_555 ? 
34 AC2 30 HOH D .   ? HOH A 1117 . ? 1_555 ? 
35 AC2 30 HOH D .   ? HOH A 1149 . ? 1_555 ? 
# 
_atom_sites.entry_id                    1QRA 
_atom_sites.fract_transf_matrix[1][1]   0.01331154 
_atom_sites.fract_transf_matrix[1][2]   0.01623471 
_atom_sites.fract_transf_matrix[1][3]   0.02027162 
_atom_sites.fract_transf_matrix[2][1]   0.02854763 
_atom_sites.fract_transf_matrix[2][2]   -0.00341926 
_atom_sites.fract_transf_matrix[2][3]   0.00499892 
_atom_sites.fract_transf_matrix[3][1]   0.00128096 
_atom_sites.fract_transf_matrix[3][2]   0.00436009 
_atom_sites.fract_transf_matrix[3][3]   -0.00433297 
_atom_sites.fract_transf_vector[1]      0.505118 
_atom_sites.fract_transf_vector[2]      0.718500 
_atom_sites.fract_transf_vector[3]      0.074196 
# 
loop_
_atom_type.symbol 
C  
MG 
N  
O  
P  
S  
# 
loop_
_atom_site.group_PDB 
_atom_site.id 
_atom_site.type_symbol 
_atom_site.label_atom_id 
_atom_site.label_alt_id 
_atom_site.label_comp_id 
_atom_site.label_asym_id 
_atom_site.label_entity_id 
_atom_site.label_seq_id 
_atom_site.pdbx_PDB_ins_code 
_atom_site.Cartn_x 
_atom_site.Cartn_y 
_atom_site.Cartn_z 
_atom_site.occupancy 
_atom_site.B_iso_or_equiv 
_atom_site.pdbx_formal_charge 
_atom_site.auth_seq_id 
_atom_site.auth_comp_id 
_atom_site.auth_asym_id 
_atom_site.auth_atom_id 
_atom_site.pdbx_PDB_model_num 
ATOM   1    N  N     . MET A 1 1   ? 4.075   -22.755 4.787   1.00 22.35  ? 1    MET A N     1 
ATOM   2    C  CA    . MET A 1 1   ? 3.208   -21.908 5.574   1.00 17.55  ? 1    MET A CA    1 
ATOM   3    C  C     . MET A 1 1   ? 2.321   -21.093 4.626   1.00 18.46  ? 1    MET A C     1 
ATOM   4    O  O     . MET A 1 1   ? 2.521   -20.991 3.397   1.00 19.11  ? 1    MET A O     1 
ATOM   5    C  CB    . MET A 1 1   ? 4.010   -20.973 6.497   1.00 18.06  ? 1    MET A CB    1 
ATOM   6    C  CG    . MET A 1 1   ? 5.001   -20.121 5.692   1.00 16.91  ? 1    MET A CG    1 
ATOM   7    S  SD    . MET A 1 1   ? 6.015   -19.074 6.728   1.00 22.31  ? 1    MET A SD    1 
ATOM   8    C  CE    . MET A 1 1   ? 6.977   -20.303 7.614   1.00 29.84  ? 1    MET A CE    1 
ATOM   9    N  N     . THR A 1 2   ? 1.306   -20.509 5.268   1.00 16.64  ? 2    THR A N     1 
ATOM   10   C  CA    . THR A 1 2   ? 0.435   -19.561 4.614   1.00 14.46  ? 2    THR A CA    1 
ATOM   11   C  C     . THR A 1 2   ? 1.301   -18.391 4.131   1.00 16.65  ? 2    THR A C     1 
ATOM   12   O  O     . THR A 1 2   ? 2.115   -17.888 4.909   1.00 17.81  ? 2    THR A O     1 
ATOM   13   C  CB    . THR A 1 2   ? -0.624  -18.945 5.542   1.00 16.05  ? 2    THR A CB    1 
ATOM   14   O  OG1   . THR A 1 2   ? -1.406  -20.006 6.115   1.00 25.33  ? 2    THR A OG1   1 
ATOM   15   C  CG2   . THR A 1 2   ? -1.604  -18.080 4.773   1.00 20.89  ? 2    THR A CG2   1 
ATOM   16   N  N     . GLU A 1 3   ? 1.044   -18.033 2.904   1.00 15.29  ? 3    GLU A N     1 
ATOM   17   C  CA    . GLU A 1 3   ? 1.767   -16.904 2.317   1.00 13.98  ? 3    GLU A CA    1 
ATOM   18   C  C     . GLU A 1 3   ? 0.716   -15.853 1.975   1.00 14.32  ? 3    GLU A C     1 
ATOM   19   O  O     . GLU A 1 3   ? -0.378  -16.226 1.535   1.00 18.11  ? 3    GLU A O     1 
ATOM   20   C  CB    . GLU A 1 3   ? 2.587   -17.298 1.092   1.00 17.44  ? 3    GLU A CB    1 
ATOM   21   C  CG    . GLU A 1 3   ? 3.438   -18.548 1.377   1.00 23.13  ? 3    GLU A CG    1 
ATOM   22   C  CD    . GLU A 1 3   ? 4.415   -18.878 0.268   1.00 30.40  ? 3    GLU A CD    1 
ATOM   23   O  OE1   . GLU A 1 3   ? 4.253   -18.356 -0.849  1.00 28.63  ? 3    GLU A OE1   1 
ATOM   24   O  OE2   . GLU A 1 3   ? 5.344   -19.676 0.552   1.00 41.84  ? 3    GLU A OE2   1 
ATOM   25   N  N     . TYR A 1 4   ? 1.083   -14.592 2.142   1.00 14.71  ? 4    TYR A N     1 
ATOM   26   C  CA    . TYR A 1 4   ? 0.207   -13.489 1.723   1.00 13.81  ? 4    TYR A CA    1 
ATOM   27   C  C     . TYR A 1 4   ? 0.905   -12.694 0.632   1.00 14.54  ? 4    TYR A C     1 
ATOM   28   O  O     . TYR A 1 4   ? 1.987   -12.187 0.938   1.00 13.98  ? 4    TYR A O     1 
ATOM   29   C  CB    . TYR A 1 4   ? -0.130  -12.594 2.930   1.00 13.49  ? 4    TYR A CB    1 
ATOM   30   C  CG    . TYR A 1 4   ? -0.969  -13.395 3.938   1.00 11.18  ? 4    TYR A CG    1 
ATOM   31   C  CD1   . TYR A 1 4   ? -2.311  -13.644 3.756   1.00 13.33  ? 4    TYR A CD1   1 
ATOM   32   C  CD2   . TYR A 1 4   ? -0.368  -13.842 5.103   1.00 13.17  ? 4    TYR A CD2   1 
ATOM   33   C  CE1   . TYR A 1 4   ? -3.047  -14.373 4.705   1.00 11.78  ? 4    TYR A CE1   1 
ATOM   34   C  CE2   . TYR A 1 4   ? -1.085  -14.548 6.053   1.00 14.06  ? 4    TYR A CE2   1 
ATOM   35   C  CZ    . TYR A 1 4   ? -2.432  -14.808 5.835   1.00 12.99  ? 4    TYR A CZ    1 
ATOM   36   O  OH    . TYR A 1 4   ? -3.132  -15.538 6.782   1.00 14.00  ? 4    TYR A OH    1 
ATOM   37   N  N     . LYS A 1 5   ? 0.304   -12.654 -0.549  1.00 12.59  ? 5    LYS A N     1 
ATOM   38   C  CA    . LYS A 1 5   ? 0.907   -11.885 -1.636  1.00 12.36  ? 5    LYS A CA    1 
ATOM   39   C  C     . LYS A 1 5   ? 0.364   -10.465 -1.560  1.00 12.47  ? 5    LYS A C     1 
ATOM   40   O  O     . LYS A 1 5   ? -0.788  -10.219 -1.910  1.00 13.88  ? 5    LYS A O     1 
ATOM   41   C  CB    . LYS A 1 5   ? 0.636   -12.552 -2.992  1.00 13.80  ? 5    LYS A CB    1 
ATOM   42   C  CG    . LYS A 1 5   ? 1.385   -13.867 -3.182  1.00 18.23  ? 5    LYS A CG    1 
ATOM   43   C  CD    . LYS A 1 5   ? 0.836   -14.607 -4.396  1.00 22.26  ? 5    LYS A CD    1 
ATOM   44   C  CE    . LYS A 1 5   ? 1.488   -15.965 -4.614  1.00 24.73  ? 5    LYS A CE    1 
ATOM   45   N  NZ    . LYS A 1 5   ? 1.461   -16.767 -3.360  1.00 34.83  ? 5    LYS A NZ    1 
ATOM   46   N  N     . LEU A 1 6   ? 1.221   -9.566  -1.094  1.00 12.00  ? 6    LEU A N     1 
ATOM   47   C  CA    . LEU A 1 6   ? 0.848   -8.174  -0.843  1.00 12.90  ? 6    LEU A CA    1 
ATOM   48   C  C     . LEU A 1 6   ? 1.502   -7.292  -1.902  1.00 11.80  ? 6    LEU A C     1 
ATOM   49   O  O     . LEU A 1 6   ? 2.642   -7.555  -2.249  1.00 13.62  ? 6    LEU A O     1 
ATOM   50   C  CB    . LEU A 1 6   ? 1.330   -7.690  0.532   1.00 11.70  ? 6    LEU A CB    1 
ATOM   51   C  CG    . LEU A 1 6   ? 0.964   -8.573  1.724   1.00 11.19  ? 6    LEU A CG    1 
ATOM   52   C  CD1   . LEU A 1 6   ? 1.380   -7.872  2.999   1.00 13.41  ? 6    LEU A CD1   1 
ATOM   53   C  CD2   . LEU A 1 6   ? -0.544  -8.860  1.708   1.00 11.86  ? 6    LEU A CD2   1 
ATOM   54   N  N     . VAL A 1 7   ? 0.763   -6.300  -2.376  1.00 11.56  ? 7    VAL A N     1 
ATOM   55   C  CA    . VAL A 1 7   ? 1.297   -5.428  -3.428  1.00 12.27  ? 7    VAL A CA    1 
ATOM   56   C  C     . VAL A 1 7   ? 1.082   -3.992  -2.996  1.00 14.90  ? 7    VAL A C     1 
ATOM   57   O  O     . VAL A 1 7   ? -0.033  -3.584  -2.667  1.00 14.42  ? 7    VAL A O     1 
ATOM   58   C  CB    . VAL A 1 7   ? 0.607   -5.642  -4.778  1.00 12.91  ? 7    VAL A CB    1 
ATOM   59   C  CG1   . VAL A 1 7   ? 1.272   -4.790  -5.868  1.00 13.17  ? 7    VAL A CG1   1 
ATOM   60   C  CG2   . VAL A 1 7   ? 0.702   -7.098  -5.211  1.00 18.18  ? 7    VAL A CG2   1 
ATOM   61   N  N     . VAL A 1 8   ? 2.176   -3.242  -3.028  1.00 12.60  ? 8    VAL A N     1 
ATOM   62   C  CA    . VAL A 1 8   ? 2.086   -1.831  -2.647  1.00 10.95  ? 8    VAL A CA    1 
ATOM   63   C  C     . VAL A 1 8   ? 2.050   -0.962  -3.910  1.00 13.50  ? 8    VAL A C     1 
ATOM   64   O  O     . VAL A 1 8   ? 2.999   -1.019  -4.682  1.00 12.26  ? 8    VAL A O     1 
ATOM   65   C  CB    . VAL A 1 8   ? 3.280   -1.462  -1.752  1.00 10.21  ? 8    VAL A CB    1 
ATOM   66   C  CG1   . VAL A 1 8   ? 3.102   -0.091  -1.125  1.00 13.60  ? 8    VAL A CG1   1 
ATOM   67   C  CG2   . VAL A 1 8   ? 3.457   -2.505  -0.641  1.00 11.48  ? 8    VAL A CG2   1 
ATOM   68   N  N     . VAL A 1 9   ? 0.993   -0.181  -4.093  1.00 11.04  ? 9    VAL A N     1 
ATOM   69   C  CA    . VAL A 1 9   ? 0.882   0.663   -5.279  1.00 8.67   ? 9    VAL A CA    1 
ATOM   70   C  C     . VAL A 1 9   ? 0.602   2.116   -4.927  1.00 11.08  ? 9    VAL A C     1 
ATOM   71   O  O     . VAL A 1 9   ? 0.179   2.438   -3.817  1.00 11.14  ? 9    VAL A O     1 
ATOM   72   C  CB    . VAL A 1 9   ? -0.224  0.157   -6.215  1.00 11.86  ? 9    VAL A CB    1 
ATOM   73   C  CG1   . VAL A 1 9   ? 0.109   -1.294  -6.615  1.00 16.63  ? 9    VAL A CG1   1 
ATOM   74   C  CG2   . VAL A 1 9   ? -1.595  0.235   -5.587  1.00 18.76  ? 9    VAL A CG2   1 
ATOM   75   N  N     . GLY A 1 10  ? 0.813   2.993   -5.909  1.00 11.90  ? 10   GLY A N     1 
ATOM   76   C  CA    . GLY A 1 10  ? 0.494   4.401   -5.722  1.00 12.08  ? 10   GLY A CA    1 
ATOM   77   C  C     . GLY A 1 10  ? 1.473   5.267   -6.490  1.00 10.54  ? 10   GLY A C     1 
ATOM   78   O  O     . GLY A 1 10  ? 2.426   4.708   -7.052  1.00 11.68  ? 10   GLY A O     1 
ATOM   79   N  N     . ALA A 1 11  ? 1.217   6.563   -6.486  1.00 12.37  ? 11   ALA A N     1 
ATOM   80   C  CA    . ALA A 1 11  ? 2.015   7.482   -7.301  1.00 15.03  ? 11   ALA A CA    1 
ATOM   81   C  C     . ALA A 1 11  ? 3.479   7.516   -6.924  1.00 13.51  ? 11   ALA A C     1 
ATOM   82   O  O     . ALA A 1 11  ? 3.882   7.150   -5.833  1.00 13.41  ? 11   ALA A O     1 
ATOM   83   C  CB    . ALA A 1 11  ? 1.433   8.886   -7.178  1.00 17.35  ? 11   ALA A CB    1 
ATOM   84   N  N     . GLY A 1 12  ? 4.328   7.996   -7.843  1.00 11.58  ? 12   GLY A N     1 
ATOM   85   C  CA    . GLY A 1 12  ? 5.721   8.108   -7.495  1.00 11.77  ? 12   GLY A CA    1 
ATOM   86   C  C     . GLY A 1 12  ? 5.957   9.062   -6.315  1.00 11.31  ? 12   GLY A C     1 
ATOM   87   O  O     . GLY A 1 12  ? 5.379   10.142  -6.236  1.00 14.63  ? 12   GLY A O     1 
ATOM   88   N  N     . GLY A 1 13  ? 6.832   8.554   -5.458  1.00 11.76  ? 13   GLY A N     1 
ATOM   89   C  CA    . GLY A 1 13  ? 7.348   9.296   -4.323  1.00 12.25  ? 13   GLY A CA    1 
ATOM   90   C  C     . GLY A 1 13  ? 6.439   9.351   -3.123  1.00 13.26  ? 13   GLY A C     1 
ATOM   91   O  O     . GLY A 1 13  ? 6.751   10.087  -2.182  1.00 14.55  ? 13   GLY A O     1 
ATOM   92   N  N     . VAL A 1 14  ? 5.321   8.604   -3.123  1.00 11.39  ? 14   VAL A N     1 
ATOM   93   C  CA    . VAL A 1 14  ? 4.414   8.699   -1.974  1.00 12.10  ? 14   VAL A CA    1 
ATOM   94   C  C     . VAL A 1 14  ? 4.926   7.952   -0.742  1.00 11.72  ? 14   VAL A C     1 
ATOM   95   O  O     . VAL A 1 14  ? 4.377   8.162   0.359   1.00 11.31  ? 14   VAL A O     1 
ATOM   96   C  CB    . VAL A 1 14  ? 3.001   8.162   -2.296  1.00 13.73  ? 14   VAL A CB    1 
ATOM   97   C  CG1   . VAL A 1 14  ? 2.318   9.000   -3.385  1.00 12.12  ? 14   VAL A CG1   1 
ATOM   98   C  CG2   . VAL A 1 14  ? 3.062   6.681   -2.678  1.00 11.86  ? 14   VAL A CG2   1 
ATOM   99   N  N     . GLY A 1 15  ? 5.919   7.093   -0.945  1.00 9.98   ? 15   GLY A N     1 
ATOM   100  C  CA    . GLY A 1 15  ? 6.523   6.382   0.160   1.00 12.37  ? 15   GLY A CA    1 
ATOM   101  C  C     . GLY A 1 15  ? 6.259   4.890   0.172   1.00 11.01  ? 15   GLY A C     1 
ATOM   102  O  O     . GLY A 1 15  ? 6.348   4.257   1.250   1.00 11.80  ? 15   GLY A O     1 
ATOM   103  N  N     . LYS A 1 16  ? 5.919   4.300   -0.961  1.00 10.58  ? 16   LYS A N     1 
ATOM   104  C  CA    . LYS A 1 16  ? 5.713   2.836   -1.015  1.00 10.66  ? 16   LYS A CA    1 
ATOM   105  C  C     . LYS A 1 16  ? 6.930   2.070   -0.553  1.00 11.80  ? 16   LYS A C     1 
ATOM   106  O  O     . LYS A 1 16  ? 6.886   1.180   0.295   1.00 12.18  ? 16   LYS A O     1 
ATOM   107  C  CB    . LYS A 1 16  ? 5.448   2.474   -2.476  1.00 10.46  ? 16   LYS A CB    1 
ATOM   108  C  CG    . LYS A 1 16  ? 4.226   3.124   -3.072  1.00 12.18  ? 16   LYS A CG    1 
ATOM   109  C  CD    . LYS A 1 16  ? 3.920   2.641   -4.482  1.00 15.09  ? 16   LYS A CD    1 
ATOM   110  C  CE    . LYS A 1 16  ? 4.928   3.046   -5.530  1.00 14.03  ? 16   LYS A CE    1 
ATOM   111  N  NZ    . LYS A 1 16  ? 5.091   4.528   -5.635  1.00 12.18  ? 16   LYS A NZ    1 
ATOM   112  N  N     . SER A 1 17  ? 8.115   2.391   -1.105  1.00 12.33  ? 17   SER A N     1 
ATOM   113  C  CA    . SER A 1 17  ? 9.325   1.684   -0.666  1.00 11.90  ? 17   SER A CA    1 
ATOM   114  C  C     . SER A 1 17  ? 9.672   2.005   0.772   1.00 12.93  ? 17   SER A C     1 
ATOM   115  O  O     . SER A 1 17  ? 10.105  1.134   1.545   1.00 14.43  ? 17   SER A O     1 
ATOM   116  C  CB    . SER A 1 17  ? 10.481  2.086   -1.589  1.00 12.33  ? 17   SER A CB    1 
ATOM   117  O  OG    . SER A 1 17  ? 10.239  1.700   -2.919  1.00 13.00  ? 17   SER A OG    1 
ATOM   118  N  N     . ALA A 1 18  ? 9.526   3.272   1.183   1.00 11.55  ? 18   ALA A N     1 
ATOM   119  C  CA    . ALA A 1 18  ? 9.868   3.632   2.550   1.00 11.14  ? 18   ALA A CA    1 
ATOM   120  C  C     . ALA A 1 18  ? 9.018   2.886   3.563   1.00 14.66  ? 18   ALA A C     1 
ATOM   121  O  O     . ALA A 1 18  ? 9.473   2.439   4.625   1.00 13.90  ? 18   ALA A O     1 
ATOM   122  C  CB    . ALA A 1 18  ? 9.728   5.141   2.754   1.00 13.38  ? 18   ALA A CB    1 
ATOM   123  N  N     . LEU A 1 19  ? 7.734   2.694   3.247   1.00 12.44  ? 19   LEU A N     1 
ATOM   124  C  CA    . LEU A 1 19  ? 6.881   1.912   4.134   1.00 11.79  ? 19   LEU A CA    1 
ATOM   125  C  C     . LEU A 1 19  ? 7.325   0.454   4.218   1.00 12.26  ? 19   LEU A C     1 
ATOM   126  O  O     . LEU A 1 19  ? 7.374   -0.154  5.298   1.00 12.58  ? 19   LEU A O     1 
ATOM   127  C  CB    . LEU A 1 19  ? 5.418   1.922   3.653   1.00 9.30   ? 19   LEU A CB    1 
ATOM   128  C  CG    . LEU A 1 19  ? 4.621   3.203   3.903   1.00 11.90  ? 19   LEU A CG    1 
ATOM   129  C  CD1   . LEU A 1 19  ? 3.311   3.155   3.108   1.00 12.02  ? 19   LEU A CD1   1 
ATOM   130  C  CD2   . LEU A 1 19  ? 4.358   3.436   5.394   1.00 11.84  ? 19   LEU A CD2   1 
ATOM   131  N  N     . THR A 1 20  ? 7.617   -0.090  3.042   1.00 12.48  ? 20   THR A N     1 
ATOM   132  C  CA    . THR A 1 20  ? 7.997   -1.494  2.953   1.00 12.65  ? 20   THR A CA    1 
ATOM   133  C  C     . THR A 1 20  ? 9.306   -1.745  3.687   1.00 15.44  ? 20   THR A C     1 
ATOM   134  O  O     . THR A 1 20  ? 9.412   -2.748  4.406   1.00 15.71  ? 20   THR A O     1 
ATOM   135  C  CB    . THR A 1 20  ? 8.146   -1.884  1.470   1.00 12.87  ? 20   THR A CB    1 
ATOM   136  O  OG1   . THR A 1 20  ? 6.840   -1.736  0.859   1.00 13.76  ? 20   THR A OG1   1 
ATOM   137  C  CG2   . THR A 1 20  ? 8.545   -3.333  1.360   1.00 18.34  ? 20   THR A CG2   1 
ATOM   138  N  N     . ILE A 1 21  ? 10.243  -0.836  3.476   1.00 12.07  ? 21   ILE A N     1 
ATOM   139  C  CA    . ILE A 1 21  ? 11.561  -1.011  4.127   1.00 12.33  ? 21   ILE A CA    1 
ATOM   140  C  C     . ILE A 1 21  ? 11.433  -0.790  5.617   1.00 15.97  ? 21   ILE A C     1 
ATOM   141  O  O     . ILE A 1 21  ? 12.111  -1.429  6.430   1.00 17.99  ? 21   ILE A O     1 
ATOM   142  C  CB    . ILE A 1 21  ? 12.582  -0.093  3.447   1.00 12.53  ? 21   ILE A CB    1 
ATOM   143  C  CG1   . ILE A 1 21  ? 12.935  -0.646  2.058   1.00 15.82  ? 21   ILE A CG1   1 
ATOM   144  C  CG2   . ILE A 1 21  ? 13.794  0.112   4.322   1.00 16.96  ? 21   ILE A CG2   1 
ATOM   145  C  CD1   . ILE A 1 21  ? 13.682  0.393   1.227   1.00 22.80  ? 21   ILE A CD1   1 
ATOM   146  N  N     . GLN A 1 22  ? 10.553  0.123   6.058   1.00 14.65  ? 22   GLN A N     1 
ATOM   147  C  CA    . GLN A 1 22  ? 10.344  0.239   7.509   1.00 16.40  ? 22   GLN A CA    1 
ATOM   148  C  C     . GLN A 1 22  ? 9.850   -1.085  8.045   1.00 15.90  ? 22   GLN A C     1 
ATOM   149  O  O     . GLN A 1 22  ? 10.333  -1.642  9.036   1.00 20.99  ? 22   GLN A O     1 
ATOM   150  C  CB    . GLN A 1 22  ? 9.383   1.404   7.755   1.00 18.59  ? 22   GLN A CB    1 
ATOM   151  C  CG    . GLN A 1 22  ? 9.274   1.966   9.146   1.00 24.11  ? 22   GLN A CG    1 
ATOM   152  C  CD    . GLN A 1 22  ? 10.558  2.311   9.873   1.00 21.46  ? 22   GLN A CD    1 
ATOM   153  O  OE1   . GLN A 1 22  ? 11.144  1.417   10.465  1.00 27.63  ? 22   GLN A OE1   1 
ATOM   154  N  NE2   . GLN A 1 22  ? 11.017  3.558   9.873   1.00 15.55  ? 22   GLN A NE2   1 
ATOM   155  N  N     . LEU A 1 23  ? 8.852   -1.674  7.405   1.00 17.00  ? 23   LEU A N     1 
ATOM   156  C  CA    . LEU A 1 23  ? 8.254   -2.918  7.860   1.00 18.78  ? 23   LEU A CA    1 
ATOM   157  C  C     . LEU A 1 23  ? 9.289   -4.034  8.007   1.00 22.09  ? 23   LEU A C     1 
ATOM   158  O  O     . LEU A 1 23  ? 9.406   -4.691  9.045   1.00 23.38  ? 23   LEU A O     1 
ATOM   159  C  CB    . LEU A 1 23  ? 7.169   -3.383  6.883   1.00 15.53  ? 23   LEU A CB    1 
ATOM   160  C  CG    . LEU A 1 23  ? 6.458   -4.655  7.370   1.00 18.29  ? 23   LEU A CG    1 
ATOM   161  C  CD1   . LEU A 1 23  ? 5.564   -4.290  8.548   1.00 22.23  ? 23   LEU A CD1   1 
ATOM   162  C  CD2   . LEU A 1 23  ? 5.682   -5.316  6.256   1.00 15.33  ? 23   LEU A CD2   1 
ATOM   163  N  N     . ILE A 1 24  ? 10.033  -4.245  6.928   1.00 17.98  ? 24   ILE A N     1 
ATOM   164  C  CA    . ILE A 1 24  ? 10.953  -5.354  6.769   1.00 21.92  ? 24   ILE A CA    1 
ATOM   165  C  C     . ILE A 1 24  ? 12.332  -5.103  7.357   1.00 23.94  ? 24   ILE A C     1 
ATOM   166  O  O     . ILE A 1 24  ? 12.971  -6.060  7.822   1.00 29.72  ? 24   ILE A O     1 
ATOM   167  C  CB    . ILE A 1 24  ? 11.138  -5.655  5.264   1.00 21.79  ? 24   ILE A CB    1 
ATOM   168  C  CG1   . ILE A 1 24  ? 9.853   -6.010  4.519   1.00 23.87  ? 24   ILE A CG1   1 
ATOM   169  C  CG2   . ILE A 1 24  ? 12.196  -6.735  5.111   1.00 33.12  ? 24   ILE A CG2   1 
ATOM   170  C  CD1   . ILE A 1 24  ? 9.247   -7.342  4.921   1.00 30.46  ? 24   ILE A CD1   1 
ATOM   171  N  N     . GLN A 1 25  ? 12.810  -3.859  7.331   1.00 21.54  ? 25   GLN A N     1 
ATOM   172  C  CA    . GLN A 1 25  ? 14.184  -3.577  7.682   1.00 22.56  ? 25   GLN A CA    1 
ATOM   173  C  C     . GLN A 1 25  ? 14.335  -2.557  8.798   1.00 20.36  ? 25   GLN A C     1 
ATOM   174  O  O     . GLN A 1 25  ? 15.476  -2.260  9.145   1.00 32.80  ? 25   GLN A O     1 
ATOM   175  C  CB    . GLN A 1 25  ? 14.957  -3.055  6.473   1.00 24.84  ? 25   GLN A CB    1 
ATOM   176  C  CG    . GLN A 1 25  ? 15.297  -4.148  5.469   1.00 25.93  ? 25   GLN A CG    1 
ATOM   177  C  CD    . GLN A 1 25  ? 16.131  -3.561  4.341   1.00 24.32  ? 25   GLN A CD    1 
ATOM   178  O  OE1   . GLN A 1 25  ? 16.602  -2.426  4.443   1.00 30.95  ? 25   GLN A OE1   1 
ATOM   179  N  NE2   . GLN A 1 25  ? 16.301  -4.347  3.284   1.00 39.19  ? 25   GLN A NE2   1 
ATOM   180  N  N     . ASN A 1 26  ? 13.219  -2.083  9.331   1.00 22.24  ? 26   ASN A N     1 
ATOM   181  C  CA    . ASN A 1 26  ? 13.199  -1.295  10.547  1.00 23.40  ? 26   ASN A CA    1 
ATOM   182  C  C     . ASN A 1 26  ? 14.050  -0.046  10.432  1.00 27.66  ? 26   ASN A C     1 
ATOM   183  O  O     . ASN A 1 26  ? 14.812  0.312   11.330  1.00 39.24  ? 26   ASN A O     1 
ATOM   184  C  CB    A ASN A 1 26  ? 13.729  -2.113  11.738  0.68 23.11  ? 26   ASN A CB    1 
ATOM   185  C  CB    B ASN A 1 26  ? 13.673  -2.170  11.715  0.32 23.42  ? 26   ASN A CB    1 
ATOM   186  C  CG    A ASN A 1 26  ? 12.985  -3.420  11.889  0.68 25.68  ? 26   ASN A CG    1 
ATOM   187  C  CG    B ASN A 1 26  ? 13.584  -1.503  13.067  0.32 23.34  ? 26   ASN A CG    1 
ATOM   188  O  OD1   A ASN A 1 26  ? 11.840  -3.416  12.326  0.68 29.76  ? 26   ASN A OD1   1 
ATOM   189  O  OD1   B ASN A 1 26  ? 14.462  -1.673  13.913  0.32 22.14  ? 26   ASN A OD1   1 
ATOM   190  N  ND2   A ASN A 1 26  ? 13.642  -4.523  11.525  0.68 28.98  ? 26   ASN A ND2   1 
ATOM   191  N  ND2   B ASN A 1 26  ? 12.520  -0.738  13.293  0.32 30.26  ? 26   ASN A ND2   1 
ATOM   192  N  N     . HIS A 1 27  ? 13.943  0.652   9.306   1.00 22.08  ? 27   HIS A N     1 
ATOM   193  C  CA    . HIS A 1 27  ? 14.526  1.984   9.285   1.00 20.76  ? 27   HIS A CA    1 
ATOM   194  C  C     . HIS A 1 27  ? 13.890  2.820   8.175   1.00 18.23  ? 27   HIS A C     1 
ATOM   195  O  O     . HIS A 1 27  ? 13.253  2.265   7.281   1.00 18.01  ? 27   HIS A O     1 
ATOM   196  C  CB    . HIS A 1 27  ? 16.031  1.909   9.089   1.00 23.51  ? 27   HIS A CB    1 
ATOM   197  C  CG    . HIS A 1 27  ? 16.392  1.462   7.720   1.00 26.63  ? 27   HIS A CG    1 
ATOM   198  N  ND1   . HIS A 1 27  ? 16.969  2.314   6.808   1.00 33.12  ? 27   HIS A ND1   1 
ATOM   199  C  CD2   . HIS A 1 27  ? 16.256  0.264   7.112   1.00 27.40  ? 27   HIS A CD2   1 
ATOM   200  C  CE1   . HIS A 1 27  ? 17.170  1.649   5.684   1.00 31.25  ? 27   HIS A CE1   1 
ATOM   201  N  NE2   . HIS A 1 27  ? 16.754  0.405   5.833   1.00 30.07  ? 27   HIS A NE2   1 
ATOM   202  N  N     . PHE A 1 28  ? 14.116  4.119   8.273   1.00 17.94  ? 28   PHE A N     1 
ATOM   203  C  CA    . PHE A 1 28  ? 13.545  5.040   7.300   1.00 20.08  ? 28   PHE A CA    1 
ATOM   204  C  C     . PHE A 1 28  ? 14.548  5.425   6.218   1.00 23.19  ? 28   PHE A C     1 
ATOM   205  O  O     . PHE A 1 28  ? 15.632  5.926   6.472   1.00 19.83  ? 28   PHE A O     1 
ATOM   206  C  CB    . PHE A 1 28  ? 13.059  6.292   8.022   1.00 16.85  ? 28   PHE A CB    1 
ATOM   207  C  CG    . PHE A 1 28  ? 12.561  7.416   7.135   1.00 17.76  ? 28   PHE A CG    1 
ATOM   208  C  CD1   . PHE A 1 28  ? 11.570  7.246   6.186   1.00 18.59  ? 28   PHE A CD1   1 
ATOM   209  C  CD2   . PHE A 1 28  ? 13.120  8.689   7.265   1.00 19.54  ? 28   PHE A CD2   1 
ATOM   210  C  CE1   . PHE A 1 28  ? 11.124  8.260   5.368   1.00 20.52  ? 28   PHE A CE1   1 
ATOM   211  C  CE2   . PHE A 1 28  ? 12.668  9.724   6.475   1.00 22.11  ? 28   PHE A CE2   1 
ATOM   212  C  CZ    . PHE A 1 28  ? 11.674  9.530   5.532   1.00 22.30  ? 28   PHE A CZ    1 
ATOM   213  N  N     . VAL A 1 29  ? 14.146  5.196   4.967   1.00 21.24  ? 29   VAL A N     1 
ATOM   214  C  CA    . VAL A 1 29  ? 15.017  5.574   3.863   1.00 21.44  ? 29   VAL A CA    1 
ATOM   215  C  C     . VAL A 1 29  ? 14.713  6.993   3.437   1.00 25.00  ? 29   VAL A C     1 
ATOM   216  O  O     . VAL A 1 29  ? 13.584  7.321   3.041   1.00 24.42  ? 29   VAL A O     1 
ATOM   217  C  CB    . VAL A 1 29  ? 14.819  4.592   2.693   1.00 30.20  ? 29   VAL A CB    1 
ATOM   218  C  CG1   . VAL A 1 29  ? 15.580  5.096   1.474   1.00 31.13  ? 29   VAL A CG1   1 
ATOM   219  C  CG2   . VAL A 1 29  ? 15.268  3.196   3.075   1.00 23.11  ? 29   VAL A CG2   1 
ATOM   220  N  N     . ASP A 1 30  ? 15.685  7.896   3.550   1.00 27.60  ? 30   ASP A N     1 
ATOM   221  C  CA    . ASP A 1 30  ? 15.320  9.298   3.316   1.00 33.99  ? 30   ASP A CA    1 
ATOM   222  C  C     . ASP A 1 30  ? 15.677  9.738   1.901   1.00 35.91  ? 30   ASP A C     1 
ATOM   223  O  O     . ASP A 1 30  ? 15.261  10.809  1.451   1.00 55.25  ? 30   ASP A O     1 
ATOM   224  C  CB    . ASP A 1 30  ? 15.987  10.212  4.345   1.00 42.63  ? 30   ASP A CB    1 
ATOM   225  C  CG    . ASP A 1 30  ? 15.276  11.558  4.393   1.00 48.22  ? 30   ASP A CG    1 
ATOM   226  O  OD1   . ASP A 1 30  ? 15.344  12.280  3.372   1.00 46.68  ? 30   ASP A OD1   1 
ATOM   227  O  OD2   . ASP A 1 30  ? 14.664  11.860  5.439   1.00 58.39  ? 30   ASP A OD2   1 
ATOM   228  N  N     . GLU A 1 31  ? 16.428  8.898   1.238   1.00 31.02  ? 31   GLU A N     1 
ATOM   229  C  CA    . GLU A 1 31  ? 17.019  9.101   -0.057  1.00 30.09  ? 31   GLU A CA    1 
ATOM   230  C  C     . GLU A 1 31  ? 15.990  8.973   -1.176  1.00 30.34  ? 31   GLU A C     1 
ATOM   231  O  O     . GLU A 1 31  ? 14.978  8.298   -1.029  1.00 26.69  ? 31   GLU A O     1 
ATOM   232  C  CB    . GLU A 1 31  ? 18.141  8.084   -0.293  1.00 34.40  ? 31   GLU A CB    1 
ATOM   233  C  CG    . GLU A 1 31  ? 19.200  8.057   0.795   1.00 45.00  ? 31   GLU A CG    1 
ATOM   234  C  CD    . GLU A 1 31  ? 18.788  7.217   1.991   1.00 54.96  ? 31   GLU A CD    1 
ATOM   235  O  OE1   . GLU A 1 31  ? 18.723  5.974   1.847   1.00 74.06  ? 31   GLU A OE1   1 
ATOM   236  O  OE2   . GLU A 1 31  ? 18.510  7.782   3.074   1.00 60.53  ? 31   GLU A OE2   1 
ATOM   237  N  N     . TYR A 1 32  ? 16.313  9.623   -2.283  1.00 31.25  ? 32   TYR A N     1 
ATOM   238  C  CA    . TYR A 1 32  ? 15.712  9.486   -3.601  1.00 25.01  ? 32   TYR A CA    1 
ATOM   239  C  C     . TYR A 1 32  ? 16.132  8.196   -4.272  1.00 25.66  ? 32   TYR A C     1 
ATOM   240  O  O     . TYR A 1 32  ? 17.314  8.068   -4.653  1.00 29.08  ? 32   TYR A O     1 
ATOM   241  C  CB    . TYR A 1 32  ? 16.195  10.660  -4.456  1.00 28.54  ? 32   TYR A CB    1 
ATOM   242  C  CG    . TYR A 1 32  ? 15.557  10.761  -5.817  1.00 22.96  ? 32   TYR A CG    1 
ATOM   243  C  CD1   . TYR A 1 32  ? 16.088  10.137  -6.938  1.00 20.49  ? 32   TYR A CD1   1 
ATOM   244  C  CD2   . TYR A 1 32  ? 14.401  11.510  -5.946  1.00 24.75  ? 32   TYR A CD2   1 
ATOM   245  C  CE1   . TYR A 1 32  ? 15.465  10.261  -8.181  1.00 19.16  ? 32   TYR A CE1   1 
ATOM   246  C  CE2   . TYR A 1 32  ? 13.767  11.644  -7.168  1.00 23.71  ? 32   TYR A CE2   1 
ATOM   247  C  CZ    . TYR A 1 32  ? 14.313  11.014  -8.268  1.00 21.97  ? 32   TYR A CZ    1 
ATOM   248  O  OH    . TYR A 1 32  ? 13.664  11.163  -9.477  1.00 22.21  ? 32   TYR A OH    1 
ATOM   249  N  N     . ASP A 1 33  ? 15.234  7.221   -4.435  1.00 19.86  ? 33   ASP A N     1 
ATOM   250  C  CA    . ASP A 1 33  ? 15.690  5.940   -4.977  1.00 19.57  ? 33   ASP A CA    1 
ATOM   251  C  C     . ASP A 1 33  ? 14.532  5.254   -5.678  1.00 20.02  ? 33   ASP A C     1 
ATOM   252  O  O     . ASP A 1 33  ? 13.892  4.345   -5.161  1.00 17.95  ? 33   ASP A O     1 
ATOM   253  C  CB    . ASP A 1 33  ? 16.258  5.094   -3.836  1.00 25.54  ? 33   ASP A CB    1 
ATOM   254  C  CG    . ASP A 1 33  ? 16.882  3.816   -4.359  1.00 34.48  ? 33   ASP A CG    1 
ATOM   255  O  OD1   . ASP A 1 33  ? 17.000  3.708   -5.596  1.00 28.57  ? 33   ASP A OD1   1 
ATOM   256  O  OD2   . ASP A 1 33  ? 17.247  2.943   -3.551  1.00 43.15  ? 33   ASP A OD2   1 
ATOM   257  N  N     . PRO A 1 34  ? 14.205  5.713   -6.876  1.00 20.96  ? 34   PRO A N     1 
ATOM   258  C  CA    . PRO A 1 34  ? 12.946  5.280   -7.505  1.00 18.27  ? 34   PRO A CA    1 
ATOM   259  C  C     . PRO A 1 34  ? 12.982  3.785   -7.774  1.00 18.09  ? 34   PRO A C     1 
ATOM   260  O  O     . PRO A 1 34  ? 14.037  3.249   -8.126  1.00 21.07  ? 34   PRO A O     1 
ATOM   261  C  CB    . PRO A 1 34  ? 12.888  6.029   -8.822  1.00 20.40  ? 34   PRO A CB    1 
ATOM   262  C  CG    . PRO A 1 34  ? 13.960  7.047   -8.750  1.00 20.48  ? 34   PRO A CG    1 
ATOM   263  C  CD    . PRO A 1 34  ? 14.959  6.662   -7.708  1.00 21.57  ? 34   PRO A CD    1 
ATOM   264  N  N     . THR A 1 35  ? 11.834  3.151   -7.594  1.00 14.36  ? 35   THR A N     1 
ATOM   265  C  CA    . THR A 1 35  ? 11.745  1.720   -7.783  1.00 15.01  ? 35   THR A CA    1 
ATOM   266  C  C     . THR A 1 35  ? 11.317  1.292   -9.182  1.00 14.34  ? 35   THR A C     1 
ATOM   267  O  O     . THR A 1 35  ? 10.555  1.978   -9.837  1.00 20.05  ? 35   THR A O     1 
ATOM   268  C  CB    . THR A 1 35  ? 10.717  1.178   -6.749  1.00 17.15  ? 35   THR A CB    1 
ATOM   269  O  OG1   . THR A 1 35  ? 11.109  1.617   -5.445  1.00 17.95  ? 35   THR A OG1   1 
ATOM   270  C  CG2   . THR A 1 35  ? 10.708  -0.343  -6.696  1.00 18.85  ? 35   THR A CG2   1 
ATOM   271  N  N     . ILE A 1 36  ? 11.828  0.142   -9.634  1.00 18.03  ? 36   ILE A N     1 
ATOM   272  C  CA    . ILE A 1 36  ? 11.299  -0.465  -10.869 1.00 20.67  ? 36   ILE A CA    1 
ATOM   273  C  C     . ILE A 1 36  ? 10.323  -1.537  -10.405 1.00 16.37  ? 36   ILE A C     1 
ATOM   274  O  O     . ILE A 1 36  ? 9.113   -1.433  -10.577 1.00 23.62  ? 36   ILE A O     1 
ATOM   275  C  CB    . ILE A 1 36  ? 12.421  -1.003  -11.761 1.00 25.66  ? 36   ILE A CB    1 
ATOM   276  C  CG1   . ILE A 1 36  ? 13.396  0.060   -12.294 1.00 29.85  ? 36   ILE A CG1   1 
ATOM   277  C  CG2   . ILE A 1 36  ? 11.863  -1.784  -12.938 1.00 25.57  ? 36   ILE A CG2   1 
ATOM   278  C  CD1   . ILE A 1 36  ? 14.753  -0.520  -12.662 1.00 30.04  ? 36   ILE A CD1   1 
ATOM   279  N  N     . GLU A 1 37  ? 10.870  -2.544  -9.731  1.00 22.09  ? 37   GLU A N     1 
ATOM   280  C  CA    . GLU A 1 37  ? 10.059  -3.570  -9.050  1.00 25.35  ? 37   GLU A CA    1 
ATOM   281  C  C     . GLU A 1 37  ? 10.938  -4.306  -8.042  1.00 26.45  ? 37   GLU A C     1 
ATOM   282  O  O     . GLU A 1 37  ? 11.953  -4.922  -8.392  1.00 26.30  ? 37   GLU A O     1 
ATOM   283  C  CB    . GLU A 1 37  ? 9.429   -4.503  -10.074 1.00 28.10  ? 37   GLU A CB    1 
ATOM   284  C  CG    . GLU A 1 37  ? 8.322   -5.403  -9.575  1.00 36.77  ? 37   GLU A CG    1 
ATOM   285  C  CD    . GLU A 1 37  ? 7.276   -5.827  -10.588 1.00 39.47  ? 37   GLU A CD    1 
ATOM   286  O  OE1   . GLU A 1 37  ? 6.497   -4.998  -11.111 1.00 41.34  ? 37   GLU A OE1   1 
ATOM   287  O  OE2   . GLU A 1 37  ? 7.212   -7.054  -10.845 1.00 43.83  ? 37   GLU A OE2   1 
ATOM   288  N  N     . ASP A 1 38  ? 10.596  -4.259  -6.756  1.00 19.69  ? 38   ASP A N     1 
ATOM   289  C  CA    . ASP A 1 38  ? 11.388  -4.946  -5.744  1.00 18.59  ? 38   ASP A CA    1 
ATOM   290  C  C     . ASP A 1 38  ? 10.505  -5.982  -5.052  1.00 16.94  ? 38   ASP A C     1 
ATOM   291  O  O     . ASP A 1 38  ? 9.313   -5.723  -4.875  1.00 18.20  ? 38   ASP A O     1 
ATOM   292  C  CB    . ASP A 1 38  ? 11.926  -3.956  -4.722  1.00 21.65  ? 38   ASP A CB    1 
ATOM   293  C  CG    . ASP A 1 38  ? 13.032  -3.093  -5.298  1.00 28.50  ? 38   ASP A CG    1 
ATOM   294  O  OD1   . ASP A 1 38  ? 13.509  -3.434  -6.405  1.00 38.30  ? 38   ASP A OD1   1 
ATOM   295  O  OD2   . ASP A 1 38  ? 13.416  -2.094  -4.664  1.00 27.16  ? 38   ASP A OD2   1 
ATOM   296  N  N     . SER A 1 39  ? 11.094  -7.120  -4.685  1.00 17.33  ? 39   SER A N     1 
ATOM   297  C  CA    . SER A 1 39  ? 10.323  -8.124  -3.956  1.00 18.07  ? 39   SER A CA    1 
ATOM   298  C  C     . SER A 1 39  ? 10.930  -8.347  -2.595  1.00 19.58  ? 39   SER A C     1 
ATOM   299  O  O     . SER A 1 39  ? 12.153  -8.408  -2.470  1.00 22.26  ? 39   SER A O     1 
ATOM   300  C  CB    . SER A 1 39  ? 10.322  -9.434  -4.756  1.00 19.79  ? 39   SER A CB    1 
ATOM   301  O  OG    . SER A 1 39  ? 10.162  -10.536 -3.881  1.00 35.17  ? 39   SER A OG    1 
ATOM   302  N  N     . TYR A 1 40  ? 10.072  -8.444  -1.572  1.00 15.58  ? 40   TYR A N     1 
ATOM   303  C  CA    . TYR A 1 40  ? 10.534  -8.729  -0.235  1.00 14.61  ? 40   TYR A CA    1 
ATOM   304  C  C     . TYR A 1 40  ? 9.806   -9.935  0.349   1.00 18.75  ? 40   TYR A C     1 
ATOM   305  O  O     . TYR A 1 40  ? 8.562   -9.933  0.319   1.00 22.92  ? 40   TYR A O     1 
ATOM   306  C  CB    . TYR A 1 40  ? 10.269  -7.514  0.674   1.00 15.88  ? 40   TYR A CB    1 
ATOM   307  C  CG    . TYR A 1 40  ? 11.048  -6.276  0.263   1.00 17.74  ? 40   TYR A CG    1 
ATOM   308  C  CD1   . TYR A 1 40  ? 10.554  -5.376  -0.676  1.00 15.42  ? 40   TYR A CD1   1 
ATOM   309  C  CD2   . TYR A 1 40  ? 12.297  -6.058  0.847   1.00 21.63  ? 40   TYR A CD2   1 
ATOM   310  C  CE1   . TYR A 1 40  ? 11.289  -4.262  -1.034  1.00 17.86  ? 40   TYR A CE1   1 
ATOM   311  C  CE2   . TYR A 1 40  ? 13.029  -4.935  0.489   1.00 25.27  ? 40   TYR A CE2   1 
ATOM   312  C  CZ    . TYR A 1 40  ? 12.514  -4.056  -0.438  1.00 21.19  ? 40   TYR A CZ    1 
ATOM   313  O  OH    . TYR A 1 40  ? 13.267  -2.950  -0.782  1.00 24.68  ? 40   TYR A OH    1 
ATOM   314  N  N     . ARG A 1 41  ? 10.565  -10.891 0.865   1.00 14.52  ? 41   ARG A N     1 
ATOM   315  C  CA    . ARG A 1 41  ? 9.945   -12.085 1.449   1.00 14.37  ? 41   ARG A CA    1 
ATOM   316  C  C     . ARG A 1 41  ? 10.394  -12.179 2.902   1.00 15.21  ? 41   ARG A C     1 
ATOM   317  O  O     . ARG A 1 41  ? 11.574  -12.177 3.227   1.00 20.72  ? 41   ARG A O     1 
ATOM   318  C  CB    . ARG A 1 41  ? 10.303  -13.339 0.665   1.00 16.66  ? 41   ARG A CB    1 
ATOM   319  C  CG    . ARG A 1 41  ? 9.661   -13.419 -0.714  1.00 15.60  ? 41   ARG A CG    1 
ATOM   320  C  CD    . ARG A 1 41  ? 10.352  -14.480 -1.576  1.00 22.54  ? 41   ARG A CD    1 
ATOM   321  N  NE    . ARG A 1 41  ? 10.205  -15.796 -0.941  1.00 23.36  ? 41   ARG A NE    1 
ATOM   322  C  CZ    . ARG A 1 41  ? 9.199   -16.618 -1.154  1.00 24.66  ? 41   ARG A CZ    1 
ATOM   323  N  NH1   . ARG A 1 41  ? 8.207   -16.298 -1.989  1.00 23.52  ? 41   ARG A NH1   1 
ATOM   324  N  NH2   . ARG A 1 41  ? 9.170   -17.782 -0.524  1.00 24.64  ? 41   ARG A NH2   1 
ATOM   325  N  N     . LYS A 1 42  ? 9.419   -12.225 3.804   1.00 12.43  ? 42   LYS A N     1 
ATOM   326  C  CA    . LYS A 1 42  ? 9.760   -12.215 5.214   1.00 14.82  ? 42   LYS A CA    1 
ATOM   327  C  C     . LYS A 1 42  ? 8.848   -13.163 5.984   1.00 19.07  ? 42   LYS A C     1 
ATOM   328  O  O     . LYS A 1 42  ? 7.617   -13.018 5.824   1.00 16.78  ? 42   LYS A O     1 
ATOM   329  C  CB    . LYS A 1 42  ? 9.614   -10.812 5.817   1.00 16.85  ? 42   LYS A CB    1 
ATOM   330  C  CG    . LYS A 1 42  ? 10.424  -10.680 7.113   1.00 24.18  ? 42   LYS A CG    1 
ATOM   331  C  CD    . LYS A 1 42  ? 10.337  -9.275  7.670   1.00 34.79  ? 42   LYS A CD    1 
ATOM   332  C  CE    . LYS A 1 42  ? 11.030  -9.153  9.024   1.00 40.70  ? 42   LYS A CE    1 
ATOM   333  N  NZ    . LYS A 1 42  ? 12.106  -10.173 9.191   1.00 49.56  ? 42   LYS A NZ    1 
ATOM   334  N  N     . GLN A 1 43  ? 9.450   -14.049 6.776   1.00 14.52  ? 43   GLN A N     1 
ATOM   335  C  CA    . GLN A 1 43  ? 8.585   -14.856 7.635   1.00 14.99  ? 43   GLN A CA    1 
ATOM   336  C  C     . GLN A 1 43  ? 8.233   -14.087 8.898   1.00 22.18  ? 43   GLN A C     1 
ATOM   337  O  O     . GLN A 1 43  ? 9.123   -13.532 9.556   1.00 23.98  ? 43   GLN A O     1 
ATOM   338  C  CB    . GLN A 1 43  ? 9.277   -16.128 8.092   1.00 19.35  ? 43   GLN A CB    1 
ATOM   339  C  CG    . GLN A 1 43  ? 9.828   -17.067 7.043   1.00 24.12  ? 43   GLN A CG    1 
ATOM   340  C  CD    . GLN A 1 43  ? 10.853  -17.969 7.741   1.00 28.26  ? 43   GLN A CD    1 
ATOM   341  O  OE1   . GLN A 1 43  ? 10.452  -18.895 8.436   1.00 35.26  ? 43   GLN A OE1   1 
ATOM   342  N  NE2   . GLN A 1 43  ? 12.119  -17.628 7.558   1.00 19.54  ? 43   GLN A NE2   1 
ATOM   343  N  N     . VAL A 1 44  ? 6.956   -14.027 9.243   1.00 15.59  ? 44   VAL A N     1 
ATOM   344  C  CA    . VAL A 1 44  ? 6.517   -13.266 10.402  1.00 16.46  ? 44   VAL A CA    1 
ATOM   345  C  C     . VAL A 1 44  ? 5.525   -14.106 11.195  1.00 16.38  ? 44   VAL A C     1 
ATOM   346  O  O     . VAL A 1 44  ? 5.186   -15.200 10.720  1.00 15.81  ? 44   VAL A O     1 
ATOM   347  C  CB    . VAL A 1 44  ? 5.826   -11.958 9.965   1.00 16.53  ? 44   VAL A CB    1 
ATOM   348  C  CG1   . VAL A 1 44  ? 6.872   -11.107 9.250   1.00 22.08  ? 44   VAL A CG1   1 
ATOM   349  C  CG2   . VAL A 1 44  ? 4.605   -12.224 9.098   1.00 14.45  ? 44   VAL A CG2   1 
ATOM   350  N  N     . VAL A 1 45  ? 5.103   -13.569 12.334  1.00 12.06  ? 45   VAL A N     1 
ATOM   351  C  CA    . VAL A 1 45  ? 3.991   -14.193 13.058  1.00 12.01  ? 45   VAL A CA    1 
ATOM   352  C  C     . VAL A 1 45  ? 2.984   -13.067 13.286  1.00 13.61  ? 45   VAL A C     1 
ATOM   353  O  O     . VAL A 1 45  ? 3.350   -12.037 13.863  1.00 13.98  ? 45   VAL A O     1 
ATOM   354  C  CB    . VAL A 1 45  ? 4.422   -14.787 14.401  1.00 14.97  ? 45   VAL A CB    1 
ATOM   355  C  CG1   . VAL A 1 45  ? 3.257   -15.485 15.085  1.00 15.41  ? 45   VAL A CG1   1 
ATOM   356  C  CG2   . VAL A 1 45  ? 5.609   -15.733 14.167  1.00 16.77  ? 45   VAL A CG2   1 
ATOM   357  N  N     . ILE A 1 46  ? 1.761   -13.270 12.762  1.00 12.46  ? 46   ILE A N     1 
ATOM   358  C  CA    . ILE A 1 46  ? 0.715   -12.261 12.871  1.00 8.19   ? 46   ILE A CA    1 
ATOM   359  C  C     . ILE A 1 46  ? -0.474  -12.946 13.528  1.00 8.95   ? 46   ILE A C     1 
ATOM   360  O  O     . ILE A 1 46  ? -0.998  -13.917 12.997  1.00 12.49  ? 46   ILE A O     1 
ATOM   361  C  CB    . ILE A 1 46  ? 0.332   -11.666 11.508  1.00 11.77  ? 46   ILE A CB    1 
ATOM   362  C  CG1   . ILE A 1 46  ? 1.573   -11.064 10.823  1.00 13.71  ? 46   ILE A CG1   1 
ATOM   363  C  CG2   . ILE A 1 46  ? -0.812  -10.648 11.616  1.00 13.26  ? 46   ILE A CG2   1 
ATOM   364  C  CD1   . ILE A 1 46  ? 1.285   -10.549 9.408   1.00 12.16  ? 46   ILE A CD1   1 
ATOM   365  N  N     . ASP A 1 47  ? -0.912  -12.434 14.676  1.00 10.73  ? 47   ASP A N     1 
ATOM   366  C  CA    . ASP A 1 47  ? -1.986  -13.062 15.451  1.00 10.47  ? 47   ASP A CA    1 
ATOM   367  C  C     . ASP A 1 47  ? -1.746  -14.545 15.690  1.00 13.65  ? 47   ASP A C     1 
ATOM   368  O  O     . ASP A 1 47  ? -2.676  -15.348 15.674  1.00 15.54  ? 47   ASP A O     1 
ATOM   369  C  CB    . ASP A 1 47  ? -3.359  -12.846 14.813  1.00 12.78  ? 47   ASP A CB    1 
ATOM   370  C  CG    . ASP A 1 47  ? -3.531  -11.356 14.523  1.00 13.72  ? 47   ASP A CG    1 
ATOM   371  O  OD1   . ASP A 1 47  ? -3.349  -10.535 15.444  1.00 11.59  ? 47   ASP A OD1   1 
ATOM   372  O  OD2   . ASP A 1 47  ? -3.760  -11.022 13.357  1.00 11.44  ? 47   ASP A OD2   1 
ATOM   373  N  N     . GLY A 1 48  ? -0.498  -14.941 15.946  1.00 12.27  ? 48   GLY A N     1 
ATOM   374  C  CA    . GLY A 1 48  ? -0.130  -16.289 16.274  1.00 12.11  ? 48   GLY A CA    1 
ATOM   375  C  C     . GLY A 1 48  ? -0.008  -17.189 15.043  1.00 13.39  ? 48   GLY A C     1 
ATOM   376  O  O     . GLY A 1 48  ? 0.339   -18.366 15.176  1.00 14.87  ? 48   GLY A O     1 
ATOM   377  N  N     . GLU A 1 49  ? -0.325  -16.673 13.862  1.00 15.65  ? 49   GLU A N     1 
ATOM   378  C  CA    . GLU A 1 49  ? -0.127  -17.489 12.663  1.00 16.65  ? 49   GLU A CA    1 
ATOM   379  C  C     . GLU A 1 49  ? 1.272   -17.293 12.070  1.00 14.14  ? 49   GLU A C     1 
ATOM   380  O  O     . GLU A 1 49  ? 1.656   -16.148 11.794  1.00 12.89  ? 49   GLU A O     1 
ATOM   381  C  CB    . GLU A 1 49  ? -1.185  -17.103 11.624  1.00 15.09  ? 49   GLU A CB    1 
ATOM   382  C  CG    . GLU A 1 49  ? -1.133  -17.978 10.385  1.00 15.08  ? 49   GLU A CG    1 
ATOM   383  C  CD    . GLU A 1 49  ? -1.987  -17.458 9.250   1.00 21.03  ? 49   GLU A CD    1 
ATOM   384  O  OE1   . GLU A 1 49  ? -1.803  -16.316 8.803   1.00 18.14  ? 49   GLU A OE1   1 
ATOM   385  O  OE2   . GLU A 1 49  ? -2.862  -18.215 8.764   1.00 25.14  ? 49   GLU A OE2   1 
ATOM   386  N  N     . THR A 1 50  ? 2.026   -18.368 11.880  1.00 15.66  ? 50   THR A N     1 
ATOM   387  C  CA    . THR A 1 50  ? 3.275   -18.283 11.126  1.00 16.76  ? 50   THR A CA    1 
ATOM   388  C  C     . THR A 1 50  ? 2.959   -18.065 9.661   1.00 12.95  ? 50   THR A C     1 
ATOM   389  O  O     . THR A 1 50  ? 2.183   -18.819 9.089   1.00 16.79  ? 50   THR A O     1 
ATOM   390  C  CB    A THR A 1 50  ? 4.068   -19.595 11.208  0.30 14.32  ? 50   THR A CB    1 
ATOM   391  C  CB    B THR A 1 50  ? 4.163   -19.506 11.370  0.70 12.84  ? 50   THR A CB    1 
ATOM   392  O  OG1   A THR A 1 50  ? 3.207   -20.662 10.779  0.30 17.41  ? 50   THR A OG1   1 
ATOM   393  O  OG1   B THR A 1 50  ? 4.582   -19.508 12.748  0.70 20.27  ? 50   THR A OG1   1 
ATOM   394  C  CG2   A THR A 1 50  ? 4.480   -19.901 12.631  0.30 14.18  ? 50   THR A CG2   1 
ATOM   395  C  CG2   B THR A 1 50  ? 5.448   -19.446 10.558  0.70 15.65  ? 50   THR A CG2   1 
ATOM   396  N  N     . CYS A 1 51  ? 3.512   -17.006 9.079   1.00 13.90  ? 51   CYS A N     1 
ATOM   397  C  CA    . CYS A 1 51  ? 3.173   -16.798 7.665   1.00 12.04  ? 51   CYS A CA    1 
ATOM   398  C  C     . CYS A 1 51  ? 4.328   -16.100 6.953   1.00 14.19  ? 51   CYS A C     1 
ATOM   399  O  O     . CYS A 1 51  ? 5.242   -15.577 7.586   1.00 15.87  ? 51   CYS A O     1 
ATOM   400  C  CB    . CYS A 1 51  ? 1.847   -16.045 7.553   1.00 12.65  ? 51   CYS A CB    1 
ATOM   401  S  SG    . CYS A 1 51  ? 1.853   -14.435 8.389   1.00 17.74  ? 51   CYS A SG    1 
ATOM   402  N  N     . LEU A 1 52  ? 4.242   -16.142 5.634   1.00 15.35  ? 52   LEU A N     1 
ATOM   403  C  CA    . LEU A 1 52  ? 5.226   -15.459 4.801   1.00 14.60  ? 52   LEU A CA    1 
ATOM   404  C  C     . LEU A 1 52  ? 4.563   -14.242 4.180   1.00 15.06  ? 52   LEU A C     1 
ATOM   405  O  O     . LEU A 1 52  ? 3.528   -14.336 3.499   1.00 15.40  ? 52   LEU A O     1 
ATOM   406  C  CB    . LEU A 1 52  ? 5.759   -16.378 3.694   1.00 17.39  ? 52   LEU A CB    1 
ATOM   407  C  CG    . LEU A 1 52  ? 6.842   -15.712 2.822   1.00 20.03  ? 52   LEU A CG    1 
ATOM   408  C  CD1   . LEU A 1 52  ? 8.210   -15.910 3.464   1.00 22.72  ? 52   LEU A CD1   1 
ATOM   409  C  CD2   . LEU A 1 52  ? 6.814   -16.267 1.414   1.00 23.36  ? 52   LEU A CD2   1 
ATOM   410  N  N     . LEU A 1 53  ? 5.194   -13.086 4.416   1.00 12.87  ? 53   LEU A N     1 
ATOM   411  C  CA    . LEU A 1 53  ? 4.717   -11.921 3.667   1.00 12.64  ? 53   LEU A CA    1 
ATOM   412  C  C     . LEU A 1 53  ? 5.522   -11.870 2.356   1.00 13.53  ? 53   LEU A C     1 
ATOM   413  O  O     . LEU A 1 53  ? 6.735   -11.772 2.455   1.00 14.00  ? 53   LEU A O     1 
ATOM   414  C  CB    . LEU A 1 53  ? 4.940   -10.633 4.445   1.00 13.32  ? 53   LEU A CB    1 
ATOM   415  C  CG    . LEU A 1 53  ? 4.197   -10.555 5.781   1.00 14.03  ? 53   LEU A CG    1 
ATOM   416  C  CD1   . LEU A 1 53  ? 4.339   -9.169  6.366   1.00 15.22  ? 53   LEU A CD1   1 
ATOM   417  C  CD2   . LEU A 1 53  ? 2.729   -10.949 5.576   1.00 17.70  ? 53   LEU A CD2   1 
ATOM   418  N  N     . ASP A 1 54  ? 4.861   -11.964 1.227   1.00 12.37  ? 54   ASP A N     1 
ATOM   419  C  CA    . ASP A 1 54  ? 5.502   -11.901 -0.095  1.00 14.18  ? 54   ASP A CA    1 
ATOM   420  C  C     . ASP A 1 54  ? 5.105   -10.550 -0.658  1.00 13.20  ? 54   ASP A C     1 
ATOM   421  O  O     . ASP A 1 54  ? 4.009   -10.410 -1.158  1.00 16.56  ? 54   ASP A O     1 
ATOM   422  C  CB    . ASP A 1 54  ? 5.066   -13.098 -0.891  1.00 12.81  ? 54   ASP A CB    1 
ATOM   423  C  CG    . ASP A 1 54  ? 5.699   -13.287 -2.248  1.00 26.65  ? 54   ASP A CG    1 
ATOM   424  O  OD1   . ASP A 1 54  ? 6.514   -12.455 -2.673  1.00 27.48  ? 54   ASP A OD1   1 
ATOM   425  O  OD2   . ASP A 1 54  ? 5.301   -14.288 -2.888  1.00 33.05  ? 54   ASP A OD2   1 
ATOM   426  N  N     . ILE A 1 55  ? 5.959   -9.544  -0.475  1.00 13.29  ? 55   ILE A N     1 
ATOM   427  C  CA    . ILE A 1 55  ? 5.579   -8.167  -0.785  1.00 13.10  ? 55   ILE A CA    1 
ATOM   428  C  C     . ILE A 1 55  ? 6.261   -7.670  -2.055  1.00 12.82  ? 55   ILE A C     1 
ATOM   429  O  O     . ILE A 1 55  ? 7.475   -7.711  -2.162  1.00 16.38  ? 55   ILE A O     1 
ATOM   430  C  CB    . ILE A 1 55  ? 5.969   -7.206  0.350   1.00 13.83  ? 55   ILE A CB    1 
ATOM   431  C  CG1   . ILE A 1 55  ? 5.430   -7.660  1.712   1.00 12.46  ? 55   ILE A CG1   1 
ATOM   432  C  CG2   . ILE A 1 55  ? 5.528   -5.797  0.033   1.00 15.65  ? 55   ILE A CG2   1 
ATOM   433  C  CD1   . ILE A 1 55  ? 6.046   -6.912  2.881   1.00 17.30  ? 55   ILE A CD1   1 
ATOM   434  N  N     . LEU A 1 56  ? 5.432   -7.212  -2.964  1.00 14.91  ? 56   LEU A N     1 
ATOM   435  C  CA    . LEU A 1 56  ? 5.906   -6.511  -4.159  1.00 12.57  ? 56   LEU A CA    1 
ATOM   436  C  C     . LEU A 1 56  ? 5.717   -4.998  -4.075  1.00 14.01  ? 56   LEU A C     1 
ATOM   437  O  O     . LEU A 1 56  ? 4.621   -4.482  -3.940  1.00 14.85  ? 56   LEU A O     1 
ATOM   438  C  CB    . LEU A 1 56  ? 5.147   -7.015  -5.376  1.00 14.33  ? 56   LEU A CB    1 
ATOM   439  C  CG    . LEU A 1 56  ? 5.770   -6.528  -6.700  1.00 19.92  ? 56   LEU A CG    1 
ATOM   440  C  CD1   . LEU A 1 56  ? 7.052   -7.290  -6.985  1.00 20.97  ? 56   LEU A CD1   1 
ATOM   441  C  CD2   . LEU A 1 56  ? 4.721   -6.700  -7.768  1.00 22.92  ? 56   LEU A CD2   1 
ATOM   442  N  N     . ASP A 1 57  ? 6.878   -4.355  -4.182  1.00 15.74  ? 57   ASP A N     1 
ATOM   443  C  CA    . ASP A 1 57  ? 7.036   -2.905  -4.102  1.00 14.81  ? 57   ASP A CA    1 
ATOM   444  C  C     . ASP A 1 57  ? 7.145   -2.422  -5.534  1.00 14.58  ? 57   ASP A C     1 
ATOM   445  O  O     . ASP A 1 57  ? 8.154   -2.778  -6.158  1.00 16.29  ? 57   ASP A O     1 
ATOM   446  C  CB    . ASP A 1 57  ? 8.279   -2.585  -3.273  1.00 16.25  ? 57   ASP A CB    1 
ATOM   447  C  CG    . ASP A 1 57  ? 8.548   -1.097  -3.104  1.00 17.11  ? 57   ASP A CG    1 
ATOM   448  O  OD1   . ASP A 1 57  ? 7.573   -0.339  -3.278  1.00 14.76  ? 57   ASP A OD1   1 
ATOM   449  O  OD2   . ASP A 1 57  ? 9.698   -0.747  -2.783  1.00 15.83  ? 57   ASP A OD2   1 
ATOM   450  N  N     . THR A 1 58  ? 6.148   -1.693  -5.997  1.00 13.22  ? 58   THR A N     1 
ATOM   451  C  CA    . THR A 1 58  ? 6.046   -1.356  -7.416  1.00 15.66  ? 58   THR A CA    1 
ATOM   452  C  C     . THR A 1 58  ? 6.479   0.064   -7.752  1.00 18.10  ? 58   THR A C     1 
ATOM   453  O  O     . THR A 1 58  ? 6.727   0.891   -6.892  1.00 19.02  ? 58   THR A O     1 
ATOM   454  C  CB    . THR A 1 58  ? 4.588   -1.566  -7.857  1.00 14.29  ? 58   THR A CB    1 
ATOM   455  O  OG1   . THR A 1 58  ? 3.715   -0.598  -7.255  1.00 17.53  ? 58   THR A OG1   1 
ATOM   456  C  CG2   . THR A 1 58  ? 4.127   -2.938  -7.374  1.00 15.49  ? 58   THR A CG2   1 
ATOM   457  N  N     . ALA A 1 59  ? 6.551   0.300   -9.051  1.00 16.63  ? 59   ALA A N     1 
ATOM   458  C  CA    . ALA A 1 59  ? 6.958   1.570   -9.622  1.00 20.39  ? 59   ALA A CA    1 
ATOM   459  C  C     . ALA A 1 59  ? 5.783   2.521   -9.675  1.00 20.21  ? 59   ALA A C     1 
ATOM   460  O  O     . ALA A 1 59  ? 4.680   2.192   -10.131 1.00 19.02  ? 59   ALA A O     1 
ATOM   461  C  CB    . ALA A 1 59  ? 7.504   1.320   -11.034 1.00 21.56  ? 59   ALA A CB    1 
ATOM   462  N  N     . GLY A 1 60  ? 6.045   3.751   -9.203  1.00 16.96  ? 60   GLY A N     1 
ATOM   463  C  CA    . GLY A 1 60  ? 5.074   4.787   -9.507  1.00 17.17  ? 60   GLY A CA    1 
ATOM   464  C  C     . GLY A 1 60  ? 5.205   5.243   -10.961 1.00 22.61  ? 60   GLY A C     1 
ATOM   465  O  O     . GLY A 1 60  ? 4.250   5.819   -11.472 1.00 25.06  ? 60   GLY A O     1 
ATOM   466  N  N     . GLN A 1 61  ? 6.302   5.034   -11.684 1.00 27.70  ? 61   GLN A N     1 
ATOM   467  C  CA    . GLN A 1 61  ? 6.413   5.598   -13.036 1.00 33.77  ? 61   GLN A CA    1 
ATOM   468  C  C     . GLN A 1 61  ? 5.357   5.021   -13.984 1.00 38.68  ? 61   GLN A C     1 
ATOM   469  O  O     . GLN A 1 61  ? 5.272   3.800   -14.125 1.00 30.21  ? 61   GLN A O     1 
ATOM   470  C  CB    C GLN A 1 61  ? 7.774   5.391   -13.684 0.42 35.52  ? 61   GLN A CB    1 
ATOM   471  C  CB    D GLN A 1 61  ? 7.822   5.383   -13.600 0.58 35.47  ? 61   GLN A CB    1 
ATOM   472  C  CG    C GLN A 1 61  ? 8.826   4.545   -13.017 0.42 35.55  ? 61   GLN A CG    1 
ATOM   473  C  CG    D GLN A 1 61  ? 8.771   6.517   -13.229 0.58 38.61  ? 61   GLN A CG    1 
ATOM   474  C  CD    C GLN A 1 61  ? 10.243  4.951   -13.372 0.42 37.41  ? 61   GLN A CD    1 
ATOM   475  C  CD    D GLN A 1 61  ? 9.996   6.632   -14.109 0.58 41.87  ? 61   GLN A CD    1 
ATOM   476  O  OE1   C GLN A 1 61  ? 11.203  4.713   -12.635 0.42 33.60  ? 61   GLN A OE1   1 
ATOM   477  O  OE1   D GLN A 1 61  ? 11.067  6.097   -13.810 0.58 42.98  ? 61   GLN A OE1   1 
ATOM   478  N  NE2   C GLN A 1 61  ? 10.409  5.578   -14.538 0.42 42.33  ? 61   GLN A NE2   1 
ATOM   479  N  NE2   D GLN A 1 61  ? 9.869   7.344   -15.222 0.58 53.26  ? 61   GLN A NE2   1 
ATOM   480  N  N     . GLU A 1 62  ? 4.604   5.918   -14.610 1.00 42.16  ? 62   GLU A N     1 
ATOM   481  C  CA    . GLU A 1 62  ? 3.514   5.608   -15.525 1.00 45.52  ? 62   GLU A CA    1 
ATOM   482  C  C     . GLU A 1 62  ? 4.006   4.861   -16.758 1.00 44.26  ? 62   GLU A C     1 
ATOM   483  O  O     . GLU A 1 62  ? 3.266   4.208   -17.494 1.00 52.81  ? 62   GLU A O     1 
ATOM   484  C  CB    . GLU A 1 62  ? 2.797   6.894   -15.945 0.00 100.06 ? 62   GLU A CB    1 
ATOM   485  C  CG    . GLU A 1 62  ? 2.457   6.947   -17.422 0.00 100.72 ? 62   GLU A CG    1 
ATOM   486  C  CD    . GLU A 1 62  ? 1.180   6.215   -17.782 0.00 100.24 ? 62   GLU A CD    1 
ATOM   487  O  OE1   . GLU A 1 62  ? 0.872   5.196   -17.125 0.00 100.61 ? 62   GLU A OE1   1 
ATOM   488  O  OE2   . GLU A 1 62  ? 0.483   6.648   -18.727 0.00 100.43 ? 62   GLU A OE2   1 
ATOM   489  N  N     . GLU A 1 63  ? 5.310   4.930   -16.994 1.00 45.58  ? 63   GLU A N     1 
ATOM   490  C  CA    . GLU A 1 63  ? 5.921   4.225   -18.115 1.00 49.10  ? 63   GLU A CA    1 
ATOM   491  C  C     . GLU A 1 63  ? 6.163   2.761   -17.777 1.00 52.01  ? 63   GLU A C     1 
ATOM   492  O  O     . GLU A 1 63  ? 6.990   2.076   -18.386 1.00 65.94  ? 63   GLU A O     1 
ATOM   493  C  CB    C GLU A 1 63  ? 7.243   4.881   -18.517 0.42 51.59  ? 63   GLU A CB    1 
ATOM   494  C  CB    D GLU A 1 63  ? 7.193   4.985   -18.522 0.58 52.62  ? 63   GLU A CB    1 
ATOM   495  C  CG    C GLU A 1 63  ? 7.353   6.361   -18.186 0.42 51.46  ? 63   GLU A CG    1 
ATOM   496  C  CG    D GLU A 1 63  ? 6.882   6.280   -19.261 0.58 52.87  ? 63   GLU A CG    1 
ATOM   497  C  CD    C GLU A 1 63  ? 7.789   6.596   -16.753 0.42 48.44  ? 63   GLU A CD    1 
ATOM   498  C  CD    D GLU A 1 63  ? 7.758   7.467   -18.935 0.58 51.72  ? 63   GLU A CD    1 
ATOM   499  O  OE1   C GLU A 1 63  ? 8.843   6.053   -16.365 0.42 44.99  ? 63   GLU A OE1   1 
ATOM   500  O  OE1   D GLU A 1 63  ? 8.936   7.275   -18.574 0.58 52.40  ? 63   GLU A OE1   1 
ATOM   501  O  OE2   C GLU A 1 63  ? 7.068   7.318   -16.033 0.42 47.53  ? 63   GLU A OE2   1 
ATOM   502  O  OE2   D GLU A 1 63  ? 7.285   8.622   -19.051 0.58 48.47  ? 63   GLU A OE2   1 
ATOM   503  N  N     . TYR A 1 64  ? 5.434   2.231   -16.790 1.00 49.76  ? 64   TYR A N     1 
ATOM   504  C  CA    . TYR A 1 64  ? 5.588   0.836   -16.415 1.00 45.87  ? 64   TYR A CA    1 
ATOM   505  C  C     . TYR A 1 64  ? 4.223   0.164   -16.280 1.00 45.46  ? 64   TYR A C     1 
ATOM   506  O  O     . TYR A 1 64  ? 4.085   -0.734  -15.453 1.00 38.25  ? 64   TYR A O     1 
ATOM   507  C  CB    . TYR A 1 64  ? 6.343   0.669   -15.107 1.00 45.52  ? 64   TYR A CB    1 
ATOM   508  C  CG    . TYR A 1 64  ? 7.840   0.797   -15.189 1.00 47.59  ? 64   TYR A CG    1 
ATOM   509  C  CD1   . TYR A 1 64  ? 8.601   0.277   -16.226 1.00 48.39  ? 64   TYR A CD1   1 
ATOM   510  C  CD2   . TYR A 1 64  ? 8.498   1.474   -14.170 1.00 49.02  ? 64   TYR A CD2   1 
ATOM   511  C  CE1   . TYR A 1 64  ? 9.979   0.425   -16.248 1.00 48.82  ? 64   TYR A CE1   1 
ATOM   512  C  CE2   . TYR A 1 64  ? 9.868   1.625   -14.188 1.00 49.53  ? 64   TYR A CE2   1 
ATOM   513  C  CZ    . TYR A 1 64  ? 10.601  1.099   -15.226 1.00 47.48  ? 64   TYR A CZ    1 
ATOM   514  O  OH    . TYR A 1 64  ? 11.961  1.269   -15.207 1.00 57.06  ? 64   TYR A OH    1 
ATOM   515  N  N     . SER A 1 65  ? 3.280   0.610   -17.083 1.00 52.94  ? 65   SER A N     1 
ATOM   516  C  CA    . SER A 1 65  ? 1.923   0.088   -17.149 1.00 56.35  ? 65   SER A CA    1 
ATOM   517  C  C     . SER A 1 65  ? 1.836   -1.429  -17.280 1.00 57.39  ? 65   SER A C     1 
ATOM   518  O  O     . SER A 1 65  ? 1.215   -2.083  -16.441 1.00 72.18  ? 65   SER A O     1 
ATOM   519  C  CB    . SER A 1 65  ? 1.194   0.696   -18.357 1.00 57.67  ? 65   SER A CB    1 
ATOM   520  O  OG    . SER A 1 65  ? 1.990   0.542   -19.523 1.00 64.55  ? 65   SER A OG    1 
ATOM   521  N  N     . ALA A 1 66  ? 2.431   -1.965  -18.334 1.00 53.69  ? 66   ALA A N     1 
ATOM   522  C  CA    . ALA A 1 66  ? 2.333   -3.370  -18.695 1.00 52.91  ? 66   ALA A CA    1 
ATOM   523  C  C     . ALA A 1 66  ? 2.735   -4.273  -17.541 1.00 50.80  ? 66   ALA A C     1 
ATOM   524  O  O     . ALA A 1 66  ? 2.077   -5.273  -17.252 1.00 66.40  ? 66   ALA A O     1 
ATOM   525  C  CB    . ALA A 1 66  ? 3.198   -3.687  -19.910 1.00 61.29  ? 66   ALA A CB    1 
ATOM   526  N  N     . MET A 1 67  ? 3.820   -3.912  -16.857 1.00 44.74  ? 67   MET A N     1 
ATOM   527  C  CA    . MET A 1 67  ? 4.217   -4.669  -15.674 1.00 41.20  ? 67   MET A CA    1 
ATOM   528  C  C     . MET A 1 67  ? 3.067   -4.737  -14.667 1.00 40.16  ? 67   MET A C     1 
ATOM   529  O  O     . MET A 1 67  ? 3.005   -5.720  -13.918 1.00 44.55  ? 67   MET A O     1 
ATOM   530  C  CB    . MET A 1 67  ? 5.437   -4.039  -15.011 1.00 42.38  ? 67   MET A CB    1 
ATOM   531  C  CG    . MET A 1 67  ? 6.741   -4.815  -15.120 1.00 45.46  ? 67   MET A CG    1 
ATOM   532  S  SD    . MET A 1 67  ? 8.167   -3.785  -14.675 1.00 81.79  ? 67   MET A SD    1 
ATOM   533  C  CE    . MET A 1 67  ? 7.445   -2.792  -13.368 1.00 90.91  ? 67   MET A CE    1 
ATOM   534  N  N     . ARG A 1 68  ? 2.203   -3.722  -14.650 1.00 38.99  ? 68   ARG A N     1 
ATOM   535  C  CA    . ARG A 1 68  ? 1.137   -3.592  -13.668 1.00 35.30  ? 68   ARG A CA    1 
ATOM   536  C  C     . ARG A 1 68  ? 0.103   -4.715  -13.740 1.00 26.37  ? 68   ARG A C     1 
ATOM   537  O  O     . ARG A 1 68  ? -0.115  -5.312  -12.691 1.00 32.07  ? 68   ARG A O     1 
ATOM   538  C  CB    . ARG A 1 68  ? 0.364   -2.283  -13.782 1.00 36.50  ? 68   ARG A CB    1 
ATOM   539  C  CG    . ARG A 1 68  ? 0.997   -1.016  -13.246 1.00 37.51  ? 68   ARG A CG    1 
ATOM   540  C  CD    . ARG A 1 68  ? -0.105  0.038   -13.098 1.00 37.98  ? 68   ARG A CD    1 
ATOM   541  N  NE    . ARG A 1 68  ? 0.451   1.330   -12.719 1.00 42.30  ? 68   ARG A NE    1 
ATOM   542  C  CZ    . ARG A 1 68  ? 1.017   2.166   -13.578 1.00 45.44  ? 68   ARG A CZ    1 
ATOM   543  N  NH1   . ARG A 1 68  ? 1.098   1.834   -14.859 1.00 54.90  ? 68   ARG A NH1   1 
ATOM   544  N  NH2   . ARG A 1 68  ? 1.505   3.328   -13.178 1.00 40.91  ? 68   ARG A NH2   1 
ATOM   545  N  N     . ASP A 1 69  ? -0.545  -4.994  -14.870 1.00 28.13  ? 69   ASP A N     1 
ATOM   546  C  CA    . ASP A 1 69  ? -1.581  -6.023  -14.880 1.00 27.47  ? 69   ASP A CA    1 
ATOM   547  C  C     . ASP A 1 69  ? -1.057  -7.355  -14.335 1.00 28.52  ? 69   ASP A C     1 
ATOM   548  O  O     . ASP A 1 69  ? -1.706  -8.057  -13.584 1.00 25.25  ? 69   ASP A O     1 
ATOM   549  C  CB    . ASP A 1 69  ? -2.112  -6.314  -16.275 1.00 26.57  ? 69   ASP A CB    1 
ATOM   550  C  CG    . ASP A 1 69  ? -2.963  -5.212  -16.840 1.00 33.23  ? 69   ASP A CG    1 
ATOM   551  O  OD1   . ASP A 1 69  ? -3.030  -4.134  -16.220 1.00 34.67  ? 69   ASP A OD1   1 
ATOM   552  O  OD2   . ASP A 1 69  ? -3.557  -5.450  -17.915 1.00 44.75  ? 69   ASP A OD2   1 
ATOM   553  N  N     . GLN A 1 70  ? 0.167   -7.667  -14.757 1.00 32.25  ? 70   GLN A N     1 
ATOM   554  C  CA    . GLN A 1 70  ? 0.815   -8.885  -14.297 1.00 31.41  ? 70   GLN A CA    1 
ATOM   555  C  C     . GLN A 1 70  ? 0.799   -9.032  -12.783 1.00 26.04  ? 70   GLN A C     1 
ATOM   556  O  O     . GLN A 1 70  ? 0.396   -10.063 -12.255 1.00 32.28  ? 70   GLN A O     1 
ATOM   557  C  CB    . GLN A 1 70  ? 2.265   -8.906  -14.821 1.00 35.94  ? 70   GLN A CB    1 
ATOM   558  C  CG    . GLN A 1 70  ? 2.872   -10.285 -14.610 1.00 41.00  ? 70   GLN A CG    1 
ATOM   559  C  CD    . GLN A 1 70  ? 3.915   -10.640 -15.651 1.00 39.54  ? 70   GLN A CD    1 
ATOM   560  O  OE1   . GLN A 1 70  ? 4.760   -9.826  -16.013 1.00 49.32  ? 70   GLN A OE1   1 
ATOM   561  N  NE2   . GLN A 1 70  ? 3.811   -11.883 -16.100 1.00 40.06  ? 70   GLN A NE2   1 
ATOM   562  N  N     . TYR A 1 71  ? 1.231   -8.003  -12.056 1.00 29.30  ? 71   TYR A N     1 
ATOM   563  C  CA    . TYR A 1 71  ? 1.370   -8.123  -10.610 1.00 25.65  ? 71   TYR A CA    1 
ATOM   564  C  C     . TYR A 1 71  ? 0.048   -7.886  -9.912  1.00 24.36  ? 71   TYR A C     1 
ATOM   565  O  O     . TYR A 1 71  ? -0.177  -8.313  -8.788  1.00 24.09  ? 71   TYR A O     1 
ATOM   566  C  CB    . TYR A 1 71  ? 2.392   -7.152  -10.037 1.00 32.34  ? 71   TYR A CB    1 
ATOM   567  C  CG    . TYR A 1 71  ? 2.232   -5.658  -10.051 1.00 30.72  ? 71   TYR A CG    1 
ATOM   568  C  CD1   . TYR A 1 71  ? 1.289   -4.914  -9.353  1.00 27.90  ? 71   TYR A CD1   1 
ATOM   569  C  CD2   . TYR A 1 71  ? 3.123   -4.929  -10.841 1.00 31.47  ? 71   TYR A CD2   1 
ATOM   570  C  CE1   . TYR A 1 71  ? 1.214   -3.538  -9.421  1.00 31.39  ? 71   TYR A CE1   1 
ATOM   571  C  CE2   . TYR A 1 71  ? 3.070   -3.558  -10.930 1.00 31.18  ? 71   TYR A CE2   1 
ATOM   572  C  CZ    . TYR A 1 71  ? 2.114   -2.863  -10.221 1.00 28.33  ? 71   TYR A CZ    1 
ATOM   573  O  OH    . TYR A 1 71  ? 2.058   -1.500  -10.307 1.00 31.71  ? 71   TYR A OH    1 
ATOM   574  N  N     . MET A 1 72  ? -0.799  -7.133  -10.627 1.00 25.52  ? 72   MET A N     1 
ATOM   575  C  CA    . MET A 1 72  ? -2.102  -6.932  -9.986  1.00 23.44  ? 72   MET A CA    1 
ATOM   576  C  C     . MET A 1 72  ? -2.823  -8.272  -10.005 1.00 25.60  ? 72   MET A C     1 
ATOM   577  O  O     . MET A 1 72  ? -3.484  -8.582  -9.016  1.00 27.90  ? 72   MET A O     1 
ATOM   578  C  CB    . MET A 1 72  ? -2.898  -5.816  -10.644 1.00 21.22  ? 72   MET A CB    1 
ATOM   579  C  CG    . MET A 1 72  ? -2.203  -4.449  -10.567 1.00 24.03  ? 72   MET A CG    1 
ATOM   580  S  SD    . MET A 1 72  ? -3.208  -3.171  -11.388 1.00 23.14  ? 72   MET A SD    1 
ATOM   581  C  CE    . MET A 1 72  ? -2.532  -1.722  -10.578 1.00 24.46  ? 72   MET A CE    1 
ATOM   582  N  N     . ARG A 1 73  ? -2.707  -9.098  -11.055 1.00 22.61  ? 73   ARG A N     1 
ATOM   583  C  CA    . ARG A 1 73  ? -3.413  -10.379 -11.007 1.00 19.48  ? 73   ARG A CA    1 
ATOM   584  C  C     . ARG A 1 73  ? -2.996  -11.317 -9.889  1.00 17.48  ? 73   ARG A C     1 
ATOM   585  O  O     . ARG A 1 73  ? -3.815  -11.976 -9.249  1.00 24.81  ? 73   ARG A O     1 
ATOM   586  C  CB    . ARG A 1 73  ? -3.217  -11.184 -12.318 1.00 25.01  ? 73   ARG A CB    1 
ATOM   587  C  CG    . ARG A 1 73  ? -4.486  -11.241 -13.118 1.00 29.46  ? 73   ARG A CG    1 
ATOM   588  C  CD    . ARG A 1 73  ? -4.384  -12.028 -14.417 1.00 29.09  ? 73   ARG A CD    1 
ATOM   589  N  NE    . ARG A 1 73  ? -3.489  -11.355 -15.320 1.00 40.06  ? 73   ARG A NE    1 
ATOM   590  C  CZ    . ARG A 1 73  ? -3.567  -10.391 -16.200 1.00 35.75  ? 73   ARG A CZ    1 
ATOM   591  N  NH1   . ARG A 1 73  ? -4.683  -9.748  -16.466 1.00 30.12  ? 73   ARG A NH1   1 
ATOM   592  N  NH2   . ARG A 1 73  ? -2.448  -10.067 -16.840 1.00 41.71  ? 73   ARG A NH2   1 
ATOM   593  N  N     . THR A 1 74  ? -1.701  -11.399 -9.620  1.00 20.34  ? 74   THR A N     1 
ATOM   594  C  CA    . THR A 1 74  ? -1.335  -12.384 -8.599  1.00 24.46  ? 74   THR A CA    1 
ATOM   595  C  C     . THR A 1 74  ? -1.403  -11.810 -7.192  1.00 23.43  ? 74   THR A C     1 
ATOM   596  O  O     . THR A 1 74  ? -1.500  -12.566 -6.204  1.00 21.04  ? 74   THR A O     1 
ATOM   597  C  CB    A THR A 1 74  ? 0.082   -12.930 -8.860  0.60 27.67  ? 74   THR A CB    1 
ATOM   598  C  CB    B THR A 1 74  ? 0.060   -12.957 -8.911  0.40 27.41  ? 74   THR A CB    1 
ATOM   599  O  OG1   A THR A 1 74  ? 0.378   -13.938 -7.892  0.60 27.66  ? 74   THR A OG1   1 
ATOM   600  O  OG1   B THR A 1 74  ? 0.927   -11.917 -9.377  0.40 31.43  ? 74   THR A OG1   1 
ATOM   601  C  CG2   A THR A 1 74  ? 1.113   -11.825 -8.681  0.60 32.56  ? 74   THR A CG2   1 
ATOM   602  C  CG2   B THR A 1 74  ? -0.051  -13.965 -10.047 0.40 24.11  ? 74   THR A CG2   1 
ATOM   603  N  N     . GLY A 1 75  ? -1.392  -10.490 -7.015  1.00 18.66  ? 75   GLY A N     1 
ATOM   604  C  CA    . GLY A 1 75  ? -1.518  -10.072 -5.614  1.00 16.45  ? 75   GLY A CA    1 
ATOM   605  C  C     . GLY A 1 75  ? -2.844  -10.395 -5.008  1.00 15.65  ? 75   GLY A C     1 
ATOM   606  O  O     . GLY A 1 75  ? -3.913  -10.320 -5.601  1.00 17.22  ? 75   GLY A O     1 
ATOM   607  N  N     . GLU A 1 76  ? -2.881  -10.777 -3.724  1.00 12.48  ? 76   GLU A N     1 
ATOM   608  C  CA    . GLU A 1 76  ? -4.038  -11.047 -2.940  1.00 13.08  ? 76   GLU A CA    1 
ATOM   609  C  C     . GLU A 1 76  ? -4.543  -9.800  -2.216  1.00 15.69  ? 76   GLU A C     1 
ATOM   610  O  O     . GLU A 1 76  ? -5.735  -9.742  -1.910  1.00 12.85  ? 76   GLU A O     1 
ATOM   611  C  CB    . GLU A 1 76  ? -3.738  -12.096 -1.845  1.00 11.66  ? 76   GLU A CB    1 
ATOM   612  C  CG    . GLU A 1 76  ? -3.440  -13.464 -2.473  1.00 14.12  ? 76   GLU A CG    1 
ATOM   613  C  CD    . GLU A 1 76  ? -3.057  -14.412 -1.353  1.00 17.99  ? 76   GLU A CD    1 
ATOM   614  O  OE1   . GLU A 1 76  ? -1.869  -14.366 -0.973  1.00 15.64  ? 76   GLU A OE1   1 
ATOM   615  O  OE2   . GLU A 1 76  ? -3.927  -15.144 -0.827  1.00 19.74  ? 76   GLU A OE2   1 
ATOM   616  N  N     . GLY A 1 77  ? -3.630  -8.856  -1.928  1.00 10.26  ? 77   GLY A N     1 
ATOM   617  C  CA    . GLY A 1 77  ? -4.114  -7.691  -1.164  1.00 12.35  ? 77   GLY A CA    1 
ATOM   618  C  C     . GLY A 1 77  ? -3.277  -6.504  -1.627  1.00 9.69   ? 77   GLY A C     1 
ATOM   619  O  O     . GLY A 1 77  ? -2.129  -6.722  -1.996  1.00 11.05  ? 77   GLY A O     1 
ATOM   620  N  N     . PHE A 1 78  ? -3.863  -5.327  -1.569  1.00 9.47   ? 78   PHE A N     1 
ATOM   621  C  CA    . PHE A 1 78  ? -3.196  -4.135  -2.053  1.00 11.67  ? 78   PHE A CA    1 
ATOM   622  C  C     . PHE A 1 78  ? -3.171  -3.014  -1.034  1.00 10.84  ? 78   PHE A C     1 
ATOM   623  O  O     . PHE A 1 78  ? -4.242  -2.727  -0.500  1.00 12.79  ? 78   PHE A O     1 
ATOM   624  C  CB    . PHE A 1 78  ? -3.962  -3.626  -3.311  1.00 11.87  ? 78   PHE A CB    1 
ATOM   625  C  CG    . PHE A 1 78  ? -3.843  -4.668  -4.408  1.00 11.17  ? 78   PHE A CG    1 
ATOM   626  C  CD1   . PHE A 1 78  ? -4.708  -5.735  -4.479  1.00 12.75  ? 78   PHE A CD1   1 
ATOM   627  C  CD2   . PHE A 1 78  ? -2.820  -4.518  -5.344  1.00 12.67  ? 78   PHE A CD2   1 
ATOM   628  C  CE1   . PHE A 1 78  ? -4.533  -6.685  -5.494  1.00 12.99  ? 78   PHE A CE1   1 
ATOM   629  C  CE2   . PHE A 1 78  ? -2.654  -5.450  -6.369  1.00 14.69  ? 78   PHE A CE2   1 
ATOM   630  C  CZ    . PHE A 1 78  ? -3.519  -6.541  -6.400  1.00 12.02  ? 78   PHE A CZ    1 
ATOM   631  N  N     . LEU A 1 79  ? -1.994  -2.424  -0.841  1.00 11.09  ? 79   LEU A N     1 
ATOM   632  C  CA    . LEU A 1 79  ? -1.922  -1.141  -0.140  1.00 11.05  ? 79   LEU A CA    1 
ATOM   633  C  C     . LEU A 1 79  ? -1.960  -0.075  -1.234  1.00 11.22  ? 79   LEU A C     1 
ATOM   634  O  O     . LEU A 1 79  ? -1.040  -0.093  -2.087  1.00 13.26  ? 79   LEU A O     1 
ATOM   635  C  CB    . LEU A 1 79  ? -0.656  -0.912  0.667   1.00 10.99  ? 79   LEU A CB    1 
ATOM   636  C  CG    . LEU A 1 79  ? -0.428  -1.832  1.864   1.00 12.10  ? 79   LEU A CG    1 
ATOM   637  C  CD1   . LEU A 1 79  ? 0.848   -1.384  2.580   1.00 13.97  ? 79   LEU A CD1   1 
ATOM   638  C  CD2   . LEU A 1 79  ? -1.622  -1.797  2.809   1.00 13.27  ? 79   LEU A CD2   1 
ATOM   639  N  N     . CYS A 1 80  ? -2.956  0.771   -1.234  1.00 12.52  ? 80   CYS A N     1 
ATOM   640  C  CA    . CYS A 1 80  ? -3.056  1.842   -2.205  1.00 11.05  ? 80   CYS A CA    1 
ATOM   641  C  C     . CYS A 1 80  ? -2.601  3.117   -1.488  1.00 10.67  ? 80   CYS A C     1 
ATOM   642  O  O     . CYS A 1 80  ? -3.377  3.608   -0.684  1.00 10.61  ? 80   CYS A O     1 
ATOM   643  C  CB    . CYS A 1 80  ? -4.511  1.965   -2.683  1.00 13.56  ? 80   CYS A CB    1 
ATOM   644  S  SG    . CYS A 1 80  ? -4.905  0.629   -3.846  1.00 19.28  ? 80   CYS A SG    1 
ATOM   645  N  N     . VAL A 1 81  ? -1.380  3.529   -1.765  1.00 10.79  ? 81   VAL A N     1 
ATOM   646  C  CA    . VAL A 1 81  ? -0.803  4.602   -0.965  1.00 10.45  ? 81   VAL A CA    1 
ATOM   647  C  C     . VAL A 1 81  ? -0.841  5.952   -1.637  1.00 14.72  ? 81   VAL A C     1 
ATOM   648  O  O     . VAL A 1 81  ? -0.542  6.025   -2.842  1.00 14.04  ? 81   VAL A O     1 
ATOM   649  C  CB    . VAL A 1 81  ? 0.686   4.272   -0.720  1.00 9.73   ? 81   VAL A CB    1 
ATOM   650  C  CG1   . VAL A 1 81  ? 1.282   5.310   0.206   1.00 11.81  ? 81   VAL A CG1   1 
ATOM   651  C  CG2   . VAL A 1 81  ? 0.805   2.895   -0.079  1.00 12.91  ? 81   VAL A CG2   1 
ATOM   652  N  N     . PHE A 1 82  ? -1.163  6.997   -0.885  1.00 11.27  ? 82   PHE A N     1 
ATOM   653  C  CA    . PHE A 1 82  ? -0.980  8.353   -1.404  1.00 10.25  ? 82   PHE A CA    1 
ATOM   654  C  C     . PHE A 1 82  ? -0.219  9.089   -0.288  1.00 9.31   ? 82   PHE A C     1 
ATOM   655  O  O     . PHE A 1 82  ? -0.057  8.545   0.829   1.00 11.03  ? 82   PHE A O     1 
ATOM   656  C  CB    . PHE A 1 82  ? -2.263  9.082   -1.750  1.00 10.67  ? 82   PHE A CB    1 
ATOM   657  C  CG    . PHE A 1 82  ? -3.159  9.334   -0.552  1.00 11.79  ? 82   PHE A CG    1 
ATOM   658  C  CD1   . PHE A 1 82  ? -4.008  8.334   -0.075  1.00 11.42  ? 82   PHE A CD1   1 
ATOM   659  C  CD2   . PHE A 1 82  ? -3.165  10.558  0.125   1.00 9.62   ? 82   PHE A CD2   1 
ATOM   660  C  CE1   . PHE A 1 82  ? -4.820  8.528   1.039   1.00 12.20  ? 82   PHE A CE1   1 
ATOM   661  C  CE2   . PHE A 1 82  ? -3.964  10.748  1.209   1.00 9.21   ? 82   PHE A CE2   1 
ATOM   662  C  CZ    . PHE A 1 82  ? -4.790  9.753   1.707   1.00 11.65  ? 82   PHE A CZ    1 
ATOM   663  N  N     . ALA A 1 83  ? 0.247   10.293  -0.563  1.00 10.01  ? 83   ALA A N     1 
ATOM   664  C  CA    . ALA A 1 83  ? 0.900   11.109  0.449   1.00 10.29  ? 83   ALA A CA    1 
ATOM   665  C  C     . ALA A 1 83  ? 0.000   12.259  0.871   1.00 12.19  ? 83   ALA A C     1 
ATOM   666  O  O     . ALA A 1 83  ? -0.622  12.913  0.027   1.00 12.89  ? 83   ALA A O     1 
ATOM   667  C  CB    . ALA A 1 83  ? 2.237   11.598  -0.091  1.00 13.58  ? 83   ALA A CB    1 
ATOM   668  N  N     . ILE A 1 84  ? -0.104  12.500  2.177   1.00 12.42  ? 84   ILE A N     1 
ATOM   669  C  CA    . ILE A 1 84  ? -1.073  13.500  2.642   1.00 11.03  ? 84   ILE A CA    1 
ATOM   670  C  C     . ILE A 1 84  ? -0.650  14.918  2.298   1.00 13.71  ? 84   ILE A C     1 
ATOM   671  O  O     . ILE A 1 84  ? -1.456  15.836  2.508   1.00 16.08  ? 84   ILE A O     1 
ATOM   672  C  CB    . ILE A 1 84  ? -1.312  13.349  4.161   1.00 14.23  ? 84   ILE A CB    1 
ATOM   673  C  CG1   . ILE A 1 84  ? -0.070  13.516  4.996   1.00 12.26  ? 84   ILE A CG1   1 
ATOM   674  C  CG2   . ILE A 1 84  ? -1.930  11.981  4.439   1.00 13.74  ? 84   ILE A CG2   1 
ATOM   675  C  CD1   . ILE A 1 84  ? 0.420   14.871  5.413   1.00 18.34  ? 84   ILE A CD1   1 
ATOM   676  N  N     . ASN A 1 85  ? 0.561   15.102  1.779   1.00 13.18  ? 85   ASN A N     1 
ATOM   677  C  CA    . ASN A 1 85  ? 0.927   16.442  1.291   1.00 16.65  ? 85   ASN A CA    1 
ATOM   678  C  C     . ASN A 1 85  ? 0.968   16.549  -0.226  1.00 15.72  ? 85   ASN A C     1 
ATOM   679  O  O     . ASN A 1 85  ? 1.559   17.475  -0.800  1.00 15.07  ? 85   ASN A O     1 
ATOM   680  C  CB    . ASN A 1 85  ? 2.289   16.824  1.898   1.00 15.15  ? 85   ASN A CB    1 
ATOM   681  C  CG    . ASN A 1 85  ? 3.399   15.987  1.312   1.00 18.38  ? 85   ASN A CG    1 
ATOM   682  O  OD1   . ASN A 1 85  ? 3.179   14.855  0.878   1.00 18.64  ? 85   ASN A OD1   1 
ATOM   683  N  ND2   . ASN A 1 85  ? 4.633   16.486  1.265   1.00 19.53  ? 85   ASN A ND2   1 
ATOM   684  N  N     . ASN A 1 86  ? 0.326   15.611  -0.922  1.00 15.28  ? 86   ASN A N     1 
ATOM   685  C  CA    . ASN A 1 86  ? 0.347   15.576  -2.377  1.00 17.49  ? 86   ASN A CA    1 
ATOM   686  C  C     . ASN A 1 86  ? -1.045  15.218  -2.882  1.00 16.36  ? 86   ASN A C     1 
ATOM   687  O  O     . ASN A 1 86  ? -1.458  14.053  -2.931  1.00 14.87  ? 86   ASN A O     1 
ATOM   688  C  CB    . ASN A 1 86  ? 1.407   14.570  -2.791  1.00 16.73  ? 86   ASN A CB    1 
ATOM   689  C  CG    . ASN A 1 86  ? 1.521   14.296  -4.271  1.00 23.64  ? 86   ASN A CG    1 
ATOM   690  O  OD1   . ASN A 1 86  ? 0.725   14.752  -5.083  1.00 20.03  ? 86   ASN A OD1   1 
ATOM   691  N  ND2   . ASN A 1 86  ? 2.548   13.510  -4.595  1.00 27.65  ? 86   ASN A ND2   1 
ATOM   692  N  N     . THR A 1 87  ? -1.798  16.262  -3.240  1.00 16.47  ? 87   THR A N     1 
ATOM   693  C  CA    . THR A 1 87  ? -3.189  16.031  -3.638  1.00 14.31  ? 87   THR A CA    1 
ATOM   694  C  C     . THR A 1 87  ? -3.280  15.194  -4.897  1.00 11.55  ? 87   THR A C     1 
ATOM   695  O  O     . THR A 1 87  ? -4.162  14.361  -5.024  1.00 14.70  ? 87   THR A O     1 
ATOM   696  C  CB    . THR A 1 87  ? -3.906  17.399  -3.795  1.00 19.29  ? 87   THR A CB    1 
ATOM   697  O  OG1   . THR A 1 87  ? -3.924  18.027  -2.498  1.00 22.18  ? 87   THR A OG1   1 
ATOM   698  C  CG2   . THR A 1 87  ? -5.346  17.222  -4.226  1.00 27.42  ? 87   THR A CG2   1 
ATOM   699  N  N     . LYS A 1 88  ? -2.384  15.410  -5.856  1.00 15.29  ? 88   LYS A N     1 
ATOM   700  C  CA    . LYS A 1 88  ? -2.410  14.629  -7.092  1.00 16.32  ? 88   LYS A CA    1 
ATOM   701  C  C     . LYS A 1 88  ? -2.296  13.143  -6.754  1.00 17.91  ? 88   LYS A C     1 
ATOM   702  O  O     . LYS A 1 88  ? -3.011  12.360  -7.363  1.00 16.91  ? 88   LYS A O     1 
ATOM   703  C  CB    . LYS A 1 88  ? -1.302  15.088  -8.037  1.00 19.82  ? 88   LYS A CB    1 
ATOM   704  C  CG    . LYS A 1 88  ? -1.112  14.243  -9.282  1.00 27.32  ? 88   LYS A CG    1 
ATOM   705  C  CD    . LYS A 1 88  ? -0.229  14.994  -10.269 1.00 41.23  ? 88   LYS A CD    1 
ATOM   706  C  CE    . LYS A 1 88  ? 0.791   14.078  -10.927 1.00 48.06  ? 88   LYS A CE    1 
ATOM   707  N  NZ    . LYS A 1 88  ? 2.160   14.664  -10.927 1.00 67.59  ? 88   LYS A NZ    1 
ATOM   708  N  N     . SER A 1 89  ? -1.441  12.736  -5.804  1.00 17.72  ? 89   SER A N     1 
ATOM   709  C  CA    . SER A 1 89  ? -1.304  11.324  -5.455  1.00 15.06  ? 89   SER A CA    1 
ATOM   710  C  C     . SER A 1 89  ? -2.620  10.782  -4.906  1.00 14.32  ? 89   SER A C     1 
ATOM   711  O  O     . SER A 1 89  ? -2.924  9.604   -5.098  1.00 14.45  ? 89   SER A O     1 
ATOM   712  C  CB    . SER A 1 89  ? -0.192  11.073  -4.425  1.00 13.09  ? 89   SER A CB    1 
ATOM   713  O  OG    . SER A 1 89  ? -0.468  11.612  -3.117  1.00 12.44  ? 89   SER A OG    1 
ATOM   714  N  N     . PHE A 1 90  ? -3.403  11.601  -4.218  1.00 14.43  ? 90   PHE A N     1 
ATOM   715  C  CA    . PHE A 1 90  ? -4.712  11.196  -3.709  1.00 12.48  ? 90   PHE A CA    1 
ATOM   716  C  C     . PHE A 1 90  ? -5.706  11.001  -4.845  1.00 18.73  ? 90   PHE A C     1 
ATOM   717  O  O     . PHE A 1 90  ? -6.495  10.056  -4.960  1.00 19.46  ? 90   PHE A O     1 
ATOM   718  C  CB    . PHE A 1 90  ? -5.223  12.254  -2.730  1.00 15.21  ? 90   PHE A CB    1 
ATOM   719  C  CG    . PHE A 1 90  ? -6.579  11.960  -2.099  1.00 12.63  ? 90   PHE A CG    1 
ATOM   720  C  CD1   . PHE A 1 90  ? -6.786  10.806  -1.347  1.00 13.47  ? 90   PHE A CD1   1 
ATOM   721  C  CD2   . PHE A 1 90  ? -7.637  12.850  -2.256  1.00 18.06  ? 90   PHE A CD2   1 
ATOM   722  C  CE1   . PHE A 1 90  ? -8.020  10.551  -0.793  1.00 15.54  ? 90   PHE A CE1   1 
ATOM   723  C  CE2   . PHE A 1 90  ? -8.868  12.595  -1.678  1.00 20.76  ? 90   PHE A CE2   1 
ATOM   724  C  CZ    . PHE A 1 90  ? -9.076  11.430  -0.934  1.00 15.95  ? 90   PHE A CZ    1 
ATOM   725  N  N     . GLU A 1 91  ? -5.651  11.976  -5.746  1.00 21.39  ? 91   GLU A N     1 
ATOM   726  C  CA    . GLU A 1 91  ? -6.569  11.922  -6.891  1.00 23.20  ? 91   GLU A CA    1 
ATOM   727  C  C     . GLU A 1 91  ? -6.227  10.701  -7.725  1.00 20.67  ? 91   GLU A C     1 
ATOM   728  O  O     . GLU A 1 91  ? -7.109  10.051  -8.306  1.00 26.14  ? 91   GLU A O     1 
ATOM   729  C  CB    . GLU A 1 91  ? -6.489  13.250  -7.640  1.00 24.19  ? 91   GLU A CB    1 
ATOM   730  C  CG    . GLU A 1 91  ? -7.104  14.455  -6.934  1.00 32.50  ? 91   GLU A CG    1 
ATOM   731  C  CD    . GLU A 1 91  ? -6.750  15.790  -7.575  1.00 37.50  ? 91   GLU A CD    1 
ATOM   732  O  OE1   . GLU A 1 91  ? -6.091  15.757  -8.635  1.00 39.43  ? 91   GLU A OE1   1 
ATOM   733  O  OE2   . GLU A 1 91  ? -7.100  16.866  -7.043  1.00 37.36  ? 91   GLU A OE2   1 
ATOM   734  N  N     . ASP A 1 92  ? -4.953  10.302  -7.787  1.00 19.78  ? 92   ASP A N     1 
ATOM   735  C  CA    . ASP A 1 92  ? -4.555  9.140   -8.560  1.00 16.82  ? 92   ASP A CA    1 
ATOM   736  C  C     . ASP A 1 92  ? -5.096  7.822   -8.007  1.00 20.60  ? 92   ASP A C     1 
ATOM   737  O  O     . ASP A 1 92  ? -5.089  6.791   -8.686  1.00 18.19  ? 92   ASP A O     1 
ATOM   738  C  CB    . ASP A 1 92  ? -3.032  8.966   -8.623  1.00 22.42  ? 92   ASP A CB    1 
ATOM   739  C  CG    . ASP A 1 92  ? -2.331  9.959   -9.519  1.00 26.24  ? 92   ASP A CG    1 
ATOM   740  O  OD1   . ASP A 1 92  ? -2.985  10.607  -10.365 1.00 23.27  ? 92   ASP A OD1   1 
ATOM   741  O  OD2   . ASP A 1 92  ? -1.103  10.118  -9.390  1.00 29.36  ? 92   ASP A OD2   1 
ATOM   742  N  N     . ILE A 1 93  ? -5.502  7.796   -6.740  1.00 17.09  ? 93   ILE A N     1 
ATOM   743  C  CA    . ILE A 1 93  ? -5.868  6.532   -6.125  1.00 17.81  ? 93   ILE A CA    1 
ATOM   744  C  C     . ILE A 1 93  ? -6.994  5.841   -6.879  1.00 19.75  ? 93   ILE A C     1 
ATOM   745  O  O     . ILE A 1 93  ? -6.973  4.623   -6.998  1.00 19.28  ? 93   ILE A O     1 
ATOM   746  C  CB    . ILE A 1 93  ? -6.343  6.740   -4.668  1.00 16.26  ? 93   ILE A CB    1 
ATOM   747  C  CG1   . ILE A 1 93  ? -5.156  7.047   -3.741  1.00 16.10  ? 93   ILE A CG1   1 
ATOM   748  C  CG2   . ILE A 1 93  ? -7.183  5.579   -4.152  1.00 17.59  ? 93   ILE A CG2   1 
ATOM   749  C  CD1   . ILE A 1 93  ? -4.276  5.823   -3.522  1.00 18.53  ? 93   ILE A CD1   1 
ATOM   750  N  N     . HIS A 1 94  ? -7.941  6.631   -7.335  1.00 18.73  ? 94   HIS A N     1 
ATOM   751  C  CA    . HIS A 1 94  ? -9.056  6.095   -8.095  1.00 18.05  ? 94   HIS A CA    1 
ATOM   752  C  C     . HIS A 1 94  ? -8.574  5.287   -9.301  1.00 18.55  ? 94   HIS A C     1 
ATOM   753  O  O     . HIS A 1 94  ? -9.190  4.242   -9.593  1.00 24.98  ? 94   HIS A O     1 
ATOM   754  C  CB    . HIS A 1 94  ? -9.967  7.232   -8.546  1.00 19.91  ? 94   HIS A CB    1 
ATOM   755  C  CG    . HIS A 1 94  ? -11.122 6.774   -9.389  1.00 32.59  ? 94   HIS A CG    1 
ATOM   756  N  ND1   . HIS A 1 94  ? -12.261 6.189   -8.864  1.00 27.88  ? 94   HIS A ND1   1 
ATOM   757  C  CD2   . HIS A 1 94  ? -11.278 6.832   -10.739 1.00 32.66  ? 94   HIS A CD2   1 
ATOM   758  C  CE1   . HIS A 1 94  ? -13.075 5.907   -9.868  1.00 28.23  ? 94   HIS A CE1   1 
ATOM   759  N  NE2   . HIS A 1 94  ? -12.506 6.285   -10.997 1.00 31.72  ? 94   HIS A NE2   1 
ATOM   760  N  N     . GLN A 1 95  ? -7.536  5.720   -9.991  1.00 17.89  ? 95   GLN A N     1 
ATOM   761  C  CA    . GLN A 1 95  ? -7.048  5.003   -11.174 1.00 17.65  ? 95   GLN A CA    1 
ATOM   762  C  C     . GLN A 1 95  ? -6.402  3.691   -10.760 1.00 16.30  ? 95   GLN A C     1 
ATOM   763  O  O     . GLN A 1 95  ? -6.572  2.690   -11.456 1.00 15.46  ? 95   GLN A O     1 
ATOM   764  C  CB    . GLN A 1 95  ? -6.015  5.782   -11.994 1.00 23.17  ? 95   GLN A CB    1 
ATOM   765  C  CG    . GLN A 1 95  ? -6.515  7.172   -12.360 1.00 31.60  ? 95   GLN A CG    1 
ATOM   766  C  CD    . GLN A 1 95  ? -5.397  8.193   -12.186 1.00 44.47  ? 95   GLN A CD    1 
ATOM   767  O  OE1   . GLN A 1 95  ? -5.496  9.292   -12.722 1.00 49.01  ? 95   GLN A OE1   1 
ATOM   768  N  NE2   . GLN A 1 95  ? -4.362  7.802   -11.446 1.00 50.74  ? 95   GLN A NE2   1 
ATOM   769  N  N     . TYR A 1 96  ? -5.690  3.670   -9.618  1.00 13.93  ? 96   TYR A N     1 
ATOM   770  C  CA    . TYR A 1 96  ? -5.120  2.378   -9.225  1.00 16.37  ? 96   TYR A CA    1 
ATOM   771  C  C     . TYR A 1 96  ? -6.233  1.429   -8.791  1.00 14.27  ? 96   TYR A C     1 
ATOM   772  O  O     . TYR A 1 96  ? -6.260  0.251   -9.159  1.00 16.22  ? 96   TYR A O     1 
ATOM   773  C  CB    . TYR A 1 96  ? -4.116  2.519   -8.061  1.00 16.73  ? 96   TYR A CB    1 
ATOM   774  C  CG    . TYR A 1 96  ? -2.829  3.194   -8.495  1.00 20.84  ? 96   TYR A CG    1 
ATOM   775  C  CD1   . TYR A 1 96  ? -1.798  2.483   -9.085  1.00 25.62  ? 96   TYR A CD1   1 
ATOM   776  C  CD2   . TYR A 1 96  ? -2.693  4.563   -8.284  1.00 23.72  ? 96   TYR A CD2   1 
ATOM   777  C  CE1   . TYR A 1 96  ? -0.639  3.149   -9.461  1.00 27.92  ? 96   TYR A CE1   1 
ATOM   778  C  CE2   . TYR A 1 96  ? -1.541  5.236   -8.669  1.00 31.06  ? 96   TYR A CE2   1 
ATOM   779  C  CZ    . TYR A 1 96  ? -0.530  4.504   -9.255  1.00 29.01  ? 96   TYR A CZ    1 
ATOM   780  O  OH    . TYR A 1 96  ? 0.626   5.157   -9.642  1.00 33.72  ? 96   TYR A OH    1 
ATOM   781  N  N     . ARG A 1 97  ? -7.180  1.964   -8.012  1.00 13.70  ? 97   ARG A N     1 
ATOM   782  C  CA    . ARG A 1 97  ? -8.275  1.079   -7.579  1.00 14.88  ? 97   ARG A CA    1 
ATOM   783  C  C     . ARG A 1 97  ? -9.039  0.538   -8.795  1.00 13.52  ? 97   ARG A C     1 
ATOM   784  O  O     . ARG A 1 97  ? -9.356  -0.652  -8.895  1.00 17.51  ? 97   ARG A O     1 
ATOM   785  C  CB    . ARG A 1 97  ? -9.236  1.797   -6.618  1.00 17.99  ? 97   ARG A CB    1 
ATOM   786  C  CG    . ARG A 1 97  ? -10.373 0.848   -6.243  1.00 23.65  ? 97   ARG A CG    1 
ATOM   787  C  CD    . ARG A 1 97  ? -11.097 1.088   -4.946  1.00 20.76  ? 97   ARG A CD    1 
ATOM   788  N  NE    . ARG A 1 97  ? -12.413 0.413   -4.975  1.00 21.21  ? 97   ARG A NE    1 
ATOM   789  C  CZ    . ARG A 1 97  ? -12.616 -0.694  -4.277  1.00 27.34  ? 97   ARG A CZ    1 
ATOM   790  N  NH1   . ARG A 1 97  ? -11.568 -1.137  -3.573  1.00 30.74  ? 97   ARG A NH1   1 
ATOM   791  N  NH2   . ARG A 1 97  ? -13.773 -1.340  -4.262  1.00 26.00  ? 97   ARG A NH2   1 
ATOM   792  N  N     . GLU A 1 98  ? -9.337  1.398   -9.774  1.00 14.19  ? 98   GLU A N     1 
ATOM   793  C  CA    . GLU A 1 98  ? -10.094 0.866   -10.925 1.00 15.83  ? 98   GLU A CA    1 
ATOM   794  C  C     . GLU A 1 98  ? -9.289  -0.170  -11.705 1.00 17.06  ? 98   GLU A C     1 
ATOM   795  O  O     . GLU A 1 98  ? -9.900  -1.131  -12.209 1.00 17.47  ? 98   GLU A O     1 
ATOM   796  C  CB    . GLU A 1 98  ? -10.487 2.002   -11.876 1.00 19.51  ? 98   GLU A CB    1 
ATOM   797  C  CG    . GLU A 1 98  ? -11.661 2.825   -11.329 1.00 23.15  ? 98   GLU A CG    1 
ATOM   798  C  CD    . GLU A 1 98  ? -12.858 1.931   -11.067 1.00 30.20  ? 98   GLU A CD    1 
ATOM   799  O  OE1   . GLU A 1 98  ? -13.344 1.293   -12.032 1.00 32.56  ? 98   GLU A OE1   1 
ATOM   800  O  OE2   . GLU A 1 98  ? -13.331 1.831   -9.913  1.00 36.67  ? 98   GLU A OE2   1 
ATOM   801  N  N     . GLN A 1 99  ? -7.981  0.044   -11.819 1.00 14.97  ? 99   GLN A N     1 
ATOM   802  C  CA    . GLN A 1 99  ? -7.179  -0.910  -12.583 1.00 17.16  ? 99   GLN A CA    1 
ATOM   803  C  C     . GLN A 1 99  ? -7.135  -2.266  -11.865 1.00 19.64  ? 99   GLN A C     1 
ATOM   804  O  O     . GLN A 1 99  ? -7.231  -3.320  -12.490 1.00 18.99  ? 99   GLN A O     1 
ATOM   805  C  CB    . GLN A 1 99  ? -5.753  -0.435  -12.857 1.00 19.75  ? 99   GLN A CB    1 
ATOM   806  C  CG    . GLN A 1 99  ? -5.080  -1.344  -13.872 1.00 22.93  ? 99   GLN A CG    1 
ATOM   807  C  CD    . GLN A 1 99  ? -3.715  -0.890  -14.337 1.00 35.04  ? 99   GLN A CD    1 
ATOM   808  O  OE1   . GLN A 1 99  ? -3.089  0.005   -13.774 1.00 43.40  ? 99   GLN A OE1   1 
ATOM   809  N  NE2   . GLN A 1 99  ? -3.229  -1.529  -15.403 1.00 40.67  ? 99   GLN A NE2   1 
ATOM   810  N  N     . ILE A 1 100 ? -6.991  -2.229  -10.555 1.00 15.02  ? 100  ILE A N     1 
ATOM   811  C  CA    . ILE A 1 100 ? -6.948  -3.479  -9.775  1.00 13.23  ? 100  ILE A CA    1 
ATOM   812  C  C     . ILE A 1 100 ? -8.237  -4.252  -9.873  1.00 15.11  ? 100  ILE A C     1 
ATOM   813  O  O     . ILE A 1 100 ? -8.239  -5.475  -10.081 1.00 15.30  ? 100  ILE A O     1 
ATOM   814  C  CB    . ILE A 1 100 ? -6.638  -3.129  -8.291  1.00 12.20  ? 100  ILE A CB    1 
ATOM   815  C  CG1   . ILE A 1 100 ? -5.179  -2.680  -8.150  1.00 11.81  ? 100  ILE A CG1   1 
ATOM   816  C  CG2   . ILE A 1 100 ? -6.982  -4.295  -7.370  1.00 14.99  ? 100  ILE A CG2   1 
ATOM   817  C  CD1   . ILE A 1 100 ? -4.894  -1.999  -6.828  1.00 15.42  ? 100  ILE A CD1   1 
ATOM   818  N  N     . LYS A 1 101 ? -9.353  -3.518  -9.734  1.00 16.14  ? 101  LYS A N     1 
ATOM   819  C  CA    . LYS A 1 101 ? -10.665 -4.173  -9.850  1.00 16.78  ? 101  LYS A CA    1 
ATOM   820  C  C     . LYS A 1 101 ? -10.876 -4.836  -11.206 1.00 21.21  ? 101  LYS A C     1 
ATOM   821  O  O     . LYS A 1 101 ? -11.438 -5.937  -11.319 1.00 22.01  ? 101  LYS A O     1 
ATOM   822  C  CB    . LYS A 1 101 ? -11.766 -3.134  -9.632  1.00 18.44  ? 101  LYS A CB    1 
ATOM   823  C  CG    . LYS A 1 101 ? -11.833 -2.580  -8.230  1.00 20.69  ? 101  LYS A CG    1 
ATOM   824  C  CD    . LYS A 1 101 ? -12.868 -1.505  -7.986  1.00 26.07  ? 101  LYS A CD    1 
ATOM   825  C  CE    . LYS A 1 101 ? -13.573 -0.988  -9.224  1.00 31.60  ? 101  LYS A CE    1 
ATOM   826  N  NZ    . LYS A 1 101 ? -14.762 -0.155  -8.836  1.00 32.19  ? 101  LYS A NZ    1 
ATOM   827  N  N     . ARG A 1 102 ? -10.435 -4.142  -12.251 1.00 16.58  ? 102  ARG A N     1 
ATOM   828  C  CA    . ARG A 1 102 ? -10.621 -4.670  -13.608 1.00 22.62  ? 102  ARG A CA    1 
ATOM   829  C  C     . ARG A 1 102 ? -9.733  -5.868  -13.874 1.00 23.52  ? 102  ARG A C     1 
ATOM   830  O  O     . ARG A 1 102 ? -10.095 -6.920  -14.449 1.00 21.70  ? 102  ARG A O     1 
ATOM   831  C  CB    . ARG A 1 102 ? -10.349 -3.507  -14.577 1.00 27.28  ? 102  ARG A CB    1 
ATOM   832  C  CG    . ARG A 1 102 ? -9.894  -3.935  -15.961 1.00 36.72  ? 102  ARG A CG    1 
ATOM   833  C  CD    . ARG A 1 102 ? -9.830  -2.730  -16.891 1.00 42.66  ? 102  ARG A CD    1 
ATOM   834  N  NE    . ARG A 1 102 ? -8.615  -1.940  -16.791 1.00 43.25  ? 102  ARG A NE    1 
ATOM   835  C  CZ    . ARG A 1 102 ? -8.492  -0.740  -16.238 1.00 47.77  ? 102  ARG A CZ    1 
ATOM   836  N  NH1   . ARG A 1 102 ? -9.518  -0.112  -15.689 1.00 44.77  ? 102  ARG A NH1   1 
ATOM   837  N  NH2   . ARG A 1 102 ? -7.308  -0.133  -16.224 1.00 57.98  ? 102  ARG A NH2   1 
ATOM   838  N  N     . VAL A 1 103 ? -8.470  -5.786  -13.432 1.00 17.62  ? 103  VAL A N     1 
ATOM   839  C  CA    . VAL A 1 103 ? -7.694  -7.004  -13.740 1.00 21.04  ? 103  VAL A CA    1 
ATOM   840  C  C     . VAL A 1 103 ? -8.010  -8.138  -12.788 1.00 21.49  ? 103  VAL A C     1 
ATOM   841  O  O     . VAL A 1 103 ? -7.772  -9.311  -13.112 1.00 21.55  ? 103  VAL A O     1 
ATOM   842  C  CB    . VAL A 1 103 ? -6.189  -6.717  -13.791 1.00 27.17  ? 103  VAL A CB    1 
ATOM   843  C  CG1   . VAL A 1 103 ? -5.979  -5.237  -14.097 1.00 38.24  ? 103  VAL A CG1   1 
ATOM   844  C  CG2   . VAL A 1 103 ? -5.478  -7.141  -12.531 1.00 27.00  ? 103  VAL A CG2   1 
ATOM   845  N  N     . LYS A 1 104 ? -8.554  -7.871  -11.609 1.00 20.20  ? 104  LYS A N     1 
ATOM   846  C  CA    . LYS A 1 104 ? -8.898  -8.944  -10.676 1.00 17.38  ? 104  LYS A CA    1 
ATOM   847  C  C     . LYS A 1 104 ? -10.349 -9.386  -10.833 1.00 21.77  ? 104  LYS A C     1 
ATOM   848  O  O     . LYS A 1 104 ? -10.790 -10.286 -10.093 1.00 21.17  ? 104  LYS A O     1 
ATOM   849  C  CB    . LYS A 1 104 ? -8.610  -8.491  -9.240  1.00 20.18  ? 104  LYS A CB    1 
ATOM   850  C  CG    . LYS A 1 104 ? -7.108  -8.294  -9.018  1.00 23.43  ? 104  LYS A CG    1 
ATOM   851  C  CD    . LYS A 1 104 ? -6.672  -8.805  -7.665  1.00 31.26  ? 104  LYS A CD    1 
ATOM   852  C  CE    . LYS A 1 104 ? -6.946  -10.295 -7.521  1.00 35.12  ? 104  LYS A CE    1 
ATOM   853  N  NZ    . LYS A 1 104 ? -5.715  -11.093 -7.346  1.00 25.93  ? 104  LYS A NZ    1 
ATOM   854  N  N     . ASP A 1 105 ? -11.066 -8.773  -11.780 1.00 18.00  ? 105  ASP A N     1 
ATOM   855  C  CA    . ASP A 1 105 ? -12.484 -9.141  -11.932 1.00 20.09  ? 105  ASP A CA    1 
ATOM   856  C  C     . ASP A 1 105 ? -13.255 -9.097  -10.625 1.00 24.25  ? 105  ASP A C     1 
ATOM   857  O  O     . ASP A 1 105 ? -14.059 -9.974  -10.298 1.00 29.31  ? 105  ASP A O     1 
ATOM   858  C  CB    . ASP A 1 105 ? -12.582 -10.559 -12.487 1.00 20.36  ? 105  ASP A CB    1 
ATOM   859  C  CG    . ASP A 1 105 ? -12.170 -10.689 -13.932 1.00 25.88  ? 105  ASP A CG    1 
ATOM   860  O  OD1   . ASP A 1 105 ? -12.244 -9.730  -14.712 1.00 23.86  ? 105  ASP A OD1   1 
ATOM   861  O  OD2   . ASP A 1 105 ? -11.778 -11.813 -14.318 1.00 36.34  ? 105  ASP A OD2   1 
ATOM   862  N  N     . SER A 1 106 ? -13.021 -8.067  -9.812  1.00 15.86  ? 106  SER A N     1 
ATOM   863  C  CA    . SER A 1 106 ? -13.589 -8.138  -8.465  1.00 18.43  ? 106  SER A CA    1 
ATOM   864  C  C     . SER A 1 106 ? -13.855 -6.735  -7.985  1.00 23.59  ? 106  SER A C     1 
ATOM   865  O  O     . SER A 1 106 ? -13.097 -5.815  -8.272  1.00 27.23  ? 106  SER A O     1 
ATOM   866  C  CB    A SER A 1 106 ? -12.608 -8.882  -7.569  0.63 21.62  ? 106  SER A CB    1 
ATOM   867  C  CB    B SER A 1 106 ? -12.642 -8.929  -7.569  0.37 21.13  ? 106  SER A CB    1 
ATOM   868  O  OG    A SER A 1 106 ? -12.807 -8.739  -6.172  0.63 20.21  ? 106  SER A OG    1 
ATOM   869  O  OG    B SER A 1 106 ? -12.766 -10.306 -7.901  0.37 19.82  ? 106  SER A OG    1 
ATOM   870  N  N     . ASP A 1 107 ? -14.948 -6.522  -7.271  1.00 21.11  ? 107  ASP A N     1 
ATOM   871  C  CA    . ASP A 1 107 ? -15.125 -5.141  -6.786  1.00 22.07  ? 107  ASP A CA    1 
ATOM   872  C  C     . ASP A 1 107 ? -14.856 -5.084  -5.295  1.00 20.65  ? 107  ASP A C     1 
ATOM   873  O  O     . ASP A 1 107 ? -14.972 -4.059  -4.644  1.00 26.14  ? 107  ASP A O     1 
ATOM   874  C  CB    . ASP A 1 107 ? -16.546 -4.692  -7.123  1.00 24.72  ? 107  ASP A CB    1 
ATOM   875  C  CG    . ASP A 1 107 ? -16.759 -4.710  -8.632  1.00 31.10  ? 107  ASP A CG    1 
ATOM   876  O  OD1   . ASP A 1 107 ? -15.805 -4.414  -9.379  1.00 35.54  ? 107  ASP A OD1   1 
ATOM   877  O  OD2   . ASP A 1 107 ? -17.869 -5.035  -9.080  1.00 25.59  ? 107  ASP A OD2   1 
ATOM   878  N  N     . ASP A 1 108 ? -14.476 -6.241  -4.771  1.00 19.43  ? 108  ASP A N     1 
ATOM   879  C  CA    . ASP A 1 108 ? -14.231 -6.383  -3.349  1.00 23.21  ? 108  ASP A CA    1 
ATOM   880  C  C     . ASP A 1 108 ? -12.857 -6.975  -3.036  1.00 25.12  ? 108  ASP A C     1 
ATOM   881  O  O     . ASP A 1 108 ? -12.697 -7.825  -2.153  1.00 32.13  ? 108  ASP A O     1 
ATOM   882  C  CB    . ASP A 1 108 ? -15.301 -7.323  -2.770  1.00 26.76  ? 108  ASP A CB    1 
ATOM   883  C  CG    . ASP A 1 108 ? -15.100 -8.730  -3.305  1.00 38.75  ? 108  ASP A CG    1 
ATOM   884  O  OD1   . ASP A 1 108 ? -15.238 -8.935  -4.529  1.00 60.97  ? 108  ASP A OD1   1 
ATOM   885  O  OD2   . ASP A 1 108 ? -14.806 -9.646  -2.505  1.00 67.17  ? 108  ASP A OD2   1 
ATOM   886  N  N     . VAL A 1 109 ? -11.808 -6.539  -3.730  1.00 16.49  ? 109  VAL A N     1 
ATOM   887  C  CA    . VAL A 1 109 ? -10.512 -7.144  -3.418  1.00 16.51  ? 109  VAL A CA    1 
ATOM   888  C  C     . VAL A 1 109 ? -9.919  -6.619  -2.115  1.00 12.67  ? 109  VAL A C     1 
ATOM   889  O  O     . VAL A 1 109 ? -10.136 -5.460  -1.768  1.00 13.64  ? 109  VAL A O     1 
ATOM   890  C  CB    . VAL A 1 109 ? -9.552  -6.782  -4.555  1.00 19.67  ? 109  VAL A CB    1 
ATOM   891  C  CG1   . VAL A 1 109 ? -10.090 -7.330  -5.866  1.00 31.14  ? 109  VAL A CG1   1 
ATOM   892  C  CG2   . VAL A 1 109 ? -9.451  -5.276  -4.606  1.00 27.20  ? 109  VAL A CG2   1 
ATOM   893  N  N     . PRO A 1 110 ? -9.194  -7.448  -1.371  1.00 11.79  ? 110  PRO A N     1 
ATOM   894  C  CA    . PRO A 1 110 ? -8.553  -6.960  -0.127  1.00 11.68  ? 110  PRO A CA    1 
ATOM   895  C  C     . PRO A 1 110 ? -7.676  -5.765  -0.438  1.00 11.47  ? 110  PRO A C     1 
ATOM   896  O  O     . PRO A 1 110 ? -6.792  -5.821  -1.277  1.00 10.96  ? 110  PRO A O     1 
ATOM   897  C  CB    . PRO A 1 110 ? -7.754  -8.159  0.369   1.00 9.33   ? 110  PRO A CB    1 
ATOM   898  C  CG    . PRO A 1 110 ? -8.648  -9.292  -0.097  1.00 12.49  ? 110  PRO A CG    1 
ATOM   899  C  CD    . PRO A 1 110 ? -8.968  -8.897  -1.530  1.00 13.21  ? 110  PRO A CD    1 
ATOM   900  N  N     . MET A 1 111 ? -7.969  -4.702  0.295   1.00 12.00  ? 111  MET A N     1 
ATOM   901  C  CA    . MET A 1 111 ? -7.265  -3.428  0.047   1.00 12.40  ? 111  MET A CA    1 
ATOM   902  C  C     . MET A 1 111 ? -7.289  -2.548  1.267   1.00 12.84  ? 111  MET A C     1 
ATOM   903  O  O     . MET A 1 111 ? -8.251  -2.569  2.043   1.00 13.22  ? 111  MET A O     1 
ATOM   904  C  CB    . MET A 1 111 ? -7.942  -2.764  -1.164  1.00 15.76  ? 111  MET A CB    1 
ATOM   905  C  CG    . MET A 1 111 ? -7.258  -1.504  -1.663  1.00 17.87  ? 111  MET A CG    1 
ATOM   906  S  SD    . MET A 1 111 ? -8.112  -0.874  -3.136  1.00 21.72  ? 111  MET A SD    1 
ATOM   907  C  CE    . MET A 1 111 ? -8.046  -2.323  -4.170  1.00 19.76  ? 111  MET A CE    1 
ATOM   908  N  N     . VAL A 1 112 ? -6.219  -1.769  1.467   1.00 11.23  ? 112  VAL A N     1 
ATOM   909  C  CA    . VAL A 1 112 ? -6.256  -0.698  2.462   1.00 10.41  ? 112  VAL A CA    1 
ATOM   910  C  C     . VAL A 1 112 ? -5.825  0.575   1.753   1.00 11.08  ? 112  VAL A C     1 
ATOM   911  O  O     . VAL A 1 112 ? -4.863  0.589   0.985   1.00 11.59  ? 112  VAL A O     1 
ATOM   912  C  CB    . VAL A 1 112 ? -5.338  -1.018  3.641   1.00 12.71  ? 112  VAL A CB    1 
ATOM   913  C  CG1   . VAL A 1 112 ? -5.303  0.114   4.653   1.00 14.96  ? 112  VAL A CG1   1 
ATOM   914  C  CG2   . VAL A 1 112 ? -5.797  -2.337  4.275   1.00 13.37  ? 112  VAL A CG2   1 
ATOM   915  N  N     . LEU A 1 113 ? -6.531  1.675   2.020   1.00 10.18  ? 113  LEU A N     1 
ATOM   916  C  CA    . LEU A 1 113 ? -6.161  2.996   1.589   1.00 9.85   ? 113  LEU A CA    1 
ATOM   917  C  C     . LEU A 1 113 ? -5.164  3.560   2.599   1.00 12.76  ? 113  LEU A C     1 
ATOM   918  O  O     . LEU A 1 113 ? -5.512  3.613   3.775   1.00 12.07  ? 113  LEU A O     1 
ATOM   919  C  CB    . LEU A 1 113 ? -7.373  3.934   1.486   1.00 9.91   ? 113  LEU A CB    1 
ATOM   920  C  CG    . LEU A 1 113 ? -7.034  5.353   0.999   1.00 11.18  ? 113  LEU A CG    1 
ATOM   921  C  CD1   . LEU A 1 113 ? -6.550  5.350   -0.451  1.00 13.34  ? 113  LEU A CD1   1 
ATOM   922  C  CD2   . LEU A 1 113 ? -8.251  6.266   1.099   1.00 14.19  ? 113  LEU A CD2   1 
ATOM   923  N  N     . VAL A 1 114 ? -3.978  3.934   2.158   1.00 9.98   ? 114  VAL A N     1 
ATOM   924  C  CA    . VAL A 1 114 ? -2.945  4.363   3.094   1.00 9.23   ? 114  VAL A CA    1 
ATOM   925  C  C     . VAL A 1 114 ? -2.584  5.820   2.828   1.00 9.39   ? 114  VAL A C     1 
ATOM   926  O  O     . VAL A 1 114 ? -2.196  6.143   1.695   1.00 10.63  ? 114  VAL A O     1 
ATOM   927  C  CB    . VAL A 1 114 ? -1.682  3.504   2.981   1.00 10.47  ? 114  VAL A CB    1 
ATOM   928  C  CG1   . VAL A 1 114 ? -0.600  4.044   3.902   1.00 10.59  ? 114  VAL A CG1   1 
ATOM   929  C  CG2   . VAL A 1 114 ? -2.015  2.047   3.317   1.00 11.51  ? 114  VAL A CG2   1 
ATOM   930  N  N     . GLY A 1 115 ? -2.756  6.670   3.831   1.00 8.47   ? 115  GLY A N     1 
ATOM   931  C  CA    . GLY A 1 115 ? -2.352  8.071   3.732   1.00 11.18  ? 115  GLY A CA    1 
ATOM   932  C  C     . GLY A 1 115 ? -0.980  8.197   4.396   1.00 11.85  ? 115  GLY A C     1 
ATOM   933  O  O     . GLY A 1 115 ? -0.966  8.233   5.646   1.00 13.40  ? 115  GLY A O     1 
ATOM   934  N  N     . ASN A 1 116 ? 0.065   8.276   3.605   1.00 11.26  ? 116  ASN A N     1 
ATOM   935  C  CA    . ASN A 1 116 ? 1.425   8.242   4.156   1.00 13.37  ? 116  ASN A CA    1 
ATOM   936  C  C     . ASN A 1 116 ? 1.971   9.657   4.381   1.00 11.91  ? 116  ASN A C     1 
ATOM   937  O  O     . ASN A 1 116 ? 1.358   10.615  3.893   1.00 11.55  ? 116  ASN A O     1 
ATOM   938  C  CB    . ASN A 1 116 ? 2.313   7.371   3.249   1.00 8.89   ? 116  ASN A CB    1 
ATOM   939  C  CG    . ASN A 1 116 ? 3.680   7.125   3.869   1.00 12.69  ? 116  ASN A CG    1 
ATOM   940  O  OD1   . ASN A 1 116 ? 3.781   6.807   5.060   1.00 11.70  ? 116  ASN A OD1   1 
ATOM   941  N  ND2   . ASN A 1 116 ? 4.734   7.368   3.109   1.00 12.39  ? 116  ASN A ND2   1 
ATOM   942  N  N     . LYS A 1 117 ? 3.095   9.758   5.096   1.00 11.34  ? 117  LYS A N     1 
ATOM   943  C  CA    . LYS A 1 117 ? 3.823   11.000  5.412   1.00 13.06  ? 117  LYS A CA    1 
ATOM   944  C  C     . LYS A 1 117 ? 3.015   11.822  6.410   1.00 13.64  ? 117  LYS A C     1 
ATOM   945  O  O     . LYS A 1 117 ? 3.058   13.055  6.409   1.00 15.81  ? 117  LYS A O     1 
ATOM   946  C  CB    . LYS A 1 117 ? 4.134   11.804  4.157   1.00 11.66  ? 117  LYS A CB    1 
ATOM   947  C  CG    . LYS A 1 117 ? 4.691   10.976  2.978   1.00 15.15  ? 117  LYS A CG    1 
ATOM   948  C  CD    . LYS A 1 117 ? 5.561   11.853  2.081   1.00 16.05  ? 117  LYS A CD    1 
ATOM   949  C  CE    . LYS A 1 117 ? 6.180   11.079  0.922   1.00 13.70  ? 117  LYS A CE    1 
ATOM   950  N  NZ    . LYS A 1 117 ? 6.866   12.004  -0.061  1.00 13.11  ? 117  LYS A NZ    1 
ATOM   951  N  N     . CYS A 1 118 ? 2.293   11.124  7.269   1.00 12.27  ? 118  CYS A N     1 
ATOM   952  C  CA    . CYS A 1 118 ? 1.488   11.848  8.263   1.00 15.64  ? 118  CYS A CA    1 
ATOM   953  C  C     . CYS A 1 118 ? 2.289   12.531  9.369   1.00 19.62  ? 118  CYS A C     1 
ATOM   954  O  O     . CYS A 1 118 ? 1.657   13.246  10.163  1.00 19.18  ? 118  CYS A O     1 
ATOM   955  C  CB    A CYS A 1 118 ? 0.448   10.917  8.909   0.68 17.78  ? 118  CYS A CB    1 
ATOM   956  C  CB    B CYS A 1 118 ? 0.460   10.905  8.905   0.32 17.39  ? 118  CYS A CB    1 
ATOM   957  S  SG    A CYS A 1 118 ? 1.044   9.663   10.075  0.68 16.03  ? 118  CYS A SG    1 
ATOM   958  S  SG    B CYS A 1 118 ? -0.762  10.493  7.640   0.32 18.89  ? 118  CYS A SG    1 
ATOM   959  N  N     . ASP A 1 119 ? 3.575   12.345  9.409   1.00 16.28  ? 119  ASP A N     1 
ATOM   960  C  CA    . ASP A 1 119 ? 4.467   13.114  10.261  1.00 17.72  ? 119  ASP A CA    1 
ATOM   961  C  C     . ASP A 1 119 ? 4.592   14.548  9.785   1.00 21.50  ? 119  ASP A C     1 
ATOM   962  O  O     . ASP A 1 119 ? 5.007   15.402  10.574  1.00 23.83  ? 119  ASP A O     1 
ATOM   963  C  CB    . ASP A 1 119 ? 5.850   12.469  10.245  1.00 15.62  ? 119  ASP A CB    1 
ATOM   964  C  CG    . ASP A 1 119 ? 6.410   12.435  8.831   1.00 16.89  ? 119  ASP A CG    1 
ATOM   965  O  OD1   . ASP A 1 119 ? 5.995   11.492  8.108   1.00 15.99  ? 119  ASP A OD1   1 
ATOM   966  O  OD2   . ASP A 1 119 ? 7.245   13.268  8.427   1.00 22.88  ? 119  ASP A OD2   1 
ATOM   967  N  N     . LEU A 1 120 ? 4.289   14.855  8.516   1.00 16.61  ? 120  LEU A N     1 
ATOM   968  C  CA    . LEU A 1 120 ? 4.514   16.172  7.973   1.00 19.36  ? 120  LEU A CA    1 
ATOM   969  C  C     . LEU A 1 120 ? 3.402   17.165  8.317   1.00 29.16  ? 120  LEU A C     1 
ATOM   970  O  O     . LEU A 1 120 ? 2.218   16.827  8.362   1.00 30.88  ? 120  LEU A O     1 
ATOM   971  C  CB    . LEU A 1 120 ? 4.643   16.131  6.445   1.00 20.77  ? 120  LEU A CB    1 
ATOM   972  C  CG    . LEU A 1 120 ? 5.860   15.427  5.852   1.00 20.53  ? 120  LEU A CG    1 
ATOM   973  C  CD1   . LEU A 1 120 ? 5.828   15.446  4.331   1.00 26.04  ? 120  LEU A CD1   1 
ATOM   974  C  CD2   . LEU A 1 120 ? 7.124   16.106  6.361   1.00 22.04  ? 120  LEU A CD2   1 
ATOM   975  N  N     . ALA A 1 121 ? 3.822   18.419  8.518   1.00 27.34  ? 121  ALA A N     1 
ATOM   976  C  CA    . ALA A 1 121 ? 2.873   19.467  8.860   1.00 28.67  ? 121  ALA A CA    1 
ATOM   977  C  C     . ALA A 1 121 ? 2.076   19.960  7.659   1.00 20.86  ? 121  ALA A C     1 
ATOM   978  O  O     . ALA A 1 121 ? 0.892   20.257  7.817   1.00 30.62  ? 121  ALA A O     1 
ATOM   979  C  CB    . ALA A 1 121 ? 3.593   20.641  9.527   1.00 28.59  ? 121  ALA A CB    1 
ATOM   980  N  N     . ALA A 1 122 ? 2.696   20.078  6.496   1.00 26.28  ? 122  ALA A N     1 
ATOM   981  C  CA    . ALA A 1 122 ? 2.073   20.676  5.329   1.00 30.23  ? 122  ALA A CA    1 
ATOM   982  C  C     . ALA A 1 122 ? 1.081   19.748  4.640   1.00 28.58  ? 122  ALA A C     1 
ATOM   983  O  O     . ALA A 1 122 ? 1.205   19.394  3.459   1.00 28.14  ? 122  ALA A O     1 
ATOM   984  C  CB    . ALA A 1 122 ? 3.167   21.130  4.361   1.00 31.69  ? 122  ALA A CB    1 
ATOM   985  N  N     . ARG A 1 123 ? 0.039   19.383  5.382   1.00 21.51  ? 123  ARG A N     1 
ATOM   986  C  CA    . ARG A 1 123 ? -0.969  18.500  4.784   1.00 18.70  ? 123  ARG A CA    1 
ATOM   987  C  C     . ARG A 1 123 ? -1.867  19.197  3.780   1.00 21.91  ? 123  ARG A C     1 
ATOM   988  O  O     . ARG A 1 123 ? -2.311  20.355  3.954   1.00 23.72  ? 123  ARG A O     1 
ATOM   989  C  CB    . ARG A 1 123 ? -1.780  17.927  5.949   1.00 18.66  ? 123  ARG A CB    1 
ATOM   990  C  CG    . ARG A 1 123 ? -3.027  17.172  5.529   1.00 20.46  ? 123  ARG A CG    1 
ATOM   991  C  CD    . ARG A 1 123 ? -3.809  16.795  6.777   1.00 20.21  ? 123  ARG A CD    1 
ATOM   992  N  NE    . ARG A 1 123 ? -3.165  15.801  7.603   1.00 19.50  ? 123  ARG A NE    1 
ATOM   993  C  CZ    . ARG A 1 123 ? -3.341  14.478  7.475   1.00 22.18  ? 123  ARG A CZ    1 
ATOM   994  N  NH1   . ARG A 1 123 ? -4.123  13.914  6.563   1.00 16.28  ? 123  ARG A NH1   1 
ATOM   995  N  NH2   . ARG A 1 123 ? -2.691  13.684  8.318   1.00 16.47  ? 123  ARG A NH2   1 
ATOM   996  N  N     . THR A 1 124 ? -2.180  18.516  2.684   1.00 17.43  ? 124  THR A N     1 
ATOM   997  C  CA    . THR A 1 124 ? -3.056  19.101  1.667   1.00 18.57  ? 124  THR A CA    1 
ATOM   998  C  C     . THR A 1 124 ? -4.287  18.232  1.484   1.00 18.64  ? 124  THR A C     1 
ATOM   999  O  O     . THR A 1 124 ? -5.302  18.637  0.934   1.00 20.00  ? 124  THR A O     1 
ATOM   1000 C  CB    . THR A 1 124 ? -2.373  19.333  0.313   1.00 25.86  ? 124  THR A CB    1 
ATOM   1001 O  OG1   . THR A 1 124 ? -1.795  18.106  -0.161  1.00 21.62  ? 124  THR A OG1   1 
ATOM   1002 C  CG2   . THR A 1 124 ? -1.210  20.304  0.405   1.00 31.84  ? 124  THR A CG2   1 
ATOM   1003 N  N     . VAL A 1 125 ? -4.220  16.983  1.970   1.00 15.77  ? 125  VAL A N     1 
ATOM   1004 C  CA    . VAL A 1 125 ? -5.354  16.082  1.923   1.00 15.57  ? 125  VAL A CA    1 
ATOM   1005 C  C     . VAL A 1 125 ? -5.910  15.875  3.329   1.00 17.05  ? 125  VAL A C     1 
ATOM   1006 O  O     . VAL A 1 125 ? -5.203  15.344  4.202   1.00 14.56  ? 125  VAL A O     1 
ATOM   1007 C  CB    . VAL A 1 125 ? -4.951  14.708  1.354   1.00 14.18  ? 125  VAL A CB    1 
ATOM   1008 C  CG1   . VAL A 1 125 ? -6.168  13.795  1.275   1.00 18.55  ? 125  VAL A CG1   1 
ATOM   1009 C  CG2   . VAL A 1 125 ? -4.288  14.875  -0.002  1.00 16.18  ? 125  VAL A CG2   1 
ATOM   1010 N  N     . GLU A 1 126 ? -7.160  16.311  3.583   1.00 18.23  ? 126  GLU A N     1 
ATOM   1011 C  CA    . GLU A 1 126 ? -7.667  16.135  4.944   1.00 18.15  ? 126  GLU A CA    1 
ATOM   1012 C  C     . GLU A 1 126 ? -8.041  14.689  5.204   1.00 15.01  ? 126  GLU A C     1 
ATOM   1013 O  O     . GLU A 1 126 ? -8.499  13.978  4.323   1.00 16.05  ? 126  GLU A O     1 
ATOM   1014 C  CB    . GLU A 1 126 ? -8.864  17.065  5.182   1.00 21.55  ? 126  GLU A CB    1 
ATOM   1015 C  CG    . GLU A 1 126 ? -8.399  18.518  5.001   1.00 21.94  ? 126  GLU A CG    1 
ATOM   1016 C  CD    . GLU A 1 126 ? -7.097  18.815  5.717   1.00 36.85  ? 126  GLU A CD    1 
ATOM   1017 O  OE1   . GLU A 1 126 ? -7.071  18.812  6.967   1.00 40.70  ? 126  GLU A OE1   1 
ATOM   1018 O  OE2   . GLU A 1 126 ? -6.068  19.054  5.038   1.00 57.02  ? 126  GLU A OE2   1 
ATOM   1019 N  N     . SER A 1 127 ? -7.797  14.239  6.430   1.00 16.29  ? 127  SER A N     1 
ATOM   1020 C  CA    . SER A 1 127 ? -8.098  12.847  6.741   1.00 14.95  ? 127  SER A CA    1 
ATOM   1021 C  C     . SER A 1 127 ? -9.558  12.533  6.469   1.00 16.27  ? 127  SER A C     1 
ATOM   1022 O  O     . SER A 1 127 ? -9.924  11.465  5.957   1.00 19.26  ? 127  SER A O     1 
ATOM   1023 C  CB    . SER A 1 127 ? -7.694  12.631  8.212   1.00 16.43  ? 127  SER A CB    1 
ATOM   1024 O  OG    . SER A 1 127 ? -6.312  12.898  8.439   1.00 15.66  ? 127  SER A OG    1 
ATOM   1025 N  N     . ARG A 1 128 ? -10.501 13.450  6.752   1.00 14.73  ? 128  ARG A N     1 
ATOM   1026 C  CA    . ARG A 1 128 ? -11.915 13.208  6.469   1.00 15.75  ? 128  ARG A CA    1 
ATOM   1027 C  C     . ARG A 1 128 ? -12.204 12.916  5.014   1.00 15.41  ? 128  ARG A C     1 
ATOM   1028 O  O     . ARG A 1 128 ? -13.048 12.065  4.717   1.00 18.87  ? 128  ARG A O     1 
ATOM   1029 C  CB    . ARG A 1 128 ? -12.745 14.452  6.891   1.00 21.95  ? 128  ARG A CB    1 
ATOM   1030 C  CG    . ARG A 1 128 ? -14.244 14.257  6.734   1.00 27.16  ? 128  ARG A CG    1 
ATOM   1031 C  CD    . ARG A 1 128 ? -14.801 13.545  7.969   1.00 39.76  ? 128  ARG A CD    1 
ATOM   1032 N  NE    . ARG A 1 128 ? -14.576 14.361  9.152   1.00 42.61  ? 128  ARG A NE    1 
ATOM   1033 C  CZ    . ARG A 1 128 ? -14.650 14.076  10.433  1.00 37.54  ? 128  ARG A CZ    1 
ATOM   1034 N  NH1   . ARG A 1 128 ? -14.981 12.872  10.864  1.00 45.70  ? 128  ARG A NH1   1 
ATOM   1035 N  NH2   . ARG A 1 128 ? -14.380 15.056  11.297  1.00 35.60  ? 128  ARG A NH2   1 
ATOM   1036 N  N     . GLN A 1 129 ? -11.495 13.588  4.092   1.00 14.17  ? 129  GLN A N     1 
ATOM   1037 C  CA    . GLN A 1 129 ? -11.793 13.268  2.694   1.00 19.06  ? 129  GLN A CA    1 
ATOM   1038 C  C     . GLN A 1 129 ? -11.268 11.898  2.295   1.00 17.53  ? 129  GLN A C     1 
ATOM   1039 O  O     . GLN A 1 129 ? -11.892 11.163  1.525   1.00 16.73  ? 129  GLN A O     1 
ATOM   1040 C  CB    . GLN A 1 129 ? -11.290 14.386  1.783   1.00 28.44  ? 129  GLN A CB    1 
ATOM   1041 C  CG    . GLN A 1 129 ? -9.824  14.704  1.676   1.00 35.97  ? 129  GLN A CG    1 
ATOM   1042 C  CD    . GLN A 1 129 ? -9.517  15.932  0.816   1.00 37.78  ? 129  GLN A CD    1 
ATOM   1043 O  OE1   . GLN A 1 129 ? -8.838  16.875  1.258   1.00 29.49  ? 129  GLN A OE1   1 
ATOM   1044 N  NE2   . GLN A 1 129 ? -10.008 15.963  -0.420  1.00 29.33  ? 129  GLN A NE2   1 
ATOM   1045 N  N     . ALA A 1 130 ? -10.096 11.495  2.816   1.00 16.12  ? 130  ALA A N     1 
ATOM   1046 C  CA    . ALA A 1 130 ? -9.652  10.134  2.543   1.00 13.43  ? 130  ALA A CA    1 
ATOM   1047 C  C     . ALA A 1 130 ? -10.510 9.090   3.235   1.00 15.33  ? 130  ALA A C     1 
ATOM   1048 O  O     . ALA A 1 130 ? -10.755 7.986   2.759   1.00 14.37  ? 130  ALA A O     1 
ATOM   1049 C  CB    . ALA A 1 130 ? -8.191  9.945   3.013   1.00 13.23  ? 130  ALA A CB    1 
ATOM   1050 N  N     . GLN A 1 131 ? -10.983 9.368   4.450   1.00 15.20  ? 131  GLN A N     1 
ATOM   1051 C  CA    . GLN A 1 131 ? -11.836 8.423   5.144   1.00 16.38  ? 131  GLN A CA    1 
ATOM   1052 C  C     . GLN A 1 131 ? -13.149 8.224   4.392   1.00 22.47  ? 131  GLN A C     1 
ATOM   1053 O  O     . GLN A 1 131 ? -13.660 7.106   4.252   1.00 19.79  ? 131  GLN A O     1 
ATOM   1054 C  CB    . GLN A 1 131 ? -12.128 8.955   6.548   1.00 20.89  ? 131  GLN A CB    1 
ATOM   1055 C  CG    . GLN A 1 131 ? -12.905 7.980   7.411   1.00 24.72  ? 131  GLN A CG    1 
ATOM   1056 C  CD    . GLN A 1 131 ? -12.086 6.737   7.703   1.00 24.02  ? 131  GLN A CD    1 
ATOM   1057 O  OE1   . GLN A 1 131 ? -11.158 6.781   8.513   1.00 30.72  ? 131  GLN A OE1   1 
ATOM   1058 N  NE2   . GLN A 1 131 ? -12.441 5.653   7.035   1.00 34.75  ? 131  GLN A NE2   1 
ATOM   1059 N  N     . ASP A 1 132 ? -13.693 9.349   3.915   1.00 21.55  ? 132  ASP A N     1 
ATOM   1060 C  CA    . ASP A 1 132 ? -14.892 9.269   3.100   1.00 21.81  ? 132  ASP A CA    1 
ATOM   1061 C  C     . ASP A 1 132 ? -14.653 8.417   1.854   1.00 22.06  ? 132  ASP A C     1 
ATOM   1062 O  O     . ASP A 1 132 ? -15.536 7.638   1.484   1.00 20.76  ? 132  ASP A O     1 
ATOM   1063 C  CB    . ASP A 1 132 ? -15.374 10.660  2.677   1.00 25.57  ? 132  ASP A CB    1 
ATOM   1064 C  CG    . ASP A 1 132 ? -15.974 11.473  3.804   1.00 27.73  ? 132  ASP A CG    1 
ATOM   1065 O  OD1   . ASP A 1 132 ? -16.216 10.899  4.878   1.00 41.78  ? 132  ASP A OD1   1 
ATOM   1066 O  OD2   . ASP A 1 132 ? -16.185 12.687  3.595   1.00 39.44  ? 132  ASP A OD2   1 
ATOM   1067 N  N     . LEU A 1 133 ? -13.500 8.619   1.201   1.00 19.27  ? 133  LEU A N     1 
ATOM   1068 C  CA    . LEU A 1 133 ? -13.231 7.857   -0.022  1.00 18.47  ? 133  LEU A CA    1 
ATOM   1069 C  C     . LEU A 1 133 ? -13.164 6.367   0.292   1.00 17.13  ? 133  LEU A C     1 
ATOM   1070 O  O     . LEU A 1 133 ? -13.685 5.515   -0.425  1.00 17.59  ? 133  LEU A O     1 
ATOM   1071 C  CB    . LEU A 1 133 ? -11.935 8.327   -0.665  1.00 17.24  ? 133  LEU A CB    1 
ATOM   1072 C  CG    . LEU A 1 133 ? -11.531 7.504   -1.894  1.00 15.91  ? 133  LEU A CG    1 
ATOM   1073 C  CD1   . LEU A 1 133 ? -12.601 7.734   -2.958  1.00 21.38  ? 133  LEU A CD1   1 
ATOM   1074 C  CD2   . LEU A 1 133 ? -10.132 7.852   -2.346  1.00 21.97  ? 133  LEU A CD2   1 
ATOM   1075 N  N     . ALA A 1 134 ? -12.476 6.056   1.386   1.00 15.21  ? 134  ALA A N     1 
ATOM   1076 C  CA    . ALA A 1 134 ? -12.297 4.670   1.795   1.00 12.71  ? 134  ALA A CA    1 
ATOM   1077 C  C     . ALA A 1 134 ? -13.651 4.049   2.105   1.00 16.55  ? 134  ALA A C     1 
ATOM   1078 O  O     . ALA A 1 134 ? -13.911 2.905   1.769   1.00 15.81  ? 134  ALA A O     1 
ATOM   1079 C  CB    . ALA A 1 134 ? -11.389 4.572   3.009   1.00 14.46  ? 134  ALA A CB    1 
ATOM   1080 N  N     . ARG A 1 135 ? -14.509 4.811   2.767   1.00 17.47  ? 135  ARG A N     1 
ATOM   1081 C  CA    . ARG A 1 135 ? -15.830 4.248   3.087   1.00 20.16  ? 135  ARG A CA    1 
ATOM   1082 C  C     . ARG A 1 135 ? -16.577 3.951   1.793   1.00 20.17  ? 135  ARG A C     1 
ATOM   1083 O  O     . ARG A 1 135 ? -17.236 2.911   1.710   1.00 22.90  ? 135  ARG A O     1 
ATOM   1084 C  CB    . ARG A 1 135 ? -16.617 5.197   3.997   1.00 26.16  ? 135  ARG A CB    1 
ATOM   1085 C  CG    . ARG A 1 135 ? -17.868 4.549   4.576   1.00 32.99  ? 135  ARG A CG    1 
ATOM   1086 C  CD    . ARG A 1 135 ? -18.253 5.170   5.924   1.00 38.87  ? 135  ARG A CD    1 
ATOM   1087 N  NE    . ARG A 1 135 ? -17.740 6.525   6.000   1.00 47.83  ? 135  ARG A NE    1 
ATOM   1088 C  CZ    . ARG A 1 135 ? -16.771 7.042   6.736   1.00 52.29  ? 135  ARG A CZ    1 
ATOM   1089 N  NH1   . ARG A 1 135 ? -16.047 6.347   7.608   1.00 36.69  ? 135  ARG A NH1   1 
ATOM   1090 N  NH2   . ARG A 1 135 ? -16.526 8.348   6.573   1.00 59.05  ? 135  ARG A NH2   1 
ATOM   1091 N  N     . SER A 1 136 ? -16.424 4.826   0.806   1.00 19.52  ? 136  SER A N     1 
ATOM   1092 C  CA    . SER A 1 136 ? -17.047 4.651   -0.502  1.00 21.73  ? 136  SER A CA    1 
ATOM   1093 C  C     . SER A 1 136 ? -16.558 3.385   -1.203  1.00 22.20  ? 136  SER A C     1 
ATOM   1094 O  O     . SER A 1 136 ? -17.303 2.781   -1.972  1.00 28.45  ? 136  SER A O     1 
ATOM   1095 C  CB    . SER A 1 136 ? -16.806 5.871   -1.376  1.00 23.48  ? 136  SER A CB    1 
ATOM   1096 O  OG    . SER A 1 136 ? -15.622 5.825   -2.123  1.00 21.19  ? 136  SER A OG    1 
ATOM   1097 N  N     . TYR A 1 137 ? -15.335 2.934   -0.944  1.00 20.55  ? 137  TYR A N     1 
ATOM   1098 C  CA    . TYR A 1 137 ? -14.770 1.703   -1.474  1.00 18.43  ? 137  TYR A CA    1 
ATOM   1099 C  C     . TYR A 1 137 ? -15.039 0.468   -0.621  1.00 17.68  ? 137  TYR A C     1 
ATOM   1100 O  O     . TYR A 1 137 ? -14.770 -0.681  -0.985  1.00 19.39  ? 137  TYR A O     1 
ATOM   1101 C  CB    . TYR A 1 137 ? -13.250 1.883   -1.527  1.00 17.00  ? 137  TYR A CB    1 
ATOM   1102 C  CG    . TYR A 1 137 ? -12.704 2.874   -2.515  1.00 16.41  ? 137  TYR A CG    1 
ATOM   1103 C  CD1   . TYR A 1 137 ? -13.473 3.369   -3.564  1.00 20.24  ? 137  TYR A CD1   1 
ATOM   1104 C  CD2   . TYR A 1 137 ? -11.391 3.317   -2.400  1.00 19.07  ? 137  TYR A CD2   1 
ATOM   1105 C  CE1   . TYR A 1 137 ? -12.941 4.281   -4.468  1.00 19.40  ? 137  TYR A CE1   1 
ATOM   1106 C  CE2   . TYR A 1 137 ? -10.864 4.225   -3.306  1.00 22.16  ? 137  TYR A CE2   1 
ATOM   1107 C  CZ    . TYR A 1 137 ? -11.638 4.710   -4.338  1.00 19.22  ? 137  TYR A CZ    1 
ATOM   1108 O  OH    . TYR A 1 137 ? -11.116 5.611   -5.235  1.00 24.27  ? 137  TYR A OH    1 
ATOM   1109 N  N     . GLY A 1 138 ? -15.507 0.677   0.594   1.00 19.37  ? 138  GLY A N     1 
ATOM   1110 C  CA    . GLY A 1 138 ? -15.711 -0.306  1.629   1.00 16.52  ? 138  GLY A CA    1 
ATOM   1111 C  C     . GLY A 1 138 ? -14.425 -0.921  2.134   1.00 17.73  ? 138  GLY A C     1 
ATOM   1112 O  O     . GLY A 1 138 ? -14.388 -2.115  2.400   1.00 19.30  ? 138  GLY A O     1 
ATOM   1113 N  N     . ILE A 1 139 ? -13.367 -0.114  2.279   1.00 19.89  ? 139  ILE A N     1 
ATOM   1114 C  CA    . ILE A 1 139 ? -12.071 -0.586  2.774   1.00 12.95  ? 139  ILE A CA    1 
ATOM   1115 C  C     . ILE A 1 139 ? -11.606 0.278   3.927   1.00 14.22  ? 139  ILE A C     1 
ATOM   1116 O  O     . ILE A 1 139 ? -12.094 1.395   4.115   1.00 17.02  ? 139  ILE A O     1 
ATOM   1117 C  CB    . ILE A 1 139 ? -11.005 -0.563  1.662   1.00 12.85  ? 139  ILE A CB    1 
ATOM   1118 C  CG1   . ILE A 1 139 ? -10.699 0.850   1.181   1.00 13.40  ? 139  ILE A CG1   1 
ATOM   1119 C  CG2   . ILE A 1 139 ? -11.418 -1.492  0.525   1.00 20.08  ? 139  ILE A CG2   1 
ATOM   1120 C  CD1   . ILE A 1 139 ? -9.665  0.899   0.049   1.00 17.34  ? 139  ILE A CD1   1 
ATOM   1121 N  N     . PRO A 1 140 ? -10.658 -0.223  4.693   1.00 13.72  ? 140  PRO A N     1 
ATOM   1122 C  CA    . PRO A 1 140 ? -10.116 0.604   5.762   1.00 13.91  ? 140  PRO A CA    1 
ATOM   1123 C  C     . PRO A 1 140 ? -9.200  1.732   5.253   1.00 11.64  ? 140  PRO A C     1 
ATOM   1124 O  O     . PRO A 1 140 ? -8.543  1.546   4.228   1.00 11.97  ? 140  PRO A O     1 
ATOM   1125 C  CB    . PRO A 1 140 ? -9.221  -0.341  6.562   1.00 15.82  ? 140  PRO A CB    1 
ATOM   1126 C  CG    . PRO A 1 140 ? -9.545  -1.706  6.057   1.00 19.43  ? 140  PRO A CG    1 
ATOM   1127 C  CD    . PRO A 1 140 ? -10.057 -1.564  4.653   1.00 14.23  ? 140  PRO A CD    1 
ATOM   1128 N  N     . TYR A 1 141 ? -9.205  2.801   6.006   1.00 10.81  ? 141  TYR A N     1 
ATOM   1129 C  CA    . TYR A 1 141 ? -8.278  3.923   5.834   1.00 13.67  ? 141  TYR A CA    1 
ATOM   1130 C  C     . TYR A 1 141 ? -7.319  3.953   7.029   1.00 11.71  ? 141  TYR A C     1 
ATOM   1131 O  O     . TYR A 1 141 ? -7.775  3.952   8.170   1.00 12.79  ? 141  TYR A O     1 
ATOM   1132 C  CB    . TYR A 1 141 ? -8.990  5.255   5.690   1.00 11.32  ? 141  TYR A CB    1 
ATOM   1133 C  CG    . TYR A 1 141 ? -8.055  6.449   5.606   1.00 10.95  ? 141  TYR A CG    1 
ATOM   1134 C  CD1   . TYR A 1 141 ? -7.117  6.520   4.596   1.00 9.80   ? 141  TYR A CD1   1 
ATOM   1135 C  CD2   . TYR A 1 141 ? -8.124  7.488   6.536   1.00 10.93  ? 141  TYR A CD2   1 
ATOM   1136 C  CE1   . TYR A 1 141 ? -6.231  7.572   4.456   1.00 11.58  ? 141  TYR A CE1   1 
ATOM   1137 C  CE2   . TYR A 1 141 ? -7.229  8.551   6.388   1.00 11.53  ? 141  TYR A CE2   1 
ATOM   1138 C  CZ    . TYR A 1 141 ? -6.302  8.605   5.368   1.00 10.80  ? 141  TYR A CZ    1 
ATOM   1139 O  OH    . TYR A 1 141 ? -5.411  9.658   5.232   1.00 12.65  ? 141  TYR A OH    1 
ATOM   1140 N  N     . ILE A 1 142 ? -6.031  3.959   6.710   1.00 11.69  ? 142  ILE A N     1 
ATOM   1141 C  CA    . ILE A 1 142 ? -4.997  3.970   7.739   1.00 9.77   ? 142  ILE A CA    1 
ATOM   1142 C  C     . ILE A 1 142 ? -3.948  5.010   7.400   1.00 11.04  ? 142  ILE A C     1 
ATOM   1143 O  O     . ILE A 1 142 ? -3.441  5.032   6.266   1.00 10.92  ? 142  ILE A O     1 
ATOM   1144 C  CB    . ILE A 1 142 ? -4.361  2.577   7.901   1.00 11.45  ? 142  ILE A CB    1 
ATOM   1145 C  CG1   . ILE A 1 142 ? -5.407  1.608   8.458   1.00 11.28  ? 142  ILE A CG1   1 
ATOM   1146 C  CG2   . ILE A 1 142 ? -3.120  2.624   8.783   1.00 12.22  ? 142  ILE A CG2   1 
ATOM   1147 C  CD1   . ILE A 1 142 ? -4.910  0.164   8.607   1.00 15.12  ? 142  ILE A CD1   1 
ATOM   1148 N  N     . GLU A 1 143 ? -3.649  5.896   8.363   1.00 10.44  ? 143  GLU A N     1 
ATOM   1149 C  CA    . GLU A 1 143 ? -2.602  6.886   8.093   1.00 9.79   ? 143  GLU A CA    1 
ATOM   1150 C  C     . GLU A 1 143 ? -1.282  6.367   8.659   1.00 10.15  ? 143  GLU A C     1 
ATOM   1151 O  O     . GLU A 1 143 ? -1.231  5.742   9.720   1.00 11.41  ? 143  GLU A O     1 
ATOM   1152 C  CB    . GLU A 1 143 ? -2.918  8.256   8.688   1.00 11.53  ? 143  GLU A CB    1 
ATOM   1153 C  CG    . GLU A 1 143 ? -3.993  8.961   7.887   1.00 9.44   ? 143  GLU A CG    1 
ATOM   1154 C  CD    . GLU A 1 143 ? -4.128  10.443  8.114   1.00 10.87  ? 143  GLU A CD    1 
ATOM   1155 O  OE1   . GLU A 1 143 ? -3.487  11.003  9.026   1.00 15.12  ? 143  GLU A OE1   1 
ATOM   1156 O  OE2   . GLU A 1 143 ? -4.916  11.030  7.312   1.00 13.20  ? 143  GLU A OE2   1 
ATOM   1157 N  N     . THR A 1 144 ? -0.206  6.643   7.912   1.00 10.50  ? 144  THR A N     1 
ATOM   1158 C  CA    . THR A 1 144 ? 1.086   6.101   8.271   1.00 9.72   ? 144  THR A CA    1 
ATOM   1159 C  C     . THR A 1 144 ? 2.178   7.164   8.154   1.00 11.85  ? 144  THR A C     1 
ATOM   1160 O  O     . THR A 1 144 ? 1.990   8.165   7.477   1.00 10.60  ? 144  THR A O     1 
ATOM   1161 C  CB    . THR A 1 144 ? 1.472   4.935   7.341   1.00 12.22  ? 144  THR A CB    1 
ATOM   1162 O  OG1   . THR A 1 144 ? 1.559   5.393   5.975   1.00 13.04  ? 144  THR A OG1   1 
ATOM   1163 C  CG2   . THR A 1 144 ? 0.402   3.846   7.360   1.00 10.53  ? 144  THR A CG2   1 
ATOM   1164 N  N     . SER A 1 145 ? 3.284   6.918   8.809   1.00 12.57  ? 145  SER A N     1 
ATOM   1165 C  CA    . SER A 1 145 ? 4.553   7.600   8.578   1.00 12.85  ? 145  SER A CA    1 
ATOM   1166 C  C     . SER A 1 145 ? 5.662   6.560   8.469   1.00 11.04  ? 145  SER A C     1 
ATOM   1167 O  O     . SER A 1 145 ? 5.890   5.850   9.472   1.00 14.43  ? 145  SER A O     1 
ATOM   1168 C  CB    . SER A 1 145 ? 4.897   8.573   9.708   1.00 16.18  ? 145  SER A CB    1 
ATOM   1169 O  OG    . SER A 1 145 ? 6.163   9.174   9.442   1.00 14.80  ? 145  SER A OG    1 
ATOM   1170 N  N     . ALA A 1 146 ? 6.318   6.488   7.330   1.00 12.66  ? 146  ALA A N     1 
ATOM   1171 C  CA    . ALA A 1 146 ? 7.474   5.605   7.193   1.00 14.25  ? 146  ALA A CA    1 
ATOM   1172 C  C     . ALA A 1 146 ? 8.601   6.175   8.053   1.00 11.98  ? 146  ALA A C     1 
ATOM   1173 O  O     . ALA A 1 146 ? 9.516   5.431   8.395   1.00 18.02  ? 146  ALA A O     1 
ATOM   1174 C  CB    . ALA A 1 146 ? 7.900   5.476   5.738   1.00 13.51  ? 146  ALA A CB    1 
ATOM   1175 N  N     . LYS A 1 147 ? 8.506   7.501   8.289   1.00 16.43  ? 147  LYS A N     1 
ATOM   1176 C  CA    . LYS A 1 147 ? 9.587   8.182   8.999   1.00 18.48  ? 147  LYS A CA    1 
ATOM   1177 C  C     . LYS A 1 147 ? 9.585   7.771   10.462  1.00 20.29  ? 147  LYS A C     1 
ATOM   1178 O  O     . LYS A 1 147 ? 10.617  7.403   11.047  1.00 24.54  ? 147  LYS A O     1 
ATOM   1179 C  CB    . LYS A 1 147 ? 9.453   9.701   8.869   1.00 18.13  ? 147  LYS A CB    1 
ATOM   1180 C  CG    . LYS A 1 147 ? 10.617  10.438  9.562   1.00 20.51  ? 147  LYS A CG    1 
ATOM   1181 C  CD    . LYS A 1 147 ? 10.860  11.704  8.744   1.00 24.02  ? 147  LYS A CD    1 
ATOM   1182 C  CE    . LYS A 1 147 ? 11.632  12.744  9.544   1.00 36.46  ? 147  LYS A CE    1 
ATOM   1183 N  NZ    . LYS A 1 147 ? 11.834  13.982  8.730   1.00 50.14  ? 147  LYS A NZ    1 
ATOM   1184 N  N     . THR A 1 148 ? 8.415   7.820   11.102  1.00 15.72  ? 148  THR A N     1 
ATOM   1185 C  CA    . THR A 1 148 ? 8.308   7.559   12.521  1.00 19.32  ? 148  THR A CA    1 
ATOM   1186 C  C     . THR A 1 148 ? 7.846   6.145   12.836  1.00 21.42  ? 148  THR A C     1 
ATOM   1187 O  O     . THR A 1 148 ? 7.889   5.775   14.016  1.00 19.61  ? 148  THR A O     1 
ATOM   1188 C  CB    . THR A 1 148 ? 7.301   8.503   13.228  1.00 20.02  ? 148  THR A CB    1 
ATOM   1189 O  OG1   . THR A 1 148 ? 5.973   8.215   12.722  1.00 18.55  ? 148  THR A OG1   1 
ATOM   1190 C  CG2   . THR A 1 148 ? 7.588   9.960   12.945  1.00 18.43  ? 148  THR A CG2   1 
ATOM   1191 N  N     . ARG A 1 149 ? 7.406   5.400   11.832  1.00 21.43  ? 149  ARG A N     1 
ATOM   1192 C  CA    . ARG A 1 149 ? 6.824   4.073   11.880  1.00 21.14  ? 149  ARG A CA    1 
ATOM   1193 C  C     . ARG A 1 149 ? 5.369   4.062   12.329  1.00 19.60  ? 149  ARG A C     1 
ATOM   1194 O  O     . ARG A 1 149 ? 4.721   2.996   12.373  1.00 20.54  ? 149  ARG A O     1 
ATOM   1195 C  CB    . ARG A 1 149 ? 7.618   3.103   12.788  1.00 27.89  ? 149  ARG A CB    1 
ATOM   1196 C  CG    . ARG A 1 149 ? 7.811   1.757   12.096  1.00 32.73  ? 149  ARG A CG    1 
ATOM   1197 C  CD    . ARG A 1 149 ? 8.841   0.855   12.767  1.00 34.80  ? 149  ARG A CD    1 
ATOM   1198 N  NE    . ARG A 1 149 ? 8.979   -0.423  12.029  1.00 30.29  ? 149  ARG A NE    1 
ATOM   1199 C  CZ    . ARG A 1 149 ? 8.239   -1.476  12.388  1.00 32.06  ? 149  ARG A CZ    1 
ATOM   1200 N  NH1   . ARG A 1 149 ? 7.407   -1.327  13.408  1.00 27.83  ? 149  ARG A NH1   1 
ATOM   1201 N  NH2   . ARG A 1 149 ? 8.303   -2.651  11.776  1.00 35.68  ? 149  ARG A NH2   1 
ATOM   1202 N  N     . GLN A 1 150 ? 4.805   5.229   12.625  1.00 16.10  ? 150  GLN A N     1 
ATOM   1203 C  CA    . GLN A 1 150 ? 3.384   5.331   12.908  1.00 15.71  ? 150  GLN A CA    1 
ATOM   1204 C  C     . GLN A 1 150 ? 2.512   4.615   11.878  1.00 15.38  ? 150  GLN A C     1 
ATOM   1205 O  O     . GLN A 1 150 ? 2.636   4.903   10.693  1.00 15.12  ? 150  GLN A O     1 
ATOM   1206 C  CB    . GLN A 1 150 ? 2.916   6.801   12.955  1.00 15.42  ? 150  GLN A CB    1 
ATOM   1207 C  CG    . GLN A 1 150 ? 1.572   6.884   13.661  1.00 21.05  ? 150  GLN A CG    1 
ATOM   1208 C  CD    . GLN A 1 150 ? 0.997   8.274   13.851  1.00 23.55  ? 150  GLN A CD    1 
ATOM   1209 O  OE1   . GLN A 1 150 ? 1.539   9.243   13.339  1.00 22.74  ? 150  GLN A OE1   1 
ATOM   1210 N  NE2   . GLN A 1 150 ? -0.109  8.356   14.594  1.00 27.36  ? 150  GLN A NE2   1 
ATOM   1211 N  N     . GLY A 1 151 ? 1.677   3.687   12.346  1.00 14.02  ? 151  GLY A N     1 
ATOM   1212 C  CA    . GLY A 1 151 ? 0.743   3.028   11.455  1.00 13.44  ? 151  GLY A CA    1 
ATOM   1213 C  C     . GLY A 1 151 ? 1.303   1.974   10.511  1.00 14.47  ? 151  GLY A C     1 
ATOM   1214 O  O     . GLY A 1 151 ? 0.477   1.354   9.805   1.00 13.68  ? 151  GLY A O     1 
ATOM   1215 N  N     . VAL A 1 152 ? 2.598   1.747   10.459  1.00 11.65  ? 152  VAL A N     1 
ATOM   1216 C  CA    . VAL A 1 152 ? 3.194   0.903   9.420   1.00 16.54  ? 152  VAL A CA    1 
ATOM   1217 C  C     . VAL A 1 152 ? 2.771   -0.543  9.596   1.00 20.53  ? 152  VAL A C     1 
ATOM   1218 O  O     . VAL A 1 152 ? 2.166   -1.144  8.696   1.00 15.75  ? 152  VAL A O     1 
ATOM   1219 C  CB    . VAL A 1 152 ? 4.734   1.043   9.380   1.00 17.50  ? 152  VAL A CB    1 
ATOM   1220 C  CG1   . VAL A 1 152 ? 5.337   0.056   8.407   1.00 20.98  ? 152  VAL A CG1   1 
ATOM   1221 C  CG2   . VAL A 1 152 ? 5.105   2.464   8.975   1.00 17.42  ? 152  VAL A CG2   1 
ATOM   1222 N  N     . GLU A 1 153 ? 3.057   -1.101  10.783  1.00 15.86  ? 153  GLU A N     1 
ATOM   1223 C  CA    . GLU A 1 153 ? 2.562   -2.466  10.989  1.00 20.97  ? 153  GLU A CA    1 
ATOM   1224 C  C     . GLU A 1 153 ? 1.058   -2.597  10.876  1.00 19.82  ? 153  GLU A C     1 
ATOM   1225 O  O     . GLU A 1 153 ? 0.505   -3.584  10.370  1.00 22.10  ? 153  GLU A O     1 
ATOM   1226 C  CB    . GLU A 1 153 ? 2.992   -2.961  12.386  1.00 23.10  ? 153  GLU A CB    1 
ATOM   1227 C  CG    . GLU A 1 153 ? 4.229   -3.845  12.287  1.00 30.22  ? 153  GLU A CG    1 
ATOM   1228 C  CD    . GLU A 1 153 ? 4.683   -4.128  13.722  1.00 37.07  ? 153  GLU A CD    1 
ATOM   1229 O  OE1   . GLU A 1 153 ? 3.748   -4.426  14.497  1.00 46.45  ? 153  GLU A OE1   1 
ATOM   1230 O  OE2   . GLU A 1 153 ? 5.893   -3.984  13.964  1.00 37.88  ? 153  GLU A OE2   1 
ATOM   1231 N  N     . ASP A 1 154 ? 0.312   -1.628  11.371  1.00 14.89  ? 154  ASP A N     1 
ATOM   1232 C  CA    . ASP A 1 154 ? -1.121  -1.546  11.326  1.00 12.52  ? 154  ASP A CA    1 
ATOM   1233 C  C     . ASP A 1 154 ? -1.657  -1.670  9.902   1.00 20.78  ? 154  ASP A C     1 
ATOM   1234 O  O     . ASP A 1 154 ? -2.605  -2.392  9.568   1.00 15.39  ? 154  ASP A O     1 
ATOM   1235 C  CB    . ASP A 1 154 ? -1.514  -0.167  11.874  1.00 18.25  ? 154  ASP A CB    1 
ATOM   1236 C  CG    . ASP A 1 154 ? -2.878  -0.160  12.508  1.00 18.36  ? 154  ASP A CG    1 
ATOM   1237 O  OD1   . ASP A 1 154 ? -3.603  -1.118  12.154  1.00 26.91  ? 154  ASP A OD1   1 
ATOM   1238 O  OD2   . ASP A 1 154 ? -3.189  0.752   13.325  1.00 19.90  ? 154  ASP A OD2   1 
ATOM   1239 N  N     . ALA A 1 155 ? -1.040  -0.912  8.979   1.00 15.76  ? 155  ALA A N     1 
ATOM   1240 C  CA    . ALA A 1 155 ? -1.444  -1.044  7.577   1.00 12.94  ? 155  ALA A CA    1 
ATOM   1241 C  C     . ALA A 1 155 ? -1.215  -2.430  6.990   1.00 12.28  ? 155  ALA A C     1 
ATOM   1242 O  O     . ALA A 1 155 ? -2.124  -3.004  6.346   1.00 11.92  ? 155  ALA A O     1 
ATOM   1243 C  CB    . ALA A 1 155 ? -0.703  0.010   6.751   1.00 11.57  ? 155  ALA A CB    1 
ATOM   1244 N  N     . PHE A 1 156 ? 0.012   -2.940  7.183   1.00 10.14  ? 156  PHE A N     1 
ATOM   1245 C  CA    . PHE A 1 156 ? 0.302   -4.250  6.575   1.00 13.99  ? 156  PHE A CA    1 
ATOM   1246 C  C     . PHE A 1 156 ? -0.492  -5.345  7.263   1.00 13.01  ? 156  PHE A C     1 
ATOM   1247 O  O     . PHE A 1 156 ? -1.027  -6.244  6.602   1.00 11.76  ? 156  PHE A O     1 
ATOM   1248 C  CB    . PHE A 1 156 ? 1.805   -4.533  6.619   1.00 13.44  ? 156  PHE A CB    1 
ATOM   1249 C  CG    . PHE A 1 156 ? 2.599   -3.834  5.529   1.00 11.81  ? 156  PHE A CG    1 
ATOM   1250 C  CD1   . PHE A 1 156 ? 2.755   -4.418  4.276   1.00 13.57  ? 156  PHE A CD1   1 
ATOM   1251 C  CD2   . PHE A 1 156 ? 3.200   -2.611  5.812   1.00 14.08  ? 156  PHE A CD2   1 
ATOM   1252 C  CE1   . PHE A 1 156 ? 3.475   -3.736  3.310   1.00 13.60  ? 156  PHE A CE1   1 
ATOM   1253 C  CE2   . PHE A 1 156 ? 3.935   -1.947  4.850   1.00 13.23  ? 156  PHE A CE2   1 
ATOM   1254 C  CZ    . PHE A 1 156 ? 4.071   -2.517  3.601   1.00 13.87  ? 156  PHE A CZ    1 
ATOM   1255 N  N     . TYR A 1 157 ? -0.613  -5.283  8.592   1.00 12.44  ? 157  TYR A N     1 
ATOM   1256 C  CA    . TYR A 1 157 ? -1.320  -6.377  9.272   1.00 12.26  ? 157  TYR A CA    1 
ATOM   1257 C  C     . TYR A 1 157 ? -2.802  -6.284  9.006   1.00 10.46  ? 157  TYR A C     1 
ATOM   1258 O  O     . TYR A 1 157 ? -3.476  -7.292  8.860   1.00 11.27  ? 157  TYR A O     1 
ATOM   1259 C  CB    . TYR A 1 157 ? -1.076  -6.327  10.790  1.00 12.73  ? 157  TYR A CB    1 
ATOM   1260 C  CG    . TYR A 1 157 ? 0.324   -6.708  11.200  1.00 13.94  ? 157  TYR A CG    1 
ATOM   1261 C  CD1   . TYR A 1 157 ? 1.319   -6.977  10.271  1.00 13.46  ? 157  TYR A CD1   1 
ATOM   1262 C  CD2   . TYR A 1 157 ? 0.613   -6.779  12.575  1.00 21.34  ? 157  TYR A CD2   1 
ATOM   1263 C  CE1   . TYR A 1 157 ? 2.609   -7.326  10.644  1.00 17.50  ? 157  TYR A CE1   1 
ATOM   1264 C  CE2   . TYR A 1 157 ? 1.909   -7.126  12.950  1.00 22.42  ? 157  TYR A CE2   1 
ATOM   1265 C  CZ    . TYR A 1 157 ? 2.866   -7.386  12.009  1.00 20.58  ? 157  TYR A CZ    1 
ATOM   1266 O  OH    . TYR A 1 157 ? 4.140   -7.730  12.405  1.00 31.61  ? 157  TYR A OH    1 
ATOM   1267 N  N     . THR A 1 158 ? -3.347  -5.057  8.943   1.00 11.16  ? 158  THR A N     1 
ATOM   1268 C  CA    . THR A 1 158 ? -4.743  -4.901  8.549   1.00 11.60  ? 158  THR A CA    1 
ATOM   1269 C  C     . THR A 1 158 ? -4.996  -5.505  7.170   1.00 11.52  ? 158  THR A C     1 
ATOM   1270 O  O     . THR A 1 158 ? -6.018  -6.192  7.001   1.00 12.59  ? 158  THR A O     1 
ATOM   1271 C  CB    . THR A 1 158 ? -5.218  -3.430  8.540   1.00 13.85  ? 158  THR A CB    1 
ATOM   1272 O  OG1   . THR A 1 158 ? -5.155  -2.953  9.888   1.00 16.54  ? 158  THR A OG1   1 
ATOM   1273 C  CG2   . THR A 1 158 ? -6.672  -3.301  8.120   1.00 13.11  ? 158  THR A CG2   1 
ATOM   1274 N  N     . LEU A 1 159 ? -4.070  -5.307  6.233   1.00 10.30  ? 159  LEU A N     1 
ATOM   1275 C  CA    . LEU A 1 159 ? -4.263  -5.928  4.922   1.00 10.88  ? 159  LEU A CA    1 
ATOM   1276 C  C     . LEU A 1 159 ? -4.261  -7.451  4.976   1.00 11.63  ? 159  LEU A C     1 
ATOM   1277 O  O     . LEU A 1 159 ? -5.100  -8.082  4.315   1.00 12.57  ? 159  LEU A O     1 
ATOM   1278 C  CB    . LEU A 1 159 ? -3.150  -5.441  3.960   1.00 10.28  ? 159  LEU A CB    1 
ATOM   1279 C  CG    . LEU A 1 159 ? -3.284  -5.923  2.511   1.00 10.48  ? 159  LEU A CG    1 
ATOM   1280 C  CD1   . LEU A 1 159 ? -4.631  -5.608  1.902   1.00 11.52  ? 159  LEU A CD1   1 
ATOM   1281 C  CD2   . LEU A 1 159 ? -2.178  -5.314  1.658   1.00 11.29  ? 159  LEU A CD2   1 
ATOM   1282 N  N     . VAL A 1 160 ? -3.364  -8.022  5.762   1.00 10.63  ? 160  VAL A N     1 
ATOM   1283 C  CA    . VAL A 1 160 ? -3.362  -9.492  5.948   1.00 11.65  ? 160  VAL A CA    1 
ATOM   1284 C  C     . VAL A 1 160 ? -4.700  -9.929  6.488   1.00 12.30  ? 160  VAL A C     1 
ATOM   1285 O  O     . VAL A 1 160 ? -5.276  -10.921 6.022   1.00 11.58  ? 160  VAL A O     1 
ATOM   1286 C  CB    . VAL A 1 160 ? -2.202  -9.893  6.880   1.00 12.01  ? 160  VAL A CB    1 
ATOM   1287 C  CG1   . VAL A 1 160 ? -2.360  -11.340 7.363   1.00 10.23  ? 160  VAL A CG1   1 
ATOM   1288 C  CG2   . VAL A 1 160 ? -0.855  -9.703  6.187   1.00 11.92  ? 160  VAL A CG2   1 
ATOM   1289 N  N     . ARG A 1 161 ? -5.247  -9.190  7.459   1.00 8.94   ? 161  ARG A N     1 
ATOM   1290 C  CA    . ARG A 1 161 ? -6.531  -9.571  8.020   1.00 10.46  ? 161  ARG A CA    1 
ATOM   1291 C  C     . ARG A 1 161 ? -7.633  -9.414  6.993   1.00 13.22  ? 161  ARG A C     1 
ATOM   1292 O  O     . ARG A 1 161 ? -8.584  -10.225 7.017   1.00 14.99  ? 161  ARG A O     1 
ATOM   1293 C  CB    . ARG A 1 161 ? -6.846  -8.799  9.323   1.00 11.21  ? 161  ARG A CB    1 
ATOM   1294 C  CG    . ARG A 1 161 ? -5.760  -9.072  10.355  1.00 13.32  ? 161  ARG A CG    1 
ATOM   1295 C  CD    . ARG A 1 161 ? -6.133  -8.430  11.704  1.00 15.89  ? 161  ARG A CD    1 
ATOM   1296 N  NE    . ARG A 1 161 ? -5.008  -8.614  12.637  1.00 14.53  ? 161  ARG A NE    1 
ATOM   1297 C  CZ    . ARG A 1 161 ? -4.242  -7.607  13.047  1.00 13.29  ? 161  ARG A CZ    1 
ATOM   1298 N  NH1   . ARG A 1 161 ? -4.462  -6.364  12.616  1.00 15.47  ? 161  ARG A NH1   1 
ATOM   1299 N  NH2   . ARG A 1 161 ? -3.242  -7.847  13.884  1.00 14.81  ? 161  ARG A NH2   1 
ATOM   1300 N  N     . GLU A 1 162 ? -7.542  -8.407  6.121   1.00 15.10  ? 162  GLU A N     1 
ATOM   1301 C  CA    . GLU A 1 162 ? -8.577  -8.338  5.086   1.00 12.88  ? 162  GLU A CA    1 
ATOM   1302 C  C     . GLU A 1 162 ? -8.516  -9.567  4.184   1.00 12.79  ? 162  GLU A C     1 
ATOM   1303 O  O     . GLU A 1 162 ? -9.546  -10.070 3.741   1.00 14.77  ? 162  GLU A O     1 
ATOM   1304 C  CB    . GLU A 1 162 ? -8.366  -7.079  4.244   1.00 12.57  ? 162  GLU A CB    1 
ATOM   1305 C  CG    . GLU A 1 162 ? -8.588  -5.797  5.050   1.00 16.67  ? 162  GLU A CG    1 
ATOM   1306 C  CD    . GLU A 1 162 ? -10.049 -5.598  5.367   1.00 14.56  ? 162  GLU A CD    1 
ATOM   1307 O  OE1   . GLU A 1 162 ? -10.876 -5.439  4.443   1.00 18.55  ? 162  GLU A OE1   1 
ATOM   1308 O  OE2   . GLU A 1 162 ? -10.385 -5.580  6.560   1.00 23.80  ? 162  GLU A OE2   1 
ATOM   1309 N  N     . ILE A 1 163 ? -7.281  -9.997  3.894   1.00 11.86  ? 163  ILE A N     1 
ATOM   1310 C  CA    . ILE A 1 163 ? -7.187  -11.202 3.038   1.00 13.77  ? 163  ILE A CA    1 
ATOM   1311 C  C     . ILE A 1 163 ? -7.796  -12.409 3.736   1.00 14.34  ? 163  ILE A C     1 
ATOM   1312 O  O     . ILE A 1 163 ? -8.535  -13.218 3.158   1.00 16.48  ? 163  ILE A O     1 
ATOM   1313 C  CB    . ILE A 1 163 ? -5.728  -11.459 2.663   1.00 11.68  ? 163  ILE A CB    1 
ATOM   1314 C  CG1   . ILE A 1 163 ? -5.192  -10.330 1.781   1.00 11.18  ? 163  ILE A CG1   1 
ATOM   1315 C  CG2   . ILE A 1 163 ? -5.578  -12.835 1.994   1.00 11.23  ? 163  ILE A CG2   1 
ATOM   1316 C  CD1   . ILE A 1 163 ? -3.694  -10.411 1.596   1.00 11.20  ? 163  ILE A CD1   1 
ATOM   1317 N  N     . ARG A 1 164 ? -7.507  -12.532 5.044   1.00 12.19  ? 164  ARG A N     1 
ATOM   1318 C  CA    . ARG A 1 164 ? -8.037  -13.653 5.816   1.00 11.15  ? 164  ARG A CA    1 
ATOM   1319 C  C     . ARG A 1 164 ? -9.563  -13.704 5.807   1.00 15.08  ? 164  ARG A C     1 
ATOM   1320 O  O     . ARG A 1 164 ? -10.125 -14.816 5.894   1.00 17.48  ? 164  ARG A O     1 
ATOM   1321 C  CB    . ARG A 1 164 ? -7.582  -13.565 7.281   1.00 12.56  ? 164  ARG A CB    1 
ATOM   1322 C  CG    . ARG A 1 164 ? -6.120  -13.928 7.480   1.00 11.04  ? 164  ARG A CG    1 
ATOM   1323 C  CD    . ARG A 1 164 ? -5.690  -13.652 8.934   1.00 15.96  ? 164  ARG A CD    1 
ATOM   1324 N  NE    . ARG A 1 164 ? -4.285  -14.065 9.122   1.00 14.16  ? 164  ARG A NE    1 
ATOM   1325 C  CZ    . ARG A 1 164 ? -3.590  -13.562 10.157  1.00 14.84  ? 164  ARG A CZ    1 
ATOM   1326 N  NH1   . ARG A 1 164 ? -4.178  -12.711 10.998  1.00 12.72  ? 164  ARG A NH1   1 
ATOM   1327 N  NH2   . ARG A 1 164 ? -2.322  -13.938 10.301  1.00 14.93  ? 164  ARG A NH2   1 
ATOM   1328 N  N     . GLN A 1 165 ? -10.207 -12.550 5.741   1.00 14.20  ? 165  GLN A N     1 
ATOM   1329 C  CA    . GLN A 1 165 ? -11.668 -12.453 5.830   1.00 21.08  ? 165  GLN A CA    1 
ATOM   1330 C  C     . GLN A 1 165 ? -12.358 -12.523 4.480   1.00 22.47  ? 165  GLN A C     1 
ATOM   1331 O  O     . GLN A 1 165 ? -13.595 -12.558 4.336   1.00 21.98  ? 165  GLN A O     1 
ATOM   1332 C  CB    . GLN A 1 165 ? -12.037 -11.121 6.521   1.00 24.98  ? 165  GLN A CB    1 
ATOM   1333 C  CG    . GLN A 1 165 ? -11.562 -11.139 7.968   1.00 33.03  ? 165  GLN A CG    1 
ATOM   1334 C  CD    . GLN A 1 165 ? -11.692 -9.834  8.712   1.00 41.09  ? 165  GLN A CD    1 
ATOM   1335 O  OE1   . GLN A 1 165 ? -10.680 -9.212  9.050   1.00 39.67  ? 165  GLN A OE1   1 
ATOM   1336 N  NE2   . GLN A 1 165 ? -12.942 -9.457  8.963   1.00 36.58  ? 165  GLN A NE2   1 
ATOM   1337 N  N     . HIS A 1 166 ? -11.564 -12.543 3.412   1.00 18.92  ? 166  HIS A N     1 
ATOM   1338 C  CA    . HIS A 1 166 ? -12.154 -12.448 2.074   1.00 22.52  ? 166  HIS A CA    1 
ATOM   1339 C  C     . HIS A 1 166 ? -13.020 -13.651 1.696   1.00 24.33  ? 166  HIS A C     1 
ATOM   1340 O  O     . HIS A 1 166 ? -12.689 -14.791 2.016   1.00 23.90  ? 166  HIS A O     1 
ATOM   1341 C  CB    . HIS A 1 166 ? -11.033 -12.284 1.036   1.00 24.67  ? 166  HIS A CB    1 
ATOM   1342 C  CG    . HIS A 1 166 ? -11.593 -11.829 -0.287  1.00 25.88  ? 166  HIS A CG    1 
ATOM   1343 N  ND1   . HIS A 1 166 ? -11.495 -12.606 -1.426  1.00 30.55  ? 166  HIS A ND1   1 
ATOM   1344 C  CD2   . HIS A 1 166 ? -12.255 -10.710 -0.644  1.00 28.04  ? 166  HIS A CD2   1 
ATOM   1345 C  CE1   . HIS A 1 166 ? -12.067 -11.974 -2.437  1.00 33.52  ? 166  HIS A CE1   1 
ATOM   1346 N  NE2   . HIS A 1 166 ? -12.535 -10.817 -1.989  1.00 32.92  ? 166  HIS A NE2   1 
HETATM 1347 MG MG    . MG  B 2 .   ? 9.771   2.943   -4.490  1.00 12.87  ? 168  MG  A MG    1 
HETATM 1348 P  PG    . GTP C 3 .   ? 8.672   5.169   -6.463  1.00 15.08  ? 167  GTP A PG    1 
HETATM 1349 O  O1G   . GTP C 3 .   ? 9.468   6.138   -7.331  1.00 14.48  ? 167  GTP A O1G   1 
HETATM 1350 O  O2G   . GTP C 3 .   ? 9.401   3.885   -6.085  1.00 16.58  ? 167  GTP A O2G   1 
HETATM 1351 O  O3G   . GTP C 3 .   ? 7.335   5.015   -6.982  1.00 16.59  ? 167  GTP A O3G   1 
HETATM 1352 O  O3B   . GTP C 3 .   ? 8.498   6.022   -5.067  1.00 12.93  ? 167  GTP A O3B   1 
HETATM 1353 P  PB    . GTP C 3 .   ? 8.014   5.520   -3.566  1.00 12.70  ? 167  GTP A PB    1 
HETATM 1354 O  O1B   . GTP C 3 .   ? 6.490   5.649   -3.492  1.00 11.91  ? 167  GTP A O1B   1 
HETATM 1355 O  O2B   . GTP C 3 .   ? 8.590   4.204   -3.276  1.00 13.19  ? 167  GTP A O2B   1 
HETATM 1356 O  O3A   . GTP C 3 .   ? 8.687   6.594   -2.660  1.00 12.21  ? 167  GTP A O3A   1 
HETATM 1357 P  PA    . GTP C 3 .   ? 9.885   6.444   -1.598  1.00 14.22  ? 167  GTP A PA    1 
HETATM 1358 O  O1A   . GTP C 3 .   ? 9.581   5.465   -0.566  1.00 13.46  ? 167  GTP A O1A   1 
HETATM 1359 O  O2A   . GTP C 3 .   ? 11.172  6.284   -2.420  1.00 14.23  ? 167  GTP A O2A   1 
HETATM 1360 O  "O5'" . GTP C 3 .   ? 9.818   7.921   -0.840  1.00 13.62  ? 167  GTP A "O5'" 1 
HETATM 1361 C  "C5'" . GTP C 3 .   ? 10.009  9.045   -1.795  1.00 11.59  ? 167  GTP A "C5'" 1 
HETATM 1362 C  "C4'" . GTP C 3 .   ? 10.533  10.107  -0.711  1.00 13.65  ? 167  GTP A "C4'" 1 
HETATM 1363 O  "O4'" . GTP C 3 .   ? 9.590   10.458  0.314   1.00 14.06  ? 167  GTP A "O4'" 1 
HETATM 1364 C  "C3'" . GTP C 3 .   ? 11.759  9.845   -0.008  1.00 14.34  ? 167  GTP A "C3'" 1 
HETATM 1365 O  "O3'" . GTP C 3 .   ? 12.603  10.966  0.046   1.00 17.41  ? 167  GTP A "O3'" 1 
HETATM 1366 C  "C2'" . GTP C 3 .   ? 11.442  9.205   1.377   1.00 14.47  ? 167  GTP A "C2'" 1 
HETATM 1367 O  "O2'" . GTP C 3 .   ? 12.331  9.516   2.296   1.00 15.04  ? 167  GTP A "O2'" 1 
HETATM 1368 C  "C1'" . GTP C 3 .   ? 10.153  10.310  1.623   1.00 13.68  ? 167  GTP A "C1'" 1 
HETATM 1369 N  N9    . GTP C 3 .   ? 9.114   9.625   2.479   1.00 12.19  ? 167  GTP A N9    1 
HETATM 1370 C  C8    . GTP C 3 .   ? 8.619   8.356   2.216   1.00 10.66  ? 167  GTP A C8    1 
HETATM 1371 N  N7    . GTP C 3 .   ? 7.758   8.275   3.256   1.00 13.14  ? 167  GTP A N7    1 
HETATM 1372 C  C5    . GTP C 3 .   ? 7.815   9.322   4.177   1.00 13.51  ? 167  GTP A C5    1 
HETATM 1373 C  C6    . GTP C 3 .   ? 7.142   9.467   5.231   1.00 12.21  ? 167  GTP A C6    1 
HETATM 1374 O  O6    . GTP C 3 .   ? 6.227   8.883   5.889   1.00 13.55  ? 167  GTP A O6    1 
HETATM 1375 N  N1    . GTP C 3 .   ? 7.433   10.807  5.850   1.00 13.31  ? 167  GTP A N1    1 
HETATM 1376 C  C2    . GTP C 3 .   ? 8.308   11.511  5.229   1.00 13.72  ? 167  GTP A C2    1 
HETATM 1377 N  N2    . GTP C 3 .   ? 8.526   12.869  5.822   1.00 15.53  ? 167  GTP A N2    1 
HETATM 1378 N  N3    . GTP C 3 .   ? 8.947   11.391  4.076   1.00 13.30  ? 167  GTP A N3    1 
HETATM 1379 C  C4    . GTP C 3 .   ? 8.654   10.170  3.635   1.00 11.06  ? 167  GTP A C4    1 
HETATM 1380 O  O     . HOH D 4 .   ? 12.211  13.491  -9.924  1.00 19.51  ? 1001 HOH A O     1 
HETATM 1381 O  O     . HOH D 4 .   ? 13.649  1.572   -5.037  1.00 21.23  ? 1002 HOH A O     1 
HETATM 1382 O  O     . HOH D 4 .   ? 11.484  4.039   -3.913  1.00 14.16  ? 1003 HOH A O     1 
HETATM 1383 O  O     . HOH D 4 .   ? 8.194   1.732   -4.749  1.00 14.25  ? 1004 HOH A O     1 
HETATM 1384 O  O     . HOH D 4 .   ? 12.271  -1.328  -2.434  1.00 24.89  ? 1005 HOH A O     1 
HETATM 1385 O  O     . HOH D 4 .   ? 13.594  -1.709  -8.576  1.00 32.46  ? 1006 HOH A O     1 
HETATM 1386 O  O     . HOH D 4 .   ? 0.699   -20.853 8.203   1.00 22.48  ? 1007 HOH A O     1 
HETATM 1387 O  O     . HOH D 4 .   ? 3.546   17.774  -2.785  1.00 33.62  ? 1008 HOH A O     1 
HETATM 1388 O  O     . HOH D 4 .   ? 12.355  -14.448 7.051   1.00 21.22  ? 1009 HOH A O     1 
HETATM 1389 O  O     . HOH D 4 .   ? -12.702 -7.130  -15.298 1.00 39.61  ? 1010 HOH A O     1 
HETATM 1390 O  O     . HOH D 4 .   ? 12.165  3.202   5.051   1.00 18.74  ? 1011 HOH A O     1 
HETATM 1391 O  O     . HOH D 4 .   ? 14.380  3.372   -1.018  1.00 40.15  ? 1012 HOH A O     1 
HETATM 1392 O  O     . HOH D 4 .   ? 13.864  5.913   -1.253  1.00 25.94  ? 1013 HOH A O     1 
HETATM 1393 O  O     . HOH D 4 .   ? 3.247   8.754   -10.508 1.00 33.32  ? 1014 HOH A O     1 
HETATM 1394 O  O     . HOH D 4 .   ? 3.995   11.555  -7.822  1.00 33.67  ? 1015 HOH A O     1 
HETATM 1395 O  O     . HOH D 4 .   ? -0.742  -16.940 -1.311  1.00 28.48  ? 1016 HOH A O     1 
HETATM 1396 O  O     . HOH D 4 .   ? -5.317  -17.115 5.454   1.00 30.33  ? 1017 HOH A O     1 
HETATM 1397 O  O     . HOH D 4 .   ? 15.144  -11.430 8.546   1.00 27.28  ? 1018 HOH A O     1 
HETATM 1398 O  O     . HOH D 4 .   ? -0.769  -19.717 1.224   1.00 24.76  ? 1019 HOH A O     1 
HETATM 1399 O  O     . HOH D 4 .   ? 18.216  6.650   5.207   1.00 45.61  ? 1020 HOH A O     1 
HETATM 1400 O  O     . HOH D 4 .   ? 3.005   -10.043 -4.098  1.00 26.89  ? 1021 HOH A O     1 
HETATM 1401 O  O     . HOH D 4 .   ? -2.764  -16.681 -4.169  1.00 25.08  ? 1022 HOH A O     1 
HETATM 1402 O  O     . HOH D 4 .   ? 2.372   1.699   -8.141  1.00 13.75  ? 1023 HOH A O     1 
HETATM 1403 O  O     . HOH D 4 .   ? 4.983   13.838  -0.932  1.00 18.94  ? 1024 HOH A O     1 
HETATM 1404 O  O     . HOH D 4 .   ? 8.187   13.079  -2.736  1.00 24.84  ? 1025 HOH A O     1 
HETATM 1405 O  O     . HOH D 4 .   ? 6.779   -6.993  11.175  1.00 41.37  ? 1026 HOH A O     1 
HETATM 1406 O  O     . HOH D 4 .   ? 15.183  -11.507 5.749   1.00 27.37  ? 1027 HOH A O     1 
HETATM 1407 O  O     . HOH D 4 .   ? 13.267  -11.423 -0.142  1.00 27.88  ? 1028 HOH A O     1 
HETATM 1408 O  O     . HOH D 4 .   ? 1.330   3.170   15.129  1.00 28.22  ? 1029 HOH A O     1 
HETATM 1409 O  O     . HOH D 4 .   ? 1.364   0.397   13.416  1.00 20.25  ? 1030 HOH A O     1 
HETATM 1410 O  O     . HOH D 4 .   ? 4.236   0.451   13.182  1.00 20.22  ? 1031 HOH A O     1 
HETATM 1411 O  O     . HOH D 4 .   ? 4.043   10.185  12.804  1.00 28.99  ? 1032 HOH A O     1 
HETATM 1412 O  O     . HOH D 4 .   ? 6.278   12.580  -4.573  1.00 32.16  ? 1033 HOH A O     1 
HETATM 1413 O  O     . HOH D 4 .   ? 5.899   15.077  -5.748  1.00 29.65  ? 1034 HOH A O     1 
HETATM 1414 O  O     . HOH D 4 .   ? 4.302   -12.777 17.563  1.00 28.26  ? 1035 HOH A O     1 
HETATM 1415 O  O     . HOH D 4 .   ? 0.490   -20.959 12.168  1.00 24.01  ? 1036 HOH A O     1 
HETATM 1416 O  O     . HOH D 4 .   ? -7.199  16.305  8.331   1.00 19.65  ? 1037 HOH A O     1 
HETATM 1417 O  O     . HOH D 4 .   ? -10.408 -4.500  1.962   1.00 17.18  ? 1038 HOH A O     1 
HETATM 1418 O  O     . HOH D 4 .   ? -12.623 -8.313  0.992   1.00 38.42  ? 1039 HOH A O     1 
HETATM 1419 O  O     . HOH D 4 .   ? -1.100  7.523   -5.115  1.00 14.67  ? 1040 HOH A O     1 
HETATM 1420 O  O     . HOH D 4 .   ? -14.334 1.632   -6.380  1.00 32.84  ? 1041 HOH A O     1 
HETATM 1421 O  O     . HOH D 4 .   ? -11.931 -3.613  -2.279  1.00 19.07  ? 1042 HOH A O     1 
HETATM 1422 O  O     . HOH D 4 .   ? -16.511 -8.791  -6.437  1.00 32.09  ? 1043 HOH A O     1 
HETATM 1423 O  O     . HOH D 4 .   ? -1.774  18.753  10.016  1.00 36.61  ? 1044 HOH A O     1 
HETATM 1424 O  O     . HOH D 4 .   ? 12.946  4.066   11.903  1.00 28.40  ? 1045 HOH A O     1 
HETATM 1425 O  O     . HOH D 4 .   ? 13.176  7.758   11.497  1.00 34.32  ? 1046 HOH A O     1 
HETATM 1426 O  O     . HOH D 4 .   ? -15.596 -0.992  -5.970  1.00 49.37  ? 1047 HOH A O     1 
HETATM 1427 O  O     . HOH D 4 .   ? -14.465 -3.219  -1.160  1.00 37.46  ? 1048 HOH A O     1 
HETATM 1428 O  O     . HOH D 4 .   ? -2.996  14.010  11.859  1.00 37.89  ? 1049 HOH A O     1 
HETATM 1429 O  O     . HOH D 4 .   ? 0.588   -10.387 16.090  1.00 15.96  ? 1050 HOH A O     1 
HETATM 1430 O  O     . HOH D 4 .   ? 6.608   18.788  9.078   1.00 30.03  ? 1051 HOH A O     1 
HETATM 1431 O  O     . HOH D 4 .   ? -2.955  -8.229  -19.193 1.00 56.32  ? 1052 HOH A O     1 
HETATM 1432 O  O     . HOH D 4 .   ? -9.711  -9.549  -16.254 1.00 52.50  ? 1053 HOH A O     1 
HETATM 1433 O  O     . HOH D 4 .   ? -9.564  9.370   9.446   1.00 21.62  ? 1054 HOH A O     1 
HETATM 1434 O  O     . HOH D 4 .   ? -11.618 2.642   8.072   1.00 23.50  ? 1055 HOH A O     1 
HETATM 1435 O  O     . HOH D 4 .   ? -8.983  -5.917  10.549  1.00 25.34  ? 1056 HOH A O     1 
HETATM 1436 O  O     . HOH D 4 .   ? -6.783  -12.392 11.974  1.00 17.92  ? 1057 HOH A O     1 
HETATM 1437 O  O     . HOH D 4 .   ? -1.632  -9.168  17.024  1.00 12.39  ? 1058 HOH A O     1 
HETATM 1438 O  O     . HOH D 4 .   ? -1.964  3.116   13.652  1.00 24.37  ? 1059 HOH A O     1 
HETATM 1439 O  O     . HOH D 4 .   ? -6.773  -4.947  11.699  1.00 19.09  ? 1060 HOH A O     1 
HETATM 1440 O  O     . HOH D 4 .   ? -0.495  18.941  -3.142  1.00 26.62  ? 1061 HOH A O     1 
HETATM 1441 O  O     . HOH D 4 .   ? -5.606  14.855  10.328  1.00 20.81  ? 1062 HOH A O     1 
HETATM 1442 O  O     . HOH D 4 .   ? -9.883  15.861  8.546   1.00 17.87  ? 1063 HOH A O     1 
HETATM 1443 O  O     . HOH D 4 .   ? -11.119 11.751  9.686   1.00 20.67  ? 1064 HOH A O     1 
HETATM 1444 O  O     . HOH D 4 .   ? -2.170  5.028   -12.410 1.00 37.74  ? 1065 HOH A O     1 
HETATM 1445 O  O     . HOH D 4 .   ? 6.870   -11.742 13.431  1.00 32.04  ? 1066 HOH A O     1 
HETATM 1446 O  O     . HOH D 4 .   ? -2.630  -15.176 -6.410  1.00 35.81  ? 1067 HOH A O     1 
HETATM 1447 O  O     . HOH D 4 .   ? 1.499   -12.961 17.003  1.00 14.20  ? 1068 HOH A O     1 
HETATM 1448 O  O     . HOH D 4 .   ? -0.357  16.832  8.952   1.00 31.08  ? 1069 HOH A O     1 
HETATM 1449 O  O     . HOH D 4 .   ? 8.881   13.316  1.724   1.00 19.80  ? 1070 HOH A O     1 
HETATM 1450 O  O     . HOH D 4 .   ? 11.351  14.317  5.418   1.00 38.73  ? 1071 HOH A O     1 
HETATM 1451 O  O     . HOH D 4 .   ? -12.531 -4.999  0.651   1.00 35.32  ? 1072 HOH A O     1 
HETATM 1452 O  O     . HOH D 4 .   ? -11.940 -8.471  3.393   1.00 36.05  ? 1073 HOH A O     1 
HETATM 1453 O  O     . HOH D 4 .   ? 8.820   15.001  9.740   1.00 33.30  ? 1074 HOH A O     1 
HETATM 1454 O  O     . HOH D 4 .   ? 4.134   -9.728  14.587  1.00 35.29  ? 1075 HOH A O     1 
HETATM 1455 O  O     . HOH D 4 .   ? 3.647   -16.115 -2.346  1.00 39.05  ? 1076 HOH A O     1 
HETATM 1456 O  O     . HOH D 4 .   ? -1.690  -20.836 13.209  1.00 27.44  ? 1077 HOH A O     1 
HETATM 1457 O  O     . HOH D 4 .   ? 17.118  -0.190  -6.702  1.00 53.27  ? 1078 HOH A O     1 
HETATM 1458 O  O     . HOH D 4 .   ? 6.488   -2.407  -10.767 0.55 18.54  ? 1079 HOH A O     1 
HETATM 1459 O  O     . HOH D 4 .   ? 14.443  -6.558  -2.875  1.00 35.84  ? 1080 HOH A O     1 
HETATM 1460 O  O     . HOH D 4 .   ? 14.093  -7.237  -5.040  1.00 30.13  ? 1081 HOH A O     1 
HETATM 1461 O  O     . HOH D 4 .   ? -7.601  -11.906 -14.348 1.00 43.31  ? 1082 HOH A O     1 
HETATM 1462 O  O     . HOH D 4 .   ? 0.506   12.142  13.127  1.00 42.08  ? 1083 HOH A O     1 
HETATM 1463 O  O     . HOH D 4 .   ? 5.042   19.650  1.050   1.00 34.07  ? 1084 HOH A O     1 
HETATM 1464 O  O     . HOH D 4 .   ? 11.071  13.777  0.685   1.00 32.33  ? 1085 HOH A O     1 
HETATM 1465 O  O     . HOH D 4 .   ? -0.540  17.785  -5.970  1.00 25.91  ? 1086 HOH A O     1 
HETATM 1466 O  O     . HOH D 4 .   ? -2.198  21.193  -3.307  1.00 33.25  ? 1087 HOH A O     1 
HETATM 1467 O  O     . HOH D 4 .   ? 7.329   15.641  1.073   1.00 21.54  ? 1088 HOH A O     1 
HETATM 1468 O  O     . HOH D 4 .   ? 12.750  12.263  3.318   1.00 36.22  ? 1089 HOH A O     1 
HETATM 1469 O  O     . HOH D 4 .   ? 2.098   20.231  -0.174  1.00 37.59  ? 1090 HOH A O     1 
HETATM 1470 O  O     . HOH D 4 .   ? 6.074   14.398  13.343  1.00 42.25  ? 1091 HOH A O     1 
HETATM 1471 O  O     . HOH D 4 .   ? 5.654   19.918  6.315   1.00 28.39  ? 1092 HOH A O     1 
HETATM 1472 O  O     . HOH D 4 .   ? -15.315 -4.013  8.012   1.00 38.30  ? 1093 HOH A O     1 
HETATM 1473 O  O     . HOH D 4 .   ? 2.809   -6.451  16.844  1.00 49.62  ? 1094 HOH A O     1 
HETATM 1474 O  O     . HOH D 4 .   ? -1.442  22.384  -5.621  1.00 35.89  ? 1095 HOH A O     1 
HETATM 1475 O  O     . HOH D 4 .   ? 11.239  5.488   13.331  1.00 39.73  ? 1096 HOH A O     1 
HETATM 1476 O  O     D HOH D 4 .   ? 10.987  4.607   -11.086 0.58 29.35  ? 1097 HOH A O     1 
HETATM 1477 O  O     C HOH D 4 .   ? 9.191   4.145   -10.274 0.42 27.11  ? 1098 HOH A O     1 
HETATM 1478 O  O     . HOH D 4 .   ? -6.960  -13.992 -7.342  1.00 38.76  ? 1099 HOH A O     1 
HETATM 1479 O  O     . HOH D 4 .   ? -10.503 -15.612 0.049   1.00 35.38  ? 1100 HOH A O     1 
HETATM 1480 O  O     . HOH D 4 .   ? 4.065   12.356  -2.979  1.00 25.56  ? 1101 HOH A O     1 
HETATM 1481 O  O     . HOH D 4 .   ? -16.043 -2.256  -11.205 1.00 31.33  ? 1102 HOH A O     1 
HETATM 1482 O  O     . HOH D 4 .   ? 4.409   12.783  13.583  1.00 32.60  ? 1103 HOH A O     1 
HETATM 1483 O  O     . HOH D 4 .   ? -2.103  10.982  11.363  1.00 19.89  ? 1104 HOH A O     1 
HETATM 1484 O  O     . HOH D 4 .   ? -2.266  -0.226  15.409  1.00 39.42  ? 1105 HOH A O     1 
HETATM 1485 O  O     . HOH D 4 .   ? 2.641   -8.744  16.228  1.00 29.61  ? 1106 HOH A O     1 
HETATM 1486 O  O     . HOH D 4 .   ? 7.229   8.452   -10.720 1.00 30.08  ? 1107 HOH A O     1 
HETATM 1487 O  O     . HOH D 4 .   ? -13.395 3.114   6.104   1.00 29.66  ? 1108 HOH A O     1 
HETATM 1488 O  O     . HOH D 4 .   ? 3.805   2.354   -13.117 1.00 51.61  ? 1109 HOH A O     1 
HETATM 1489 O  O     . HOH D 4 .   ? 13.579  -13.729 4.668   1.00 36.54  ? 1110 HOH A O     1 
HETATM 1490 O  O     . HOH D 4 .   ? -3.930  2.597   -13.307 1.00 42.56  ? 1111 HOH A O     1 
HETATM 1491 O  O     . HOH D 4 .   ? 5.432   -2.754  -18.507 1.00 46.04  ? 1112 HOH A O     1 
HETATM 1492 O  O     . HOH D 4 .   ? 5.127   15.944  -2.447  1.00 36.50  ? 1114 HOH A O     1 
HETATM 1493 O  O     . HOH D 4 .   ? -17.251 12.084  7.822   1.00 43.34  ? 1115 HOH A O     1 
HETATM 1494 O  O     . HOH D 4 .   ? 16.049  -3.034  -0.847  1.00 35.22  ? 1116 HOH A O     1 
HETATM 1495 O  O     . HOH D 4 .   ? 8.954   6.724   -9.794  1.00 43.39  ? 1117 HOH A O     1 
HETATM 1496 O  O     . HOH D 4 .   ? -13.108 -4.544  4.683   1.00 43.72  ? 1118 HOH A O     1 
HETATM 1497 O  O     . HOH D 4 .   ? 0.316   8.205   -10.557 1.00 35.15  ? 1119 HOH A O     1 
HETATM 1498 O  O     . HOH D 4 .   ? 1.548   12.668  -7.547  1.00 30.63  ? 1120 HOH A O     1 
HETATM 1499 O  O     . HOH D 4 .   ? -14.706 -16.187 5.069   1.00 39.28  ? 1121 HOH A O     1 
HETATM 1500 O  O     . HOH D 4 .   ? 6.051   -18.162 -2.878  1.00 43.47  ? 1122 HOH A O     1 
HETATM 1501 O  O     . HOH D 4 .   ? -7.838  -17.187 5.792   1.00 46.70  ? 1123 HOH A O     1 
HETATM 1502 O  O     . HOH D 4 .   ? -13.516 12.150  -0.668  1.00 39.80  ? 1124 HOH A O     1 
HETATM 1503 O  O     . HOH D 4 .   ? -11.875 -15.788 4.261   1.00 34.32  ? 1125 HOH A O     1 
HETATM 1504 O  O     . HOH D 4 .   ? 8.298   -9.486  12.552  1.00 34.49  ? 1126 HOH A O     1 
HETATM 1505 O  O     . HOH D 4 .   ? 7.638   -20.508 -0.752  1.00 37.62  ? 1127 HOH A O     1 
HETATM 1506 O  O     . HOH D 4 .   ? 5.536   -21.795 2.128   1.00 38.36  ? 1128 HOH A O     1 
HETATM 1507 O  O     . HOH D 4 .   ? 4.669   -13.761 -5.553  1.00 52.65  ? 1129 HOH A O     1 
HETATM 1508 O  O     . HOH D 4 .   ? -8.573  9.467   -6.309  1.00 45.64  ? 1130 HOH A O     1 
HETATM 1509 O  O     . HOH D 4 .   ? 9.735   6.962   15.808  1.00 51.21  ? 1131 HOH A O     1 
HETATM 1510 O  O     . HOH D 4 .   ? 13.022  -9.162  3.065   1.00 33.96  ? 1132 HOH A O     1 
HETATM 1511 O  O     . HOH D 4 .   ? 5.665   5.356   16.325  1.00 44.30  ? 1133 HOH A O     1 
HETATM 1512 O  O     . HOH D 4 .   ? -4.844  -19.548 10.663  1.00 34.50  ? 1134 HOH A O     1 
HETATM 1513 O  O     . HOH D 4 .   ? -13.700 2.401   -17.746 1.00 50.98  ? 1135 HOH A O     1 
HETATM 1514 O  O     . HOH D 4 .   ? -12.219 -4.286  7.280   1.00 36.80  ? 1136 HOH A O     1 
HETATM 1515 O  O     . HOH D 4 .   ? -11.822 15.314  -2.006  1.00 38.79  ? 1137 HOH A O     1 
HETATM 1516 O  O     . HOH D 4 .   ? 13.951  0.867   -2.456  1.00 25.91  ? 1138 HOH A O     1 
HETATM 1517 O  O     . HOH D 4 .   ? -0.421  0.798   16.321  1.00 35.76  ? 1139 HOH A O     1 
HETATM 1518 O  O     . HOH D 4 .   ? -12.669 -1.091  -12.997 1.00 28.17  ? 1140 HOH A O     1 
HETATM 1519 O  O     . HOH D 4 .   ? 10.450  -12.609 -4.875  1.00 54.28  ? 1141 HOH A O     1 
HETATM 1520 O  O     . HOH D 4 .   ? 6.316   19.350  3.724   1.00 44.84  ? 1142 HOH A O     1 
HETATM 1521 O  O     . HOH D 4 .   ? -6.828  19.563  -6.860  1.00 37.58  ? 1143 HOH A O     1 
HETATM 1522 O  O     . HOH D 4 .   ? -13.318 6.901   -6.715  1.00 49.34  ? 1144 HOH A O     1 
HETATM 1523 O  O     . HOH D 4 .   ? 12.537  -7.164  11.603  1.00 38.67  ? 1145 HOH A O     1 
HETATM 1524 O  O     . HOH D 4 .   ? -2.351  14.599  14.775  1.00 48.34  ? 1146 HOH A O     1 
HETATM 1525 O  O     . HOH D 4 .   ? 8.322   -11.618 -7.118  1.00 45.24  ? 1147 HOH A O     1 
HETATM 1526 O  O     . HOH D 4 .   ? 0.222   4.476   -20.145 1.00 39.99  ? 1148 HOH A O     1 
HETATM 1527 O  O     . HOH D 4 .   ? 12.870  12.667  -2.382  1.00 31.11  ? 1149 HOH A O     1 
HETATM 1528 O  O     . HOH D 4 .   ? -14.331 9.117   10.690  1.00 38.78  ? 1150 HOH A O     1 
HETATM 1529 O  O     . HOH D 4 .   ? 8.353   17.488  3.237   1.00 49.06  ? 1151 HOH A O     1 
HETATM 1530 O  O     . HOH D 4 .   ? -10.604 4.640   -13.591 1.00 51.56  ? 1152 HOH A O     1 
HETATM 1531 O  O     . HOH D 4 .   ? 14.614  -7.167  3.233   1.00 39.63  ? 1153 HOH A O     1 
HETATM 1532 O  O     . HOH D 4 .   ? 0.694   11.493  -9.876  1.00 37.78  ? 1154 HOH A O     1 
HETATM 1533 O  O     . HOH D 4 .   ? -8.094  21.944  4.517   1.00 46.08  ? 1155 HOH A O     1 
HETATM 1534 O  O     . HOH D 4 .   ? 3.274   0.273   -11.118 1.00 47.90  ? 1156 HOH A O     1 
HETATM 1535 O  O     . HOH D 4 .   ? -4.480  -13.818 -6.273  1.00 38.65  ? 1157 HOH A O     1 
HETATM 1536 O  O     . HOH D 4 .   ? -5.549  -1.948  13.040  1.00 58.24  ? 1158 HOH A O     1 
HETATM 1537 O  O     . HOH D 4 .   ? 2.458   -11.347 -5.907  1.00 51.12  ? 1159 HOH A O     1 
HETATM 1538 O  O     . HOH D 4 .   ? 5.408   -0.538  15.087  1.00 46.16  ? 1160 HOH A O     1 
HETATM 1539 O  O     . HOH D 4 .   ? -16.002 6.009   -5.074  1.00 41.64  ? 1161 HOH A O     1 
HETATM 1540 O  O     . HOH D 4 .   ? 18.182  4.670   7.769   1.00 34.35  ? 1162 HOH A O     1 
HETATM 1541 O  O     . HOH D 4 .   ? -5.591  11.388  -11.169 1.00 37.25  ? 1163 HOH A O     1 
HETATM 1542 O  O     . HOH D 4 .   ? 10.317  -5.129  12.711  1.00 44.08  ? 1164 HOH A O     1 
HETATM 1543 O  O     . HOH D 4 .   ? -18.221 7.531   1.702   1.00 37.99  ? 1165 HOH A O     1 
HETATM 1544 O  O     . HOH D 4 .   ? -15.611 -0.140  -11.983 1.00 52.59  ? 1166 HOH A O     1 
HETATM 1545 O  O     . HOH D 4 .   ? 5.047   14.080  -8.337  1.00 44.01  ? 1167 HOH A O     1 
HETATM 1546 O  O     . HOH D 4 .   ? -5.261  0.991   -17.104 1.00 55.89  ? 1168 HOH A O     1 
HETATM 1547 O  O     . HOH D 4 .   ? -15.558 -18.328 5.561   1.00 51.39  ? 1169 HOH A O     1 
HETATM 1548 O  O     . HOH D 4 .   ? -16.242 -14.225 3.289   1.00 41.26  ? 1170 HOH A O     1 
HETATM 1549 O  O     . HOH D 4 .   ? -0.886  23.230  3.483   1.00 47.94  ? 1171 HOH A O     1 
HETATM 1550 O  O     . HOH D 4 .   ? -18.656 -7.465  -4.782  1.00 46.24  ? 1172 HOH A O     1 
HETATM 1551 O  O     . HOH D 4 .   ? -13.147 9.360   -6.892  1.00 51.25  ? 1173 HOH A O     1 
HETATM 1552 O  O     . HOH D 4 .   ? -15.589 -11.289 0.234   1.00 48.58  ? 1174 HOH A O     1 
HETATM 1553 O  O     . HOH D 4 .   ? 1.657   17.300  -6.655  1.00 44.11  ? 1175 HOH A O     1 
HETATM 1554 O  O     . HOH D 4 .   ? 16.556  -1.929  -5.183  1.00 42.87  ? 1176 HOH A O     1 
HETATM 1555 O  O     . HOH D 4 .   ? 4.543   12.932  -12.120 1.00 48.19  ? 1177 HOH A O     1 
HETATM 1556 O  O     . HOH D 4 .   ? -18.416 -16.377 3.143   1.00 59.88  ? 1178 HOH A O     1 
HETATM 1557 O  O     . HOH D 4 .   ? 4.926   8.158   16.728  1.00 46.59  ? 1179 HOH A O     1 
HETATM 1558 O  O     . HOH D 4 .   ? 12.397  8.806   13.606  1.00 66.89  ? 1180 HOH A O     1 
HETATM 1559 O  O     . HOH D 4 .   ? 7.580   -3.417  15.802  0.50 34.92  ? 1181 HOH A O     1 
HETATM 1560 O  O     . HOH D 4 .   ? -14.345 -9.074  4.114   1.00 49.93  ? 1182 HOH A O     1 
HETATM 1561 O  O     . HOH D 4 .   ? -19.795 5.733   1.440   1.00 44.15  ? 1183 HOH A O     1 
HETATM 1562 O  O     . HOH D 4 .   ? 17.354  -7.394  4.242   0.50 33.06  ? 1184 HOH A O     1 
HETATM 1563 O  O     . HOH D 4 .   ? -13.456 -19.788 5.210   1.00 36.23  ? 1185 HOH A O     1 
HETATM 1564 O  O     . HOH D 4 .   ? 10.938  18.207  1.046   0.50 31.29  ? 1187 HOH A O     1 
HETATM 1565 O  O     . HOH D 4 .   ? 11.347  -8.050  -8.156  0.50 36.30  ? 1188 HOH A O     1 
HETATM 1566 O  O     . HOH D 4 .   ? 12.839  -8.581  -6.443  1.00 48.71  ? 1189 HOH A O     1 
HETATM 1567 O  O     . HOH D 4 .   ? -7.143  17.995  -1.294  0.50 32.85  ? 1192 HOH A O     1 
HETATM 1568 O  O     . HOH D 4 .   ? 16.191  -1.073  -2.283  0.50 40.83  ? 1193 HOH A O     1 
HETATM 1569 O  O     . HOH D 4 .   ? -11.424 17.969  8.747   0.50 27.93  ? 1194 HOH A O     1 
HETATM 1570 O  O     . HOH D 4 .   ? 10.873  11.369  13.564  1.00 52.93  ? 1195 HOH A O     1 
HETATM 1571 O  O     . HOH D 4 .   ? -16.839 9.132   -3.278  0.50 53.82  ? 1196 HOH A O     1 
HETATM 1572 O  O     . HOH D 4 .   ? -14.544 -5.904  1.718   0.50 45.80  ? 1197 HOH A O     1 
HETATM 1573 O  O     . HOH D 4 .   ? 5.214   9.016   -14.193 0.50 40.48  ? 1198 HOH A O     1 
HETATM 1574 O  O     . HOH D 4 .   ? 5.353   22.822  6.183   0.50 32.78  ? 1199 HOH A O     1 
HETATM 1575 O  O     . HOH D 4 .   ? -5.808  21.032  3.733   1.00 73.21  ? 1200 HOH A O     1 
HETATM 1576 O  O     . HOH D 4 .   ? 9.410   18.194  8.245   1.00 52.94  ? 1202 HOH A O     1 
HETATM 1577 O  O     . HOH D 4 .   ? 8.287   -14.391 -4.304  1.00 50.08  ? 1203 HOH A O     1 
HETATM 1578 O  O     . HOH D 4 .   ? 4.943   2.883   16.197  1.00 56.04  ? 1205 HOH A O     1 
HETATM 1579 O  O     . HOH D 4 .   ? 6.192   -9.855  -10.541 1.00 51.55  ? 1206 HOH A O     1 
HETATM 1580 O  O     . HOH D 4 .   ? 8.601   13.804  12.572  1.00 64.92  ? 1207 HOH A O     1 
HETATM 1581 O  O     . HOH D 4 .   ? 7.413   20.904  8.672   1.00 58.23  ? 1209 HOH A O     1 
HETATM 1582 O  O     . HOH D 4 .   ? -12.922 4.019   -7.817  1.00 31.93  ? 1210 HOH A O     1 
HETATM 1583 O  O     . HOH D 4 .   ? -16.521 -4.080  -2.004  1.00 48.38  ? 1212 HOH A O     1 
HETATM 1584 O  O     . HOH D 4 .   ? -18.346 9.180   -0.400  1.00 56.78  ? 1213 HOH A O     1 
HETATM 1585 O  O     . HOH D 4 .   ? 15.380  -5.341  -5.137  1.00 77.58  ? 1214 HOH A O     1 
HETATM 1586 O  O     . HOH D 4 .   ? 3.198   9.554   17.308  1.00 74.56  ? 1215 HOH A O     1 
HETATM 1587 O  O     . HOH D 4 .   ? 1.503   22.376  0.844   1.00 42.76  ? 1216 HOH A O     1 
HETATM 1588 O  O     . HOH D 4 .   ? -12.599 6.122   -13.820 1.00 56.07  ? 1217 HOH A O     1 
HETATM 1589 O  O     . HOH D 4 .   ? 17.564  0.652   0.339   1.00 92.34  ? 1218 HOH A O     1 
HETATM 1590 O  O     . HOH D 4 .   ? 6.947   -5.601  16.132  1.00 56.05  ? 1219 HOH A O     1 
HETATM 1591 O  O     . HOH D 4 .   ? 10.665  20.561  0.606   1.00 57.91  ? 1220 HOH A O     1 
HETATM 1592 O  O     . HOH D 4 .   ? -15.346 10.807  8.166   1.00 60.91  ? 1221 HOH A O     1 
HETATM 1593 O  O     . HOH D 4 .   ? -5.213  11.566  -13.979 1.00 60.15  ? 1222 HOH A O     1 
HETATM 1594 O  O     . HOH D 4 .   ? 8.872   0.924   -20.099 1.00 81.02  ? 1223 HOH A O     1 
HETATM 1595 O  O     . HOH D 4 .   ? 14.481  -9.375  -4.300  1.00 50.04  ? 1224 HOH A O     1 
HETATM 1596 O  O     . HOH D 4 .   ? -9.602  12.628  -5.432  1.00 55.25  ? 1225 HOH A O     1 
HETATM 1597 O  O     . HOH D 4 .   ? -10.976 1.761   -16.468 1.00 80.13  ? 1226 HOH A O     1 
HETATM 1598 O  O     . HOH D 4 .   ? -7.347  -4.052  -17.206 1.00 55.36  ? 1227 HOH A O     1 
HETATM 1599 O  O     . HOH D 4 .   ? 5.046   -21.923 -2.343  1.00 45.38  ? 1228 HOH A O     1 
HETATM 1600 O  O     . HOH D 4 .   ? 19.241  7.818   -5.878  1.00 51.77  ? 1229 HOH A O     1 
HETATM 1601 O  O     . HOH D 4 .   ? -15.777 9.595   -8.448  1.00 56.66  ? 1230 HOH A O     1 
HETATM 1602 O  O     . HOH D 4 .   ? -14.629 -12.120 7.702   1.00 61.34  ? 1232 HOH A O     1 
# 
loop_
_pdbx_poly_seq_scheme.asym_id 
_pdbx_poly_seq_scheme.entity_id 
_pdbx_poly_seq_scheme.seq_id 
_pdbx_poly_seq_scheme.mon_id 
_pdbx_poly_seq_scheme.ndb_seq_num 
_pdbx_poly_seq_scheme.pdb_seq_num 
_pdbx_poly_seq_scheme.auth_seq_num 
_pdbx_poly_seq_scheme.pdb_mon_id 
_pdbx_poly_seq_scheme.auth_mon_id 
_pdbx_poly_seq_scheme.pdb_strand_id 
_pdbx_poly_seq_scheme.pdb_ins_code 
_pdbx_poly_seq_scheme.hetero 
A 1 1   MET 1   1   1   MET MET A . n 
A 1 2   THR 2   2   2   THR THR A . n 
A 1 3   GLU 3   3   3   GLU GLU A . n 
A 1 4   TYR 4   4   4   TYR TYR A . n 
A 1 5   LYS 5   5   5   LYS LYS A . n 
A 1 6   LEU 6   6   6   LEU LEU A . n 
A 1 7   VAL 7   7   7   VAL VAL A . n 
A 1 8   VAL 8   8   8   VAL VAL A . n 
A 1 9   VAL 9   9   9   VAL VAL A . n 
A 1 10  GLY 10  10  10  GLY GLY A . n 
A 1 11  ALA 11  11  11  ALA ALA A . n 
A 1 12  GLY 12  12  12  GLY GLY A . n 
A 1 13  GLY 13  13  13  GLY GLY A . n 
A 1 14  VAL 14  14  14  VAL VAL A . n 
A 1 15  GLY 15  15  15  GLY GLY A . n 
A 1 16  LYS 16  16  16  LYS LYS A . n 
A 1 17  SER 17  17  17  SER SER A . n 
A 1 18  ALA 18  18  18  ALA ALA A . n 
A 1 19  LEU 19  19  19  LEU LEU A . n 
A 1 20  THR 20  20  20  THR THR A . n 
A 1 21  ILE 21  21  21  ILE ILE A . n 
A 1 22  GLN 22  22  22  GLN GLN A . n 
A 1 23  LEU 23  23  23  LEU LEU A . n 
A 1 24  ILE 24  24  24  ILE ILE A . n 
A 1 25  GLN 25  25  25  GLN GLN A . n 
A 1 26  ASN 26  26  26  ASN ASN A . n 
A 1 27  HIS 27  27  27  HIS HIS A . n 
A 1 28  PHE 28  28  28  PHE PHE A . n 
A 1 29  VAL 29  29  29  VAL VAL A . n 
A 1 30  ASP 30  30  30  ASP ASP A . n 
A 1 31  GLU 31  31  31  GLU GLU A . n 
A 1 32  TYR 32  32  32  TYR TYR A . n 
A 1 33  ASP 33  33  33  ASP ASP A . n 
A 1 34  PRO 34  34  34  PRO PRO A . n 
A 1 35  THR 35  35  35  THR THR A . n 
A 1 36  ILE 36  36  36  ILE ILE A . n 
A 1 37  GLU 37  37  37  GLU GLU A . n 
A 1 38  ASP 38  38  38  ASP ASP A . n 
A 1 39  SER 39  39  39  SER SER A . n 
A 1 40  TYR 40  40  40  TYR TYR A . n 
A 1 41  ARG 41  41  41  ARG ARG A . n 
A 1 42  LYS 42  42  42  LYS LYS A . n 
A 1 43  GLN 43  43  43  GLN GLN A . n 
A 1 44  VAL 44  44  44  VAL VAL A . n 
A 1 45  VAL 45  45  45  VAL VAL A . n 
A 1 46  ILE 46  46  46  ILE ILE A . n 
A 1 47  ASP 47  47  47  ASP ASP A . n 
A 1 48  GLY 48  48  48  GLY GLY A . n 
A 1 49  GLU 49  49  49  GLU GLU A . n 
A 1 50  THR 50  50  50  THR THR A . n 
A 1 51  CYS 51  51  51  CYS CYS A . n 
A 1 52  LEU 52  52  52  LEU LEU A . n 
A 1 53  LEU 53  53  53  LEU LEU A . n 
A 1 54  ASP 54  54  54  ASP ASP A . n 
A 1 55  ILE 55  55  55  ILE ILE A . n 
A 1 56  LEU 56  56  56  LEU LEU A . n 
A 1 57  ASP 57  57  57  ASP ASP A . n 
A 1 58  THR 58  58  58  THR THR A . n 
A 1 59  ALA 59  59  59  ALA ALA A . n 
A 1 60  GLY 60  60  60  GLY GLY A . n 
A 1 61  GLN 61  61  61  GLN GLN A . n 
A 1 62  GLU 62  62  62  GLU GLU A . n 
A 1 63  GLU 63  63  63  GLU GLU A . n 
A 1 64  TYR 64  64  64  TYR TYR A . n 
A 1 65  SER 65  65  65  SER SER A . n 
A 1 66  ALA 66  66  66  ALA ALA A . n 
A 1 67  MET 67  67  67  MET MET A . n 
A 1 68  ARG 68  68  68  ARG ARG A . n 
A 1 69  ASP 69  69  69  ASP ASP A . n 
A 1 70  GLN 70  70  70  GLN GLN A . n 
A 1 71  TYR 71  71  71  TYR TYR A . n 
A 1 72  MET 72  72  72  MET MET A . n 
A 1 73  ARG 73  73  73  ARG ARG A . n 
A 1 74  THR 74  74  74  THR THR A . n 
A 1 75  GLY 75  75  75  GLY GLY A . n 
A 1 76  GLU 76  76  76  GLU GLU A . n 
A 1 77  GLY 77  77  77  GLY GLY A . n 
A 1 78  PHE 78  78  78  PHE PHE A . n 
A 1 79  LEU 79  79  79  LEU LEU A . n 
A 1 80  CYS 80  80  80  CYS CYS A . n 
A 1 81  VAL 81  81  81  VAL VAL A . n 
A 1 82  PHE 82  82  82  PHE PHE A . n 
A 1 83  ALA 83  83  83  ALA ALA A . n 
A 1 84  ILE 84  84  84  ILE ILE A . n 
A 1 85  ASN 85  85  85  ASN ASN A . n 
A 1 86  ASN 86  86  86  ASN ASN A . n 
A 1 87  THR 87  87  87  THR THR A . n 
A 1 88  LYS 88  88  88  LYS LYS A . n 
A 1 89  SER 89  89  89  SER SER A . n 
A 1 90  PHE 90  90  90  PHE PHE A . n 
A 1 91  GLU 91  91  91  GLU GLU A . n 
A 1 92  ASP 92  92  92  ASP ASP A . n 
A 1 93  ILE 93  93  93  ILE ILE A . n 
A 1 94  HIS 94  94  94  HIS HIS A . n 
A 1 95  GLN 95  95  95  GLN GLN A . n 
A 1 96  TYR 96  96  96  TYR TYR A . n 
A 1 97  ARG 97  97  97  ARG ARG A . n 
A 1 98  GLU 98  98  98  GLU GLU A . n 
A 1 99  GLN 99  99  99  GLN GLN A . n 
A 1 100 ILE 100 100 100 ILE ILE A . n 
A 1 101 LYS 101 101 101 LYS LYS A . n 
A 1 102 ARG 102 102 102 ARG ARG A . n 
A 1 103 VAL 103 103 103 VAL VAL A . n 
A 1 104 LYS 104 104 104 LYS LYS A . n 
A 1 105 ASP 105 105 105 ASP ASP A . n 
A 1 106 SER 106 106 106 SER SER A . n 
A 1 107 ASP 107 107 107 ASP ASP A . n 
A 1 108 ASP 108 108 108 ASP ASP A . n 
A 1 109 VAL 109 109 109 VAL VAL A . n 
A 1 110 PRO 110 110 110 PRO PRO A . n 
A 1 111 MET 111 111 111 MET MET A . n 
A 1 112 VAL 112 112 112 VAL VAL A . n 
A 1 113 LEU 113 113 113 LEU LEU A . n 
A 1 114 VAL 114 114 114 VAL VAL A . n 
A 1 115 GLY 115 115 115 GLY GLY A . n 
A 1 116 ASN 116 116 116 ASN ASN A . n 
A 1 117 LYS 117 117 117 LYS LYS A . n 
A 1 118 CYS 118 118 118 CYS CYS A . n 
A 1 119 ASP 119 119 119 ASP ASP A . n 
A 1 120 LEU 120 120 120 LEU LEU A . n 
A 1 121 ALA 121 121 121 ALA ALA A . n 
A 1 122 ALA 122 122 122 ALA ALA A . n 
A 1 123 ARG 123 123 123 ARG ARG A . n 
A 1 124 THR 124 124 124 THR THR A . n 
A 1 125 VAL 125 125 125 VAL VAL A . n 
A 1 126 GLU 126 126 126 GLU GLU A . n 
A 1 127 SER 127 127 127 SER SER A . n 
A 1 128 ARG 128 128 128 ARG ARG A . n 
A 1 129 GLN 129 129 129 GLN GLN A . n 
A 1 130 ALA 130 130 130 ALA ALA A . n 
A 1 131 GLN 131 131 131 GLN GLN A . n 
A 1 132 ASP 132 132 132 ASP ASP A . n 
A 1 133 LEU 133 133 133 LEU LEU A . n 
A 1 134 ALA 134 134 134 ALA ALA A . n 
A 1 135 ARG 135 135 135 ARG ARG A . n 
A 1 136 SER 136 136 136 SER SER A . n 
A 1 137 TYR 137 137 137 TYR TYR A . n 
A 1 138 GLY 138 138 138 GLY GLY A . n 
A 1 139 ILE 139 139 139 ILE ILE A . n 
A 1 140 PRO 140 140 140 PRO PRO A . n 
A 1 141 TYR 141 141 141 TYR TYR A . n 
A 1 142 ILE 142 142 142 ILE ILE A . n 
A 1 143 GLU 143 143 143 GLU GLU A . n 
A 1 144 THR 144 144 144 THR THR A . n 
A 1 145 SER 145 145 145 SER SER A . n 
A 1 146 ALA 146 146 146 ALA ALA A . n 
A 1 147 LYS 147 147 147 LYS LYS A . n 
A 1 148 THR 148 148 148 THR THR A . n 
A 1 149 ARG 149 149 149 ARG ARG A . n 
A 1 150 GLN 150 150 150 GLN GLN A . n 
A 1 151 GLY 151 151 151 GLY GLY A . n 
A 1 152 VAL 152 152 152 VAL VAL A . n 
A 1 153 GLU 153 153 153 GLU GLU A . n 
A 1 154 ASP 154 154 154 ASP ASP A . n 
A 1 155 ALA 155 155 155 ALA ALA A . n 
A 1 156 PHE 156 156 156 PHE PHE A . n 
A 1 157 TYR 157 157 157 TYR TYR A . n 
A 1 158 THR 158 158 158 THR THR A . n 
A 1 159 LEU 159 159 159 LEU LEU A . n 
A 1 160 VAL 160 160 160 VAL VAL A . n 
A 1 161 ARG 161 161 161 ARG ARG A . n 
A 1 162 GLU 162 162 162 GLU GLU A . n 
A 1 163 ILE 163 163 163 ILE ILE A . n 
A 1 164 ARG 164 164 164 ARG ARG A . n 
A 1 165 GLN 165 165 165 GLN GLN A . n 
A 1 166 HIS 166 166 166 HIS HIS A . n 
# 
loop_
_pdbx_nonpoly_scheme.asym_id 
_pdbx_nonpoly_scheme.entity_id 
_pdbx_nonpoly_scheme.mon_id 
_pdbx_nonpoly_scheme.ndb_seq_num 
_pdbx_nonpoly_scheme.pdb_seq_num 
_pdbx_nonpoly_scheme.auth_seq_num 
_pdbx_nonpoly_scheme.pdb_mon_id 
_pdbx_nonpoly_scheme.auth_mon_id 
_pdbx_nonpoly_scheme.pdb_strand_id 
_pdbx_nonpoly_scheme.pdb_ins_code 
B 2 MG  1   168  168  MG  MG  A . 
C 3 GTP 1   167  167  GTP GTP A . 
D 4 HOH 1   1001 1001 HOH HOH A . 
D 4 HOH 2   1002 1002 HOH HOH A . 
D 4 HOH 3   1003 1003 HOH HOH A . 
D 4 HOH 4   1004 1004 HOH HOH A . 
D 4 HOH 5   1005 1005 HOH HOH A . 
D 4 HOH 6   1006 1006 HOH HOH A . 
D 4 HOH 7   1007 1007 HOH HOH A . 
D 4 HOH 8   1008 1008 HOH HOH A . 
D 4 HOH 9   1009 1009 HOH HOH A . 
D 4 HOH 10  1010 1010 HOH HOH A . 
D 4 HOH 11  1011 1011 HOH HOH A . 
D 4 HOH 12  1012 1012 HOH HOH A . 
D 4 HOH 13  1013 1013 HOH HOH A . 
D 4 HOH 14  1014 1014 HOH HOH A . 
D 4 HOH 15  1015 1015 HOH HOH A . 
D 4 HOH 16  1016 1016 HOH HOH A . 
D 4 HOH 17  1017 1017 HOH HOH A . 
D 4 HOH 18  1018 1018 HOH HOH A . 
D 4 HOH 19  1019 1019 HOH HOH A . 
D 4 HOH 20  1020 1020 HOH HOH A . 
D 4 HOH 21  1021 1021 HOH HOH A . 
D 4 HOH 22  1022 1022 HOH HOH A . 
D 4 HOH 23  1023 1023 HOH HOH A . 
D 4 HOH 24  1024 1024 HOH HOH A . 
D 4 HOH 25  1025 1025 HOH HOH A . 
D 4 HOH 26  1026 1026 HOH HOH A . 
D 4 HOH 27  1027 1027 HOH HOH A . 
D 4 HOH 28  1028 1028 HOH HOH A . 
D 4 HOH 29  1029 1029 HOH HOH A . 
D 4 HOH 30  1030 1030 HOH HOH A . 
D 4 HOH 31  1031 1031 HOH HOH A . 
D 4 HOH 32  1032 1032 HOH HOH A . 
D 4 HOH 33  1033 1033 HOH HOH A . 
D 4 HOH 34  1034 1034 HOH HOH A . 
D 4 HOH 35  1035 1035 HOH HOH A . 
D 4 HOH 36  1036 1036 HOH HOH A . 
D 4 HOH 37  1037 1037 HOH HOH A . 
D 4 HOH 38  1038 1038 HOH HOH A . 
D 4 HOH 39  1039 1039 HOH HOH A . 
D 4 HOH 40  1040 1040 HOH HOH A . 
D 4 HOH 41  1041 1041 HOH HOH A . 
D 4 HOH 42  1042 1042 HOH HOH A . 
D 4 HOH 43  1043 1043 HOH HOH A . 
D 4 HOH 44  1044 1044 HOH HOH A . 
D 4 HOH 45  1045 1045 HOH HOH A . 
D 4 HOH 46  1046 1046 HOH HOH A . 
D 4 HOH 47  1047 1047 HOH HOH A . 
D 4 HOH 48  1048 1048 HOH HOH A . 
D 4 HOH 49  1049 1049 HOH HOH A . 
D 4 HOH 50  1050 1050 HOH HOH A . 
D 4 HOH 51  1051 1051 HOH HOH A . 
D 4 HOH 52  1052 1052 HOH HOH A . 
D 4 HOH 53  1053 1053 HOH HOH A . 
D 4 HOH 54  1054 1054 HOH HOH A . 
D 4 HOH 55  1055 1055 HOH HOH A . 
D 4 HOH 56  1056 1056 HOH HOH A . 
D 4 HOH 57  1057 1057 HOH HOH A . 
D 4 HOH 58  1058 1058 HOH HOH A . 
D 4 HOH 59  1059 1059 HOH HOH A . 
D 4 HOH 60  1060 1060 HOH HOH A . 
D 4 HOH 61  1061 1061 HOH HOH A . 
D 4 HOH 62  1062 1062 HOH HOH A . 
D 4 HOH 63  1063 1063 HOH HOH A . 
D 4 HOH 64  1064 1064 HOH HOH A . 
D 4 HOH 65  1065 1065 HOH HOH A . 
D 4 HOH 66  1066 1066 HOH HOH A . 
D 4 HOH 67  1067 1067 HOH HOH A . 
D 4 HOH 68  1068 1068 HOH HOH A . 
D 4 HOH 69  1069 1069 HOH HOH A . 
D 4 HOH 70  1070 1070 HOH HOH A . 
D 4 HOH 71  1071 1071 HOH HOH A . 
D 4 HOH 72  1072 1072 HOH HOH A . 
D 4 HOH 73  1073 1073 HOH HOH A . 
D 4 HOH 74  1074 1074 HOH HOH A . 
D 4 HOH 75  1075 1075 HOH HOH A . 
D 4 HOH 76  1076 1076 HOH HOH A . 
D 4 HOH 77  1077 1077 HOH HOH A . 
D 4 HOH 78  1078 1078 HOH HOH A . 
D 4 HOH 79  1079 1079 HOH HOH A . 
D 4 HOH 80  1080 1080 HOH HOH A . 
D 4 HOH 81  1081 1081 HOH HOH A . 
D 4 HOH 82  1082 1082 HOH HOH A . 
D 4 HOH 83  1083 1083 HOH HOH A . 
D 4 HOH 84  1084 1084 HOH HOH A . 
D 4 HOH 85  1085 1085 HOH HOH A . 
D 4 HOH 86  1086 1086 HOH HOH A . 
D 4 HOH 87  1087 1087 HOH HOH A . 
D 4 HOH 88  1088 1088 HOH HOH A . 
D 4 HOH 89  1089 1089 HOH HOH A . 
D 4 HOH 90  1090 1090 HOH HOH A . 
D 4 HOH 91  1091 1091 HOH HOH A . 
D 4 HOH 92  1092 1092 HOH HOH A . 
D 4 HOH 93  1093 1093 HOH HOH A . 
D 4 HOH 94  1094 1094 HOH HOH A . 
D 4 HOH 95  1095 1095 HOH HOH A . 
D 4 HOH 96  1096 1096 HOH HOH A . 
D 4 HOH 97  1097 1097 HOH HOH A . 
D 4 HOH 98  1098 1098 HOH HOH A . 
D 4 HOH 99  1099 1099 HOH HOH A . 
D 4 HOH 100 1100 1100 HOH HOH A . 
D 4 HOH 101 1101 1101 HOH HOH A . 
D 4 HOH 102 1102 1102 HOH HOH A . 
D 4 HOH 103 1103 1103 HOH HOH A . 
D 4 HOH 104 1104 1104 HOH HOH A . 
D 4 HOH 105 1105 1105 HOH HOH A . 
D 4 HOH 106 1106 1106 HOH HOH A . 
D 4 HOH 107 1107 1107 HOH HOH A . 
D 4 HOH 108 1108 1108 HOH HOH A . 
D 4 HOH 109 1109 1109 HOH HOH A . 
D 4 HOH 110 1110 1110 HOH HOH A . 
D 4 HOH 111 1111 1111 HOH HOH A . 
D 4 HOH 112 1112 1112 HOH HOH A . 
D 4 HOH 113 1114 1114 HOH HOH A . 
D 4 HOH 114 1115 1115 HOH HOH A . 
D 4 HOH 115 1116 1116 HOH HOH A . 
D 4 HOH 116 1117 1117 HOH HOH A . 
D 4 HOH 117 1118 1118 HOH HOH A . 
D 4 HOH 118 1119 1119 HOH HOH A . 
D 4 HOH 119 1120 1120 HOH HOH A . 
D 4 HOH 120 1121 1121 HOH HOH A . 
D 4 HOH 121 1122 1122 HOH HOH A . 
D 4 HOH 122 1123 1123 HOH HOH A . 
D 4 HOH 123 1124 1124 HOH HOH A . 
D 4 HOH 124 1125 1125 HOH HOH A . 
D 4 HOH 125 1126 1126 HOH HOH A . 
D 4 HOH 126 1127 1127 HOH HOH A . 
D 4 HOH 127 1128 1128 HOH HOH A . 
D 4 HOH 128 1129 1129 HOH HOH A . 
D 4 HOH 129 1130 1130 HOH HOH A . 
D 4 HOH 130 1131 1131 HOH HOH A . 
D 4 HOH 131 1132 1132 HOH HOH A . 
D 4 HOH 132 1133 1133 HOH HOH A . 
D 4 HOH 133 1134 1134 HOH HOH A . 
D 4 HOH 134 1135 1135 HOH HOH A . 
D 4 HOH 135 1136 1136 HOH HOH A . 
D 4 HOH 136 1137 1137 HOH HOH A . 
D 4 HOH 137 1138 1138 HOH HOH A . 
D 4 HOH 138 1139 1139 HOH HOH A . 
D 4 HOH 139 1140 1140 HOH HOH A . 
D 4 HOH 140 1141 1141 HOH HOH A . 
D 4 HOH 141 1142 1142 HOH HOH A . 
D 4 HOH 142 1143 1143 HOH HOH A . 
D 4 HOH 143 1144 1144 HOH HOH A . 
D 4 HOH 144 1145 1145 HOH HOH A . 
D 4 HOH 145 1146 1146 HOH HOH A . 
D 4 HOH 146 1147 1147 HOH HOH A . 
D 4 HOH 147 1148 1148 HOH HOH A . 
D 4 HOH 148 1149 1149 HOH HOH A . 
D 4 HOH 149 1150 1150 HOH HOH A . 
D 4 HOH 150 1151 1151 HOH HOH A . 
D 4 HOH 151 1152 1152 HOH HOH A . 
D 4 HOH 152 1153 1153 HOH HOH A . 
D 4 HOH 153 1154 1154 HOH HOH A . 
D 4 HOH 154 1155 1155 HOH HOH A . 
D 4 HOH 155 1156 1156 HOH HOH A . 
D 4 HOH 156 1157 1157 HOH HOH A . 
D 4 HOH 157 1158 1158 HOH HOH A . 
D 4 HOH 158 1159 1159 HOH HOH A . 
D 4 HOH 159 1160 1160 HOH HOH A . 
D 4 HOH 160 1161 1161 HOH HOH A . 
D 4 HOH 161 1162 1162 HOH HOH A . 
D 4 HOH 162 1163 1163 HOH HOH A . 
D 4 HOH 163 1164 1164 HOH HOH A . 
D 4 HOH 164 1165 1165 HOH HOH A . 
D 4 HOH 165 1166 1166 HOH HOH A . 
D 4 HOH 166 1167 1167 HOH HOH A . 
D 4 HOH 167 1168 1168 HOH HOH A . 
D 4 HOH 168 1169 1169 HOH HOH A . 
D 4 HOH 169 1170 1170 HOH HOH A . 
D 4 HOH 170 1171 1171 HOH HOH A . 
D 4 HOH 171 1172 1172 HOH HOH A . 
D 4 HOH 172 1173 1173 HOH HOH A . 
D 4 HOH 173 1174 1174 HOH HOH A . 
D 4 HOH 174 1175 1175 HOH HOH A . 
D 4 HOH 175 1176 1176 HOH HOH A . 
D 4 HOH 176 1177 1177 HOH HOH A . 
D 4 HOH 177 1178 1178 HOH HOH A . 
D 4 HOH 178 1179 1179 HOH HOH A . 
D 4 HOH 179 1180 1180 HOH HOH A . 
D 4 HOH 180 1181 1181 HOH HOH A . 
D 4 HOH 181 1182 1182 HOH HOH A . 
D 4 HOH 182 1183 1183 HOH HOH A . 
D 4 HOH 183 1184 1184 HOH HOH A . 
D 4 HOH 184 1185 1185 HOH HOH A . 
D 4 HOH 185 1187 1187 HOH HOH A . 
D 4 HOH 186 1188 1188 HOH HOH A . 
D 4 HOH 187 1189 1189 HOH HOH A . 
D 4 HOH 188 1192 1192 HOH HOH A . 
D 4 HOH 189 1193 1193 HOH HOH A . 
D 4 HOH 190 1194 1194 HOH HOH A . 
D 4 HOH 191 1195 1195 HOH HOH A . 
D 4 HOH 192 1196 1196 HOH HOH A . 
D 4 HOH 193 1197 1197 HOH HOH A . 
D 4 HOH 194 1198 1198 HOH HOH A . 
D 4 HOH 195 1199 1199 HOH HOH A . 
D 4 HOH 196 1200 1200 HOH HOH A . 
D 4 HOH 197 1202 1202 HOH HOH A . 
D 4 HOH 198 1203 1203 HOH HOH A . 
D 4 HOH 199 1205 1205 HOH HOH A . 
D 4 HOH 200 1206 1206 HOH HOH A . 
D 4 HOH 201 1207 1207 HOH HOH A . 
D 4 HOH 202 1209 1209 HOH HOH A . 
D 4 HOH 203 1210 1210 HOH HOH A . 
D 4 HOH 204 1212 1212 HOH HOH A . 
D 4 HOH 205 1213 1213 HOH HOH A . 
D 4 HOH 206 1214 1214 HOH HOH A . 
D 4 HOH 207 1215 1215 HOH HOH A . 
D 4 HOH 208 1216 1216 HOH HOH A . 
D 4 HOH 209 1217 1217 HOH HOH A . 
D 4 HOH 210 1218 1218 HOH HOH A . 
D 4 HOH 211 1219 1219 HOH HOH A . 
D 4 HOH 212 1220 1220 HOH HOH A . 
D 4 HOH 213 1221 1221 HOH HOH A . 
D 4 HOH 214 1222 1222 HOH HOH A . 
D 4 HOH 215 1223 1223 HOH HOH A . 
D 4 HOH 216 1224 1224 HOH HOH A . 
D 4 HOH 217 1225 1225 HOH HOH A . 
D 4 HOH 218 1226 1226 HOH HOH A . 
D 4 HOH 219 1227 1227 HOH HOH A . 
D 4 HOH 220 1228 1228 HOH HOH A . 
D 4 HOH 221 1229 1229 HOH HOH A . 
D 4 HOH 222 1230 1230 HOH HOH A . 
D 4 HOH 223 1232 1232 HOH HOH A . 
# 
_pdbx_struct_assembly.id                   1 
_pdbx_struct_assembly.details              author_defined_assembly 
_pdbx_struct_assembly.method_details       ? 
_pdbx_struct_assembly.oligomeric_details   monomeric 
_pdbx_struct_assembly.oligomeric_count     1 
# 
_pdbx_struct_assembly_gen.assembly_id       1 
_pdbx_struct_assembly_gen.oper_expression   1 
_pdbx_struct_assembly_gen.asym_id_list      A,B,C,D 
# 
_pdbx_struct_oper_list.id                   1 
_pdbx_struct_oper_list.type                 'identity operation' 
_pdbx_struct_oper_list.name                 1_555 
_pdbx_struct_oper_list.symmetry_operation   x,y,z 
_pdbx_struct_oper_list.matrix[1][1]         1.0000000000 
_pdbx_struct_oper_list.matrix[1][2]         0.0000000000 
_pdbx_struct_oper_list.matrix[1][3]         0.0000000000 
_pdbx_struct_oper_list.vector[1]            0.0000000000 
_pdbx_struct_oper_list.matrix[2][1]         0.0000000000 
_pdbx_struct_oper_list.matrix[2][2]         1.0000000000 
_pdbx_struct_oper_list.matrix[2][3]         0.0000000000 
_pdbx_struct_oper_list.vector[2]            0.0000000000 
_pdbx_struct_oper_list.matrix[3][1]         0.0000000000 
_pdbx_struct_oper_list.matrix[3][2]         0.0000000000 
_pdbx_struct_oper_list.matrix[3][3]         1.0000000000 
_pdbx_struct_oper_list.vector[3]            0.0000000000 
# 
loop_
_pdbx_struct_conn_angle.id 
_pdbx_struct_conn_angle.ptnr1_label_atom_id 
_pdbx_struct_conn_angle.ptnr1_label_alt_id 
_pdbx_struct_conn_angle.ptnr1_label_asym_id 
_pdbx_struct_conn_angle.ptnr1_label_comp_id 
_pdbx_struct_conn_angle.ptnr1_label_seq_id 
_pdbx_struct_conn_angle.ptnr1_auth_atom_id 
_pdbx_struct_conn_angle.ptnr1_auth_asym_id 
_pdbx_struct_conn_angle.ptnr1_auth_comp_id 
_pdbx_struct_conn_angle.ptnr1_auth_seq_id 
_pdbx_struct_conn_angle.ptnr1_PDB_ins_code 
_pdbx_struct_conn_angle.ptnr1_symmetry 
_pdbx_struct_conn_angle.ptnr2_label_atom_id 
_pdbx_struct_conn_angle.ptnr2_label_alt_id 
_pdbx_struct_conn_angle.ptnr2_label_asym_id 
_pdbx_struct_conn_angle.ptnr2_label_comp_id 
_pdbx_struct_conn_angle.ptnr2_label_seq_id 
_pdbx_struct_conn_angle.ptnr2_auth_atom_id 
_pdbx_struct_conn_angle.ptnr2_auth_asym_id 
_pdbx_struct_conn_angle.ptnr2_auth_comp_id 
_pdbx_struct_conn_angle.ptnr2_auth_seq_id 
_pdbx_struct_conn_angle.ptnr2_PDB_ins_code 
_pdbx_struct_conn_angle.ptnr2_symmetry 
_pdbx_struct_conn_angle.ptnr3_label_atom_id 
_pdbx_struct_conn_angle.ptnr3_label_alt_id 
_pdbx_struct_conn_angle.ptnr3_label_asym_id 
_pdbx_struct_conn_angle.ptnr3_label_comp_id 
_pdbx_struct_conn_angle.ptnr3_label_seq_id 
_pdbx_struct_conn_angle.ptnr3_auth_atom_id 
_pdbx_struct_conn_angle.ptnr3_auth_asym_id 
_pdbx_struct_conn_angle.ptnr3_auth_comp_id 
_pdbx_struct_conn_angle.ptnr3_auth_seq_id 
_pdbx_struct_conn_angle.ptnr3_PDB_ins_code 
_pdbx_struct_conn_angle.ptnr3_symmetry 
_pdbx_struct_conn_angle.value 
_pdbx_struct_conn_angle.value_esd 
1  OG  ? A SER 17 ? A SER 17   ? 1_555 MG ? B MG . ? A MG 168 ? 1_555 OG1 ? A THR 35 ? A THR 35   ? 1_555 79.8  ? 
2  OG  ? A SER 17 ? A SER 17   ? 1_555 MG ? B MG . ? A MG 168 ? 1_555 O2G ? C GTP .  ? A GTP 167  ? 1_555 172.2 ? 
3  OG1 ? A THR 35 ? A THR 35   ? 1_555 MG ? B MG . ? A MG 168 ? 1_555 O2G ? C GTP .  ? A GTP 167  ? 1_555 93.2  ? 
4  OG  ? A SER 17 ? A SER 17   ? 1_555 MG ? B MG . ? A MG 168 ? 1_555 O2B ? C GTP .  ? A GTP 167  ? 1_555 92.8  ? 
5  OG1 ? A THR 35 ? A THR 35   ? 1_555 MG ? B MG . ? A MG 168 ? 1_555 O2B ? C GTP .  ? A GTP 167  ? 1_555 171.6 ? 
6  O2G ? C GTP .  ? A GTP 167  ? 1_555 MG ? B MG . ? A MG 168 ? 1_555 O2B ? C GTP .  ? A GTP 167  ? 1_555 94.5  ? 
7  OG  ? A SER 17 ? A SER 17   ? 1_555 MG ? B MG . ? A MG 168 ? 1_555 O   ? D HOH .  ? A HOH 1003 ? 1_555 85.4  ? 
8  OG1 ? A THR 35 ? A THR 35   ? 1_555 MG ? B MG . ? A MG 168 ? 1_555 O   ? D HOH .  ? A HOH 1003 ? 1_555 86.3  ? 
9  O2G ? C GTP .  ? A GTP 167  ? 1_555 MG ? B MG . ? A MG 168 ? 1_555 O   ? D HOH .  ? A HOH 1003 ? 1_555 97.5  ? 
10 O2B ? C GTP .  ? A GTP 167  ? 1_555 MG ? B MG . ? A MG 168 ? 1_555 O   ? D HOH .  ? A HOH 1003 ? 1_555 89.2  ? 
11 OG  ? A SER 17 ? A SER 17   ? 1_555 MG ? B MG . ? A MG 168 ? 1_555 O   ? D HOH .  ? A HOH 1004 ? 1_555 85.0  ? 
12 OG1 ? A THR 35 ? A THR 35   ? 1_555 MG ? B MG . ? A MG 168 ? 1_555 O   ? D HOH .  ? A HOH 1004 ? 1_555 93.5  ? 
13 O2G ? C GTP .  ? A GTP 167  ? 1_555 MG ? B MG . ? A MG 168 ? 1_555 O   ? D HOH .  ? A HOH 1004 ? 1_555 92.2  ? 
14 O2B ? C GTP .  ? A GTP 167  ? 1_555 MG ? B MG . ? A MG 168 ? 1_555 O   ? D HOH .  ? A HOH 1004 ? 1_555 89.7  ? 
15 O   ? D HOH .  ? A HOH 1003 ? 1_555 MG ? B MG . ? A MG 168 ? 1_555 O   ? D HOH .  ? A HOH 1004 ? 1_555 170.3 ? 
# 
loop_
_pdbx_audit_revision_history.ordinal 
_pdbx_audit_revision_history.data_content_type 
_pdbx_audit_revision_history.major_revision 
_pdbx_audit_revision_history.minor_revision 
_pdbx_audit_revision_history.revision_date 
1 'Structure model' 1 0 1999-11-05 
2 'Structure model' 1 1 2008-04-27 
3 'Structure model' 1 2 2011-07-13 
4 'Structure model' 1 3 2017-10-04 
5 'Structure model' 1 4 2023-08-16 
# 
_pdbx_audit_revision_details.ordinal             1 
_pdbx_audit_revision_details.revision_ordinal    1 
_pdbx_audit_revision_details.data_content_type   'Structure model' 
_pdbx_audit_revision_details.provider            repository 
_pdbx_audit_revision_details.type                'Initial release' 
_pdbx_audit_revision_details.description         ? 
_pdbx_audit_revision_details.details             ? 
# 
loop_
_pdbx_audit_revision_group.ordinal 
_pdbx_audit_revision_group.revision_ordinal 
_pdbx_audit_revision_group.data_content_type 
_pdbx_audit_revision_group.group 
1 2 'Structure model' 'Version format compliance' 
2 3 'Structure model' 'Version format compliance' 
3 4 'Structure model' Advisory                    
4 4 'Structure model' 'Refinement description'    
5 5 'Structure model' Advisory                    
6 5 'Structure model' 'Data collection'           
7 5 'Structure model' 'Database references'       
8 5 'Structure model' 'Derived calculations'      
9 5 'Structure model' 'Refinement description'    
# 
loop_
_pdbx_audit_revision_category.ordinal 
_pdbx_audit_revision_category.revision_ordinal 
_pdbx_audit_revision_category.data_content_type 
_pdbx_audit_revision_category.category 
1  4 'Structure model' pdbx_unobs_or_zero_occ_atoms  
2  4 'Structure model' software                      
3  5 'Structure model' chem_comp_atom                
4  5 'Structure model' chem_comp_bond                
5  5 'Structure model' database_2                    
6  5 'Structure model' pdbx_initial_refinement_model 
7  5 'Structure model' pdbx_struct_conn_angle        
8  5 'Structure model' pdbx_unobs_or_zero_occ_atoms  
9  5 'Structure model' struct_conn                   
10 5 'Structure model' struct_site                   
# 
loop_
_pdbx_audit_revision_item.ordinal 
_pdbx_audit_revision_item.revision_ordinal 
_pdbx_audit_revision_item.data_content_type 
_pdbx_audit_revision_item.item 
1  4 'Structure model' '_software.classification'                    
2  5 'Structure model' '_database_2.pdbx_DOI'                        
3  5 'Structure model' '_database_2.pdbx_database_accession'         
4  5 'Structure model' '_pdbx_struct_conn_angle.ptnr1_auth_comp_id'  
5  5 'Structure model' '_pdbx_struct_conn_angle.ptnr1_auth_seq_id'   
6  5 'Structure model' '_pdbx_struct_conn_angle.ptnr1_label_asym_id' 
7  5 'Structure model' '_pdbx_struct_conn_angle.ptnr1_label_atom_id' 
8  5 'Structure model' '_pdbx_struct_conn_angle.ptnr1_label_comp_id' 
9  5 'Structure model' '_pdbx_struct_conn_angle.ptnr1_label_seq_id'  
10 5 'Structure model' '_pdbx_struct_conn_angle.ptnr3_auth_comp_id'  
11 5 'Structure model' '_pdbx_struct_conn_angle.ptnr3_auth_seq_id'   
12 5 'Structure model' '_pdbx_struct_conn_angle.ptnr3_label_asym_id' 
13 5 'Structure model' '_pdbx_struct_conn_angle.ptnr3_label_atom_id' 
14 5 'Structure model' '_pdbx_struct_conn_angle.ptnr3_label_comp_id' 
15 5 'Structure model' '_pdbx_struct_conn_angle.ptnr3_label_seq_id'  
16 5 'Structure model' '_pdbx_struct_conn_angle.value'               
17 5 'Structure model' '_struct_conn.pdbx_dist_value'                
18 5 'Structure model' '_struct_conn.ptnr1_auth_comp_id'             
19 5 'Structure model' '_struct_conn.ptnr1_auth_seq_id'              
20 5 'Structure model' '_struct_conn.ptnr1_label_asym_id'            
21 5 'Structure model' '_struct_conn.ptnr1_label_atom_id'            
22 5 'Structure model' '_struct_conn.ptnr1_label_comp_id'            
23 5 'Structure model' '_struct_conn.ptnr1_label_seq_id'             
24 5 'Structure model' '_struct_conn.ptnr2_auth_comp_id'             
25 5 'Structure model' '_struct_conn.ptnr2_auth_seq_id'              
26 5 'Structure model' '_struct_conn.ptnr2_label_asym_id'            
27 5 'Structure model' '_struct_conn.ptnr2_label_atom_id'            
28 5 'Structure model' '_struct_conn.ptnr2_label_comp_id'            
29 5 'Structure model' '_struct_conn.ptnr2_label_seq_id'             
30 5 'Structure model' '_struct_site.pdbx_auth_asym_id'              
31 5 'Structure model' '_struct_site.pdbx_auth_comp_id'              
32 5 'Structure model' '_struct_site.pdbx_auth_seq_id'               
# 
loop_
_software.name 
_software.classification 
_software.version 
_software.citation_id 
_software.pdbx_ordinal 
X-PLOR    'model building'  . ? 1 
SHELXL-97 refinement        . ? 2 
FRAMBO    'data collection' . ? 3 
XDS       'data scaling'    . ? 4 
XSCALE    'data scaling'    . ? 5 
X-PLOR    phasing           . ? 6 
# 
loop_
_pdbx_validate_rmsd_angle.id 
_pdbx_validate_rmsd_angle.PDB_model_num 
_pdbx_validate_rmsd_angle.auth_atom_id_1 
_pdbx_validate_rmsd_angle.auth_asym_id_1 
_pdbx_validate_rmsd_angle.auth_comp_id_1 
_pdbx_validate_rmsd_angle.auth_seq_id_1 
_pdbx_validate_rmsd_angle.PDB_ins_code_1 
_pdbx_validate_rmsd_angle.label_alt_id_1 
_pdbx_validate_rmsd_angle.auth_atom_id_2 
_pdbx_validate_rmsd_angle.auth_asym_id_2 
_pdbx_validate_rmsd_angle.auth_comp_id_2 
_pdbx_validate_rmsd_angle.auth_seq_id_2 
_pdbx_validate_rmsd_angle.PDB_ins_code_2 
_pdbx_validate_rmsd_angle.label_alt_id_2 
_pdbx_validate_rmsd_angle.auth_atom_id_3 
_pdbx_validate_rmsd_angle.auth_asym_id_3 
_pdbx_validate_rmsd_angle.auth_comp_id_3 
_pdbx_validate_rmsd_angle.auth_seq_id_3 
_pdbx_validate_rmsd_angle.PDB_ins_code_3 
_pdbx_validate_rmsd_angle.label_alt_id_3 
_pdbx_validate_rmsd_angle.angle_value 
_pdbx_validate_rmsd_angle.angle_target_value 
_pdbx_validate_rmsd_angle.angle_deviation 
_pdbx_validate_rmsd_angle.angle_standard_deviation 
_pdbx_validate_rmsd_angle.linker_flag 
1 1 CB A TYR 71  ? ? CG A TYR 71  ? ? CD2 A TYR 71  ? ? 117.16 121.00 -3.84 0.60 N 
2 1 CB A TYR 71  ? ? CG A TYR 71  ? ? CD1 A TYR 71  ? ? 126.84 121.00 5.84  0.60 N 
3 1 CD A ARG 73  ? ? NE A ARG 73  ? ? CZ  A ARG 73  ? ? 136.91 123.60 13.31 1.40 N 
4 1 NE A ARG 73  ? ? CZ A ARG 73  ? ? NH2 A ARG 73  ? ? 116.97 120.30 -3.33 0.50 N 
5 1 NE A ARG 97  ? ? CZ A ARG 97  ? ? NH1 A ARG 97  ? ? 115.71 120.30 -4.59 0.50 N 
6 1 NE A ARG 123 ? ? CZ A ARG 123 ? ? NH1 A ARG 123 ? ? 124.21 120.30 3.91  0.50 N 
7 1 NE A ARG 135 ? ? CZ A ARG 135 ? ? NH1 A ARG 135 ? ? 124.01 120.30 3.71  0.50 N 
8 1 NE A ARG 135 ? ? CZ A ARG 135 ? ? NH2 A ARG 135 ? ? 116.63 120.30 -3.67 0.50 N 
# 
loop_
_pdbx_validate_torsion.id 
_pdbx_validate_torsion.PDB_model_num 
_pdbx_validate_torsion.auth_comp_id 
_pdbx_validate_torsion.auth_asym_id 
_pdbx_validate_torsion.auth_seq_id 
_pdbx_validate_torsion.PDB_ins_code 
_pdbx_validate_torsion.label_alt_id 
_pdbx_validate_torsion.phi 
_pdbx_validate_torsion.psi 
1 1 ASP A 33  ? ? -153.38 76.71  
2 1 ILE A 36  ? ? -98.69  -64.71 
3 1 GLU A 37  ? ? -162.79 119.37 
4 1 LYS A 117 ? ? 70.58   32.35  
5 1 ARG A 149 ? ? 77.91   -0.29  
# 
loop_
_pdbx_unobs_or_zero_occ_atoms.id 
_pdbx_unobs_or_zero_occ_atoms.PDB_model_num 
_pdbx_unobs_or_zero_occ_atoms.polymer_flag 
_pdbx_unobs_or_zero_occ_atoms.occupancy_flag 
_pdbx_unobs_or_zero_occ_atoms.auth_asym_id 
_pdbx_unobs_or_zero_occ_atoms.auth_comp_id 
_pdbx_unobs_or_zero_occ_atoms.auth_seq_id 
_pdbx_unobs_or_zero_occ_atoms.PDB_ins_code 
_pdbx_unobs_or_zero_occ_atoms.auth_atom_id 
_pdbx_unobs_or_zero_occ_atoms.label_alt_id 
_pdbx_unobs_or_zero_occ_atoms.label_asym_id 
_pdbx_unobs_or_zero_occ_atoms.label_comp_id 
_pdbx_unobs_or_zero_occ_atoms.label_seq_id 
_pdbx_unobs_or_zero_occ_atoms.label_atom_id 
1 1 Y 0 A GLU 62 ? CB  ? A GLU 62 CB  
2 1 Y 0 A GLU 62 ? CG  ? A GLU 62 CG  
3 1 Y 0 A GLU 62 ? CD  ? A GLU 62 CD  
4 1 Y 0 A GLU 62 ? OE1 ? A GLU 62 OE1 
5 1 Y 0 A GLU 62 ? OE2 ? A GLU 62 OE2 
# 
loop_
_chem_comp_atom.comp_id 
_chem_comp_atom.atom_id 
_chem_comp_atom.type_symbol 
_chem_comp_atom.pdbx_aromatic_flag 
_chem_comp_atom.pdbx_stereo_config 
_chem_comp_atom.pdbx_ordinal 
ALA N      N  N N 1   
ALA CA     C  N S 2   
ALA C      C  N N 3   
ALA O      O  N N 4   
ALA CB     C  N N 5   
ALA OXT    O  N N 6   
ALA H      H  N N 7   
ALA H2     H  N N 8   
ALA HA     H  N N 9   
ALA HB1    H  N N 10  
ALA HB2    H  N N 11  
ALA HB3    H  N N 12  
ALA HXT    H  N N 13  
ARG N      N  N N 14  
ARG CA     C  N S 15  
ARG C      C  N N 16  
ARG O      O  N N 17  
ARG CB     C  N N 18  
ARG CG     C  N N 19  
ARG CD     C  N N 20  
ARG NE     N  N N 21  
ARG CZ     C  N N 22  
ARG NH1    N  N N 23  
ARG NH2    N  N N 24  
ARG OXT    O  N N 25  
ARG H      H  N N 26  
ARG H2     H  N N 27  
ARG HA     H  N N 28  
ARG HB2    H  N N 29  
ARG HB3    H  N N 30  
ARG HG2    H  N N 31  
ARG HG3    H  N N 32  
ARG HD2    H  N N 33  
ARG HD3    H  N N 34  
ARG HE     H  N N 35  
ARG HH11   H  N N 36  
ARG HH12   H  N N 37  
ARG HH21   H  N N 38  
ARG HH22   H  N N 39  
ARG HXT    H  N N 40  
ASN N      N  N N 41  
ASN CA     C  N S 42  
ASN C      C  N N 43  
ASN O      O  N N 44  
ASN CB     C  N N 45  
ASN CG     C  N N 46  
ASN OD1    O  N N 47  
ASN ND2    N  N N 48  
ASN OXT    O  N N 49  
ASN H      H  N N 50  
ASN H2     H  N N 51  
ASN HA     H  N N 52  
ASN HB2    H  N N 53  
ASN HB3    H  N N 54  
ASN HD21   H  N N 55  
ASN HD22   H  N N 56  
ASN HXT    H  N N 57  
ASP N      N  N N 58  
ASP CA     C  N S 59  
ASP C      C  N N 60  
ASP O      O  N N 61  
ASP CB     C  N N 62  
ASP CG     C  N N 63  
ASP OD1    O  N N 64  
ASP OD2    O  N N 65  
ASP OXT    O  N N 66  
ASP H      H  N N 67  
ASP H2     H  N N 68  
ASP HA     H  N N 69  
ASP HB2    H  N N 70  
ASP HB3    H  N N 71  
ASP HD2    H  N N 72  
ASP HXT    H  N N 73  
CYS N      N  N N 74  
CYS CA     C  N R 75  
CYS C      C  N N 76  
CYS O      O  N N 77  
CYS CB     C  N N 78  
CYS SG     S  N N 79  
CYS OXT    O  N N 80  
CYS H      H  N N 81  
CYS H2     H  N N 82  
CYS HA     H  N N 83  
CYS HB2    H  N N 84  
CYS HB3    H  N N 85  
CYS HG     H  N N 86  
CYS HXT    H  N N 87  
GLN N      N  N N 88  
GLN CA     C  N S 89  
GLN C      C  N N 90  
GLN O      O  N N 91  
GLN CB     C  N N 92  
GLN CG     C  N N 93  
GLN CD     C  N N 94  
GLN OE1    O  N N 95  
GLN NE2    N  N N 96  
GLN OXT    O  N N 97  
GLN H      H  N N 98  
GLN H2     H  N N 99  
GLN HA     H  N N 100 
GLN HB2    H  N N 101 
GLN HB3    H  N N 102 
GLN HG2    H  N N 103 
GLN HG3    H  N N 104 
GLN HE21   H  N N 105 
GLN HE22   H  N N 106 
GLN HXT    H  N N 107 
GLU N      N  N N 108 
GLU CA     C  N S 109 
GLU C      C  N N 110 
GLU O      O  N N 111 
GLU CB     C  N N 112 
GLU CG     C  N N 113 
GLU CD     C  N N 114 
GLU OE1    O  N N 115 
GLU OE2    O  N N 116 
GLU OXT    O  N N 117 
GLU H      H  N N 118 
GLU H2     H  N N 119 
GLU HA     H  N N 120 
GLU HB2    H  N N 121 
GLU HB3    H  N N 122 
GLU HG2    H  N N 123 
GLU HG3    H  N N 124 
GLU HE2    H  N N 125 
GLU HXT    H  N N 126 
GLY N      N  N N 127 
GLY CA     C  N N 128 
GLY C      C  N N 129 
GLY O      O  N N 130 
GLY OXT    O  N N 131 
GLY H      H  N N 132 
GLY H2     H  N N 133 
GLY HA2    H  N N 134 
GLY HA3    H  N N 135 
GLY HXT    H  N N 136 
GTP PG     P  N N 137 
GTP O1G    O  N N 138 
GTP O2G    O  N N 139 
GTP O3G    O  N N 140 
GTP O3B    O  N N 141 
GTP PB     P  N N 142 
GTP O1B    O  N N 143 
GTP O2B    O  N N 144 
GTP O3A    O  N N 145 
GTP PA     P  N N 146 
GTP O1A    O  N N 147 
GTP O2A    O  N N 148 
GTP "O5'"  O  N N 149 
GTP "C5'"  C  N N 150 
GTP "C4'"  C  N R 151 
GTP "O4'"  O  N N 152 
GTP "C3'"  C  N S 153 
GTP "O3'"  O  N N 154 
GTP "C2'"  C  N R 155 
GTP "O2'"  O  N N 156 
GTP "C1'"  C  N R 157 
GTP N9     N  Y N 158 
GTP C8     C  Y N 159 
GTP N7     N  Y N 160 
GTP C5     C  Y N 161 
GTP C6     C  N N 162 
GTP O6     O  N N 163 
GTP N1     N  N N 164 
GTP C2     C  N N 165 
GTP N2     N  N N 166 
GTP N3     N  N N 167 
GTP C4     C  Y N 168 
GTP HOG2   H  N N 169 
GTP HOG3   H  N N 170 
GTP HOB2   H  N N 171 
GTP HOA2   H  N N 172 
GTP "H5'"  H  N N 173 
GTP "H5''" H  N N 174 
GTP "H4'"  H  N N 175 
GTP "H3'"  H  N N 176 
GTP "HO3'" H  N N 177 
GTP "H2'"  H  N N 178 
GTP "HO2'" H  N N 179 
GTP "H1'"  H  N N 180 
GTP H8     H  N N 181 
GTP HN1    H  N N 182 
GTP HN21   H  N N 183 
GTP HN22   H  N N 184 
HIS N      N  N N 185 
HIS CA     C  N S 186 
HIS C      C  N N 187 
HIS O      O  N N 188 
HIS CB     C  N N 189 
HIS CG     C  Y N 190 
HIS ND1    N  Y N 191 
HIS CD2    C  Y N 192 
HIS CE1    C  Y N 193 
HIS NE2    N  Y N 194 
HIS OXT    O  N N 195 
HIS H      H  N N 196 
HIS H2     H  N N 197 
HIS HA     H  N N 198 
HIS HB2    H  N N 199 
HIS HB3    H  N N 200 
HIS HD1    H  N N 201 
HIS HD2    H  N N 202 
HIS HE1    H  N N 203 
HIS HE2    H  N N 204 
HIS HXT    H  N N 205 
HOH O      O  N N 206 
HOH H1     H  N N 207 
HOH H2     H  N N 208 
ILE N      N  N N 209 
ILE CA     C  N S 210 
ILE C      C  N N 211 
ILE O      O  N N 212 
ILE CB     C  N S 213 
ILE CG1    C  N N 214 
ILE CG2    C  N N 215 
ILE CD1    C  N N 216 
ILE OXT    O  N N 217 
ILE H      H  N N 218 
ILE H2     H  N N 219 
ILE HA     H  N N 220 
ILE HB     H  N N 221 
ILE HG12   H  N N 222 
ILE HG13   H  N N 223 
ILE HG21   H  N N 224 
ILE HG22   H  N N 225 
ILE HG23   H  N N 226 
ILE HD11   H  N N 227 
ILE HD12   H  N N 228 
ILE HD13   H  N N 229 
ILE HXT    H  N N 230 
LEU N      N  N N 231 
LEU CA     C  N S 232 
LEU C      C  N N 233 
LEU O      O  N N 234 
LEU CB     C  N N 235 
LEU CG     C  N N 236 
LEU CD1    C  N N 237 
LEU CD2    C  N N 238 
LEU OXT    O  N N 239 
LEU H      H  N N 240 
LEU H2     H  N N 241 
LEU HA     H  N N 242 
LEU HB2    H  N N 243 
LEU HB3    H  N N 244 
LEU HG     H  N N 245 
LEU HD11   H  N N 246 
LEU HD12   H  N N 247 
LEU HD13   H  N N 248 
LEU HD21   H  N N 249 
LEU HD22   H  N N 250 
LEU HD23   H  N N 251 
LEU HXT    H  N N 252 
LYS N      N  N N 253 
LYS CA     C  N S 254 
LYS C      C  N N 255 
LYS O      O  N N 256 
LYS CB     C  N N 257 
LYS CG     C  N N 258 
LYS CD     C  N N 259 
LYS CE     C  N N 260 
LYS NZ     N  N N 261 
LYS OXT    O  N N 262 
LYS H      H  N N 263 
LYS H2     H  N N 264 
LYS HA     H  N N 265 
LYS HB2    H  N N 266 
LYS HB3    H  N N 267 
LYS HG2    H  N N 268 
LYS HG3    H  N N 269 
LYS HD2    H  N N 270 
LYS HD3    H  N N 271 
LYS HE2    H  N N 272 
LYS HE3    H  N N 273 
LYS HZ1    H  N N 274 
LYS HZ2    H  N N 275 
LYS HZ3    H  N N 276 
LYS HXT    H  N N 277 
MET N      N  N N 278 
MET CA     C  N S 279 
MET C      C  N N 280 
MET O      O  N N 281 
MET CB     C  N N 282 
MET CG     C  N N 283 
MET SD     S  N N 284 
MET CE     C  N N 285 
MET OXT    O  N N 286 
MET H      H  N N 287 
MET H2     H  N N 288 
MET HA     H  N N 289 
MET HB2    H  N N 290 
MET HB3    H  N N 291 
MET HG2    H  N N 292 
MET HG3    H  N N 293 
MET HE1    H  N N 294 
MET HE2    H  N N 295 
MET HE3    H  N N 296 
MET HXT    H  N N 297 
MG  MG     MG N N 298 
PHE N      N  N N 299 
PHE CA     C  N S 300 
PHE C      C  N N 301 
PHE O      O  N N 302 
PHE CB     C  N N 303 
PHE CG     C  Y N 304 
PHE CD1    C  Y N 305 
PHE CD2    C  Y N 306 
PHE CE1    C  Y N 307 
PHE CE2    C  Y N 308 
PHE CZ     C  Y N 309 
PHE OXT    O  N N 310 
PHE H      H  N N 311 
PHE H2     H  N N 312 
PHE HA     H  N N 313 
PHE HB2    H  N N 314 
PHE HB3    H  N N 315 
PHE HD1    H  N N 316 
PHE HD2    H  N N 317 
PHE HE1    H  N N 318 
PHE HE2    H  N N 319 
PHE HZ     H  N N 320 
PHE HXT    H  N N 321 
PRO N      N  N N 322 
PRO CA     C  N S 323 
PRO C      C  N N 324 
PRO O      O  N N 325 
PRO CB     C  N N 326 
PRO CG     C  N N 327 
PRO CD     C  N N 328 
PRO OXT    O  N N 329 
PRO H      H  N N 330 
PRO HA     H  N N 331 
PRO HB2    H  N N 332 
PRO HB3    H  N N 333 
PRO HG2    H  N N 334 
PRO HG3    H  N N 335 
PRO HD2    H  N N 336 
PRO HD3    H  N N 337 
PRO HXT    H  N N 338 
SER N      N  N N 339 
SER CA     C  N S 340 
SER C      C  N N 341 
SER O      O  N N 342 
SER CB     C  N N 343 
SER OG     O  N N 344 
SER OXT    O  N N 345 
SER H      H  N N 346 
SER H2     H  N N 347 
SER HA     H  N N 348 
SER HB2    H  N N 349 
SER HB3    H  N N 350 
SER HG     H  N N 351 
SER HXT    H  N N 352 
THR N      N  N N 353 
THR CA     C  N S 354 
THR C      C  N N 355 
THR O      O  N N 356 
THR CB     C  N R 357 
THR OG1    O  N N 358 
THR CG2    C  N N 359 
THR OXT    O  N N 360 
THR H      H  N N 361 
THR H2     H  N N 362 
THR HA     H  N N 363 
THR HB     H  N N 364 
THR HG1    H  N N 365 
THR HG21   H  N N 366 
THR HG22   H  N N 367 
THR HG23   H  N N 368 
THR HXT    H  N N 369 
TYR N      N  N N 370 
TYR CA     C  N S 371 
TYR C      C  N N 372 
TYR O      O  N N 373 
TYR CB     C  N N 374 
TYR CG     C  Y N 375 
TYR CD1    C  Y N 376 
TYR CD2    C  Y N 377 
TYR CE1    C  Y N 378 
TYR CE2    C  Y N 379 
TYR CZ     C  Y N 380 
TYR OH     O  N N 381 
TYR OXT    O  N N 382 
TYR H      H  N N 383 
TYR H2     H  N N 384 
TYR HA     H  N N 385 
TYR HB2    H  N N 386 
TYR HB3    H  N N 387 
TYR HD1    H  N N 388 
TYR HD2    H  N N 389 
TYR HE1    H  N N 390 
TYR HE2    H  N N 391 
TYR HH     H  N N 392 
TYR HXT    H  N N 393 
VAL N      N  N N 394 
VAL CA     C  N S 395 
VAL C      C  N N 396 
VAL O      O  N N 397 
VAL CB     C  N N 398 
VAL CG1    C  N N 399 
VAL CG2    C  N N 400 
VAL OXT    O  N N 401 
VAL H      H  N N 402 
VAL H2     H  N N 403 
VAL HA     H  N N 404 
VAL HB     H  N N 405 
VAL HG11   H  N N 406 
VAL HG12   H  N N 407 
VAL HG13   H  N N 408 
VAL HG21   H  N N 409 
VAL HG22   H  N N 410 
VAL HG23   H  N N 411 
VAL HXT    H  N N 412 
# 
loop_
_chem_comp_bond.comp_id 
_chem_comp_bond.atom_id_1 
_chem_comp_bond.atom_id_2 
_chem_comp_bond.value_order 
_chem_comp_bond.pdbx_aromatic_flag 
_chem_comp_bond.pdbx_stereo_config 
_chem_comp_bond.pdbx_ordinal 
ALA N     CA     sing N N 1   
ALA N     H      sing N N 2   
ALA N     H2     sing N N 3   
ALA CA    C      sing N N 4   
ALA CA    CB     sing N N 5   
ALA CA    HA     sing N N 6   
ALA C     O      doub N N 7   
ALA C     OXT    sing N N 8   
ALA CB    HB1    sing N N 9   
ALA CB    HB2    sing N N 10  
ALA CB    HB3    sing N N 11  
ALA OXT   HXT    sing N N 12  
ARG N     CA     sing N N 13  
ARG N     H      sing N N 14  
ARG N     H2     sing N N 15  
ARG CA    C      sing N N 16  
ARG CA    CB     sing N N 17  
ARG CA    HA     sing N N 18  
ARG C     O      doub N N 19  
ARG C     OXT    sing N N 20  
ARG CB    CG     sing N N 21  
ARG CB    HB2    sing N N 22  
ARG CB    HB3    sing N N 23  
ARG CG    CD     sing N N 24  
ARG CG    HG2    sing N N 25  
ARG CG    HG3    sing N N 26  
ARG CD    NE     sing N N 27  
ARG CD    HD2    sing N N 28  
ARG CD    HD3    sing N N 29  
ARG NE    CZ     sing N N 30  
ARG NE    HE     sing N N 31  
ARG CZ    NH1    sing N N 32  
ARG CZ    NH2    doub N N 33  
ARG NH1   HH11   sing N N 34  
ARG NH1   HH12   sing N N 35  
ARG NH2   HH21   sing N N 36  
ARG NH2   HH22   sing N N 37  
ARG OXT   HXT    sing N N 38  
ASN N     CA     sing N N 39  
ASN N     H      sing N N 40  
ASN N     H2     sing N N 41  
ASN CA    C      sing N N 42  
ASN CA    CB     sing N N 43  
ASN CA    HA     sing N N 44  
ASN C     O      doub N N 45  
ASN C     OXT    sing N N 46  
ASN CB    CG     sing N N 47  
ASN CB    HB2    sing N N 48  
ASN CB    HB3    sing N N 49  
ASN CG    OD1    doub N N 50  
ASN CG    ND2    sing N N 51  
ASN ND2   HD21   sing N N 52  
ASN ND2   HD22   sing N N 53  
ASN OXT   HXT    sing N N 54  
ASP N     CA     sing N N 55  
ASP N     H      sing N N 56  
ASP N     H2     sing N N 57  
ASP CA    C      sing N N 58  
ASP CA    CB     sing N N 59  
ASP CA    HA     sing N N 60  
ASP C     O      doub N N 61  
ASP C     OXT    sing N N 62  
ASP CB    CG     sing N N 63  
ASP CB    HB2    sing N N 64  
ASP CB    HB3    sing N N 65  
ASP CG    OD1    doub N N 66  
ASP CG    OD2    sing N N 67  
ASP OD2   HD2    sing N N 68  
ASP OXT   HXT    sing N N 69  
CYS N     CA     sing N N 70  
CYS N     H      sing N N 71  
CYS N     H2     sing N N 72  
CYS CA    C      sing N N 73  
CYS CA    CB     sing N N 74  
CYS CA    HA     sing N N 75  
CYS C     O      doub N N 76  
CYS C     OXT    sing N N 77  
CYS CB    SG     sing N N 78  
CYS CB    HB2    sing N N 79  
CYS CB    HB3    sing N N 80  
CYS SG    HG     sing N N 81  
CYS OXT   HXT    sing N N 82  
GLN N     CA     sing N N 83  
GLN N     H      sing N N 84  
GLN N     H2     sing N N 85  
GLN CA    C      sing N N 86  
GLN CA    CB     sing N N 87  
GLN CA    HA     sing N N 88  
GLN C     O      doub N N 89  
GLN C     OXT    sing N N 90  
GLN CB    CG     sing N N 91  
GLN CB    HB2    sing N N 92  
GLN CB    HB3    sing N N 93  
GLN CG    CD     sing N N 94  
GLN CG    HG2    sing N N 95  
GLN CG    HG3    sing N N 96  
GLN CD    OE1    doub N N 97  
GLN CD    NE2    sing N N 98  
GLN NE2   HE21   sing N N 99  
GLN NE2   HE22   sing N N 100 
GLN OXT   HXT    sing N N 101 
GLU N     CA     sing N N 102 
GLU N     H      sing N N 103 
GLU N     H2     sing N N 104 
GLU CA    C      sing N N 105 
GLU CA    CB     sing N N 106 
GLU CA    HA     sing N N 107 
GLU C     O      doub N N 108 
GLU C     OXT    sing N N 109 
GLU CB    CG     sing N N 110 
GLU CB    HB2    sing N N 111 
GLU CB    HB3    sing N N 112 
GLU CG    CD     sing N N 113 
GLU CG    HG2    sing N N 114 
GLU CG    HG3    sing N N 115 
GLU CD    OE1    doub N N 116 
GLU CD    OE2    sing N N 117 
GLU OE2   HE2    sing N N 118 
GLU OXT   HXT    sing N N 119 
GLY N     CA     sing N N 120 
GLY N     H      sing N N 121 
GLY N     H2     sing N N 122 
GLY CA    C      sing N N 123 
GLY CA    HA2    sing N N 124 
GLY CA    HA3    sing N N 125 
GLY C     O      doub N N 126 
GLY C     OXT    sing N N 127 
GLY OXT   HXT    sing N N 128 
GTP PG    O1G    doub N N 129 
GTP PG    O2G    sing N N 130 
GTP PG    O3G    sing N N 131 
GTP PG    O3B    sing N N 132 
GTP O2G   HOG2   sing N N 133 
GTP O3G   HOG3   sing N N 134 
GTP O3B   PB     sing N N 135 
GTP PB    O1B    doub N N 136 
GTP PB    O2B    sing N N 137 
GTP PB    O3A    sing N N 138 
GTP O2B   HOB2   sing N N 139 
GTP O3A   PA     sing N N 140 
GTP PA    O1A    doub N N 141 
GTP PA    O2A    sing N N 142 
GTP PA    "O5'"  sing N N 143 
GTP O2A   HOA2   sing N N 144 
GTP "O5'" "C5'"  sing N N 145 
GTP "C5'" "C4'"  sing N N 146 
GTP "C5'" "H5'"  sing N N 147 
GTP "C5'" "H5''" sing N N 148 
GTP "C4'" "O4'"  sing N N 149 
GTP "C4'" "C3'"  sing N N 150 
GTP "C4'" "H4'"  sing N N 151 
GTP "O4'" "C1'"  sing N N 152 
GTP "C3'" "O3'"  sing N N 153 
GTP "C3'" "C2'"  sing N N 154 
GTP "C3'" "H3'"  sing N N 155 
GTP "O3'" "HO3'" sing N N 156 
GTP "C2'" "O2'"  sing N N 157 
GTP "C2'" "C1'"  sing N N 158 
GTP "C2'" "H2'"  sing N N 159 
GTP "O2'" "HO2'" sing N N 160 
GTP "C1'" N9     sing N N 161 
GTP "C1'" "H1'"  sing N N 162 
GTP N9    C8     sing Y N 163 
GTP N9    C4     sing Y N 164 
GTP C8    N7     doub Y N 165 
GTP C8    H8     sing N N 166 
GTP N7    C5     sing Y N 167 
GTP C5    C6     sing N N 168 
GTP C5    C4     doub Y N 169 
GTP C6    O6     doub N N 170 
GTP C6    N1     sing N N 171 
GTP N1    C2     sing N N 172 
GTP N1    HN1    sing N N 173 
GTP C2    N2     sing N N 174 
GTP C2    N3     doub N N 175 
GTP N2    HN21   sing N N 176 
GTP N2    HN22   sing N N 177 
GTP N3    C4     sing N N 178 
HIS N     CA     sing N N 179 
HIS N     H      sing N N 180 
HIS N     H2     sing N N 181 
HIS CA    C      sing N N 182 
HIS CA    CB     sing N N 183 
HIS CA    HA     sing N N 184 
HIS C     O      doub N N 185 
HIS C     OXT    sing N N 186 
HIS CB    CG     sing N N 187 
HIS CB    HB2    sing N N 188 
HIS CB    HB3    sing N N 189 
HIS CG    ND1    sing Y N 190 
HIS CG    CD2    doub Y N 191 
HIS ND1   CE1    doub Y N 192 
HIS ND1   HD1    sing N N 193 
HIS CD2   NE2    sing Y N 194 
HIS CD2   HD2    sing N N 195 
HIS CE1   NE2    sing Y N 196 
HIS CE1   HE1    sing N N 197 
HIS NE2   HE2    sing N N 198 
HIS OXT   HXT    sing N N 199 
HOH O     H1     sing N N 200 
HOH O     H2     sing N N 201 
ILE N     CA     sing N N 202 
ILE N     H      sing N N 203 
ILE N     H2     sing N N 204 
ILE CA    C      sing N N 205 
ILE CA    CB     sing N N 206 
ILE CA    HA     sing N N 207 
ILE C     O      doub N N 208 
ILE C     OXT    sing N N 209 
ILE CB    CG1    sing N N 210 
ILE CB    CG2    sing N N 211 
ILE CB    HB     sing N N 212 
ILE CG1   CD1    sing N N 213 
ILE CG1   HG12   sing N N 214 
ILE CG1   HG13   sing N N 215 
ILE CG2   HG21   sing N N 216 
ILE CG2   HG22   sing N N 217 
ILE CG2   HG23   sing N N 218 
ILE CD1   HD11   sing N N 219 
ILE CD1   HD12   sing N N 220 
ILE CD1   HD13   sing N N 221 
ILE OXT   HXT    sing N N 222 
LEU N     CA     sing N N 223 
LEU N     H      sing N N 224 
LEU N     H2     sing N N 225 
LEU CA    C      sing N N 226 
LEU CA    CB     sing N N 227 
LEU CA    HA     sing N N 228 
LEU C     O      doub N N 229 
LEU C     OXT    sing N N 230 
LEU CB    CG     sing N N 231 
LEU CB    HB2    sing N N 232 
LEU CB    HB3    sing N N 233 
LEU CG    CD1    sing N N 234 
LEU CG    CD2    sing N N 235 
LEU CG    HG     sing N N 236 
LEU CD1   HD11   sing N N 237 
LEU CD1   HD12   sing N N 238 
LEU CD1   HD13   sing N N 239 
LEU CD2   HD21   sing N N 240 
LEU CD2   HD22   sing N N 241 
LEU CD2   HD23   sing N N 242 
LEU OXT   HXT    sing N N 243 
LYS N     CA     sing N N 244 
LYS N     H      sing N N 245 
LYS N     H2     sing N N 246 
LYS CA    C      sing N N 247 
LYS CA    CB     sing N N 248 
LYS CA    HA     sing N N 249 
LYS C     O      doub N N 250 
LYS C     OXT    sing N N 251 
LYS CB    CG     sing N N 252 
LYS CB    HB2    sing N N 253 
LYS CB    HB3    sing N N 254 
LYS CG    CD     sing N N 255 
LYS CG    HG2    sing N N 256 
LYS CG    HG3    sing N N 257 
LYS CD    CE     sing N N 258 
LYS CD    HD2    sing N N 259 
LYS CD    HD3    sing N N 260 
LYS CE    NZ     sing N N 261 
LYS CE    HE2    sing N N 262 
LYS CE    HE3    sing N N 263 
LYS NZ    HZ1    sing N N 264 
LYS NZ    HZ2    sing N N 265 
LYS NZ    HZ3    sing N N 266 
LYS OXT   HXT    sing N N 267 
MET N     CA     sing N N 268 
MET N     H      sing N N 269 
MET N     H2     sing N N 270 
MET CA    C      sing N N 271 
MET CA    CB     sing N N 272 
MET CA    HA     sing N N 273 
MET C     O      doub N N 274 
MET C     OXT    sing N N 275 
MET CB    CG     sing N N 276 
MET CB    HB2    sing N N 277 
MET CB    HB3    sing N N 278 
MET CG    SD     sing N N 279 
MET CG    HG2    sing N N 280 
MET CG    HG3    sing N N 281 
MET SD    CE     sing N N 282 
MET CE    HE1    sing N N 283 
MET CE    HE2    sing N N 284 
MET CE    HE3    sing N N 285 
MET OXT   HXT    sing N N 286 
PHE N     CA     sing N N 287 
PHE N     H      sing N N 288 
PHE N     H2     sing N N 289 
PHE CA    C      sing N N 290 
PHE CA    CB     sing N N 291 
PHE CA    HA     sing N N 292 
PHE C     O      doub N N 293 
PHE C     OXT    sing N N 294 
PHE CB    CG     sing N N 295 
PHE CB    HB2    sing N N 296 
PHE CB    HB3    sing N N 297 
PHE CG    CD1    doub Y N 298 
PHE CG    CD2    sing Y N 299 
PHE CD1   CE1    sing Y N 300 
PHE CD1   HD1    sing N N 301 
PHE CD2   CE2    doub Y N 302 
PHE CD2   HD2    sing N N 303 
PHE CE1   CZ     doub Y N 304 
PHE CE1   HE1    sing N N 305 
PHE CE2   CZ     sing Y N 306 
PHE CE2   HE2    sing N N 307 
PHE CZ    HZ     sing N N 308 
PHE OXT   HXT    sing N N 309 
PRO N     CA     sing N N 310 
PRO N     CD     sing N N 311 
PRO N     H      sing N N 312 
PRO CA    C      sing N N 313 
PRO CA    CB     sing N N 314 
PRO CA    HA     sing N N 315 
PRO C     O      doub N N 316 
PRO C     OXT    sing N N 317 
PRO CB    CG     sing N N 318 
PRO CB    HB2    sing N N 319 
PRO CB    HB3    sing N N 320 
PRO CG    CD     sing N N 321 
PRO CG    HG2    sing N N 322 
PRO CG    HG3    sing N N 323 
PRO CD    HD2    sing N N 324 
PRO CD    HD3    sing N N 325 
PRO OXT   HXT    sing N N 326 
SER N     CA     sing N N 327 
SER N     H      sing N N 328 
SER N     H2     sing N N 329 
SER CA    C      sing N N 330 
SER CA    CB     sing N N 331 
SER CA    HA     sing N N 332 
SER C     O      doub N N 333 
SER C     OXT    sing N N 334 
SER CB    OG     sing N N 335 
SER CB    HB2    sing N N 336 
SER CB    HB3    sing N N 337 
SER OG    HG     sing N N 338 
SER OXT   HXT    sing N N 339 
THR N     CA     sing N N 340 
THR N     H      sing N N 341 
THR N     H2     sing N N 342 
THR CA    C      sing N N 343 
THR CA    CB     sing N N 344 
THR CA    HA     sing N N 345 
THR C     O      doub N N 346 
THR C     OXT    sing N N 347 
THR CB    OG1    sing N N 348 
THR CB    CG2    sing N N 349 
THR CB    HB     sing N N 350 
THR OG1   HG1    sing N N 351 
THR CG2   HG21   sing N N 352 
THR CG2   HG22   sing N N 353 
THR CG2   HG23   sing N N 354 
THR OXT   HXT    sing N N 355 
TYR N     CA     sing N N 356 
TYR N     H      sing N N 357 
TYR N     H2     sing N N 358 
TYR CA    C      sing N N 359 
TYR CA    CB     sing N N 360 
TYR CA    HA     sing N N 361 
TYR C     O      doub N N 362 
TYR C     OXT    sing N N 363 
TYR CB    CG     sing N N 364 
TYR CB    HB2    sing N N 365 
TYR CB    HB3    sing N N 366 
TYR CG    CD1    doub Y N 367 
TYR CG    CD2    sing Y N 368 
TYR CD1   CE1    sing Y N 369 
TYR CD1   HD1    sing N N 370 
TYR CD2   CE2    doub Y N 371 
TYR CD2   HD2    sing N N 372 
TYR CE1   CZ     doub Y N 373 
TYR CE1   HE1    sing N N 374 
TYR CE2   CZ     sing Y N 375 
TYR CE2   HE2    sing N N 376 
TYR CZ    OH     sing N N 377 
TYR OH    HH     sing N N 378 
TYR OXT   HXT    sing N N 379 
VAL N     CA     sing N N 380 
VAL N     H      sing N N 381 
VAL N     H2     sing N N 382 
VAL CA    C      sing N N 383 
VAL CA    CB     sing N N 384 
VAL CA    HA     sing N N 385 
VAL C     O      doub N N 386 
VAL C     OXT    sing N N 387 
VAL CB    CG1    sing N N 388 
VAL CB    CG2    sing N N 389 
VAL CB    HB     sing N N 390 
VAL CG1   HG11   sing N N 391 
VAL CG1   HG12   sing N N 392 
VAL CG1   HG13   sing N N 393 
VAL CG2   HG21   sing N N 394 
VAL CG2   HG22   sing N N 395 
VAL CG2   HG23   sing N N 396 
VAL OXT   HXT    sing N N 397 
# 
loop_
_pdbx_entity_nonpoly.entity_id 
_pdbx_entity_nonpoly.name 
_pdbx_entity_nonpoly.comp_id 
2 'MAGNESIUM ION'             MG  
3 "GUANOSINE-5'-TRIPHOSPHATE" GTP 
4 water                       HOH 
# 
_pdbx_initial_refinement_model.id               1 
_pdbx_initial_refinement_model.entity_id_list   ? 
_pdbx_initial_refinement_model.type             'experimental model' 
_pdbx_initial_refinement_model.source_name      PDB 
_pdbx_initial_refinement_model.accession_code   5P21 
_pdbx_initial_refinement_model.details          ? 
# 
